data_8WVR
#
_entry.id   8WVR
#
_cell.length_a   88.820
_cell.length_b   95.180
_cell.length_c   183.250
_cell.angle_alpha   90.000
_cell.angle_beta   90.000
_cell.angle_gamma   90.000
#
_symmetry.space_group_name_H-M   'P 21 21 21'
#
loop_
_entity.id
_entity.type
_entity.pdbx_description
1 polymer 'Putative VlmB homolog'
2 non-polymer IMIDAZOLE
3 non-polymer 'FE (III) ION'
4 non-polymer '(2~{S})-2-(2-hexylhydrazinyl)-3-oxidanyl-propanoic acid'
5 water water
#
_entity_poly.entity_id   1
_entity_poly.type   'polypeptide(L)'
_entity_poly.pdbx_seq_one_letter_code
;MSAPIPAETGWDSAPGLLEGAMTLDLTPEQCDLGYWLRGVAQGTLAGRAETGHTDAEPTPEHMRADGPLRDAQVLELSCR
SVAEAQATRVLAHYVAQAPDIVELEFFTTQLVDEARHSMVFRRHLLAMGVPADRLHASIAEVSAEYRREVLEPILDFALT
TVRDEGDFVGGVAVFTIIIEGVLAPAAELSERKWNLLDPAAGAIARGAAIDEVRHLTVGSSVVRRHLLRRPERKAALLDI
VRRGREIWDGIPDRKHVLRREELFQAGMREHADLLAGYEVWPGQPLLSTTPEQRYAMAEQWTDRMAAARLVHMGLPEAID
LLRLTDHHHHHH
;
_entity_poly.pdbx_strand_id   A,B,C,D
#
# COMPACT_ATOMS: atom_id res chain seq x y z
N PRO A 4 -9.70 -13.33 1.51
CA PRO A 4 -8.95 -14.58 1.69
C PRO A 4 -7.48 -14.47 1.28
N ILE A 5 -6.64 -14.00 2.19
CA ILE A 5 -5.19 -14.00 1.97
C ILE A 5 -4.67 -15.43 2.16
N PRO A 6 -3.83 -15.95 1.25
CA PRO A 6 -3.40 -17.34 1.38
C PRO A 6 -2.62 -17.59 2.67
N ALA A 7 -2.77 -18.80 3.20
CA ALA A 7 -2.19 -19.15 4.49
C ALA A 7 -0.67 -18.99 4.50
N GLU A 8 -0.01 -19.33 3.41
CA GLU A 8 1.45 -19.26 3.41
C GLU A 8 1.99 -17.83 3.27
N THR A 9 1.15 -16.83 3.01
CA THR A 9 1.64 -15.45 3.01
C THR A 9 1.19 -14.65 4.23
N GLY A 10 0.29 -15.18 5.05
CA GLY A 10 -0.25 -14.40 6.16
C GLY A 10 0.80 -14.10 7.21
N TRP A 11 0.75 -12.89 7.76
CA TRP A 11 1.75 -12.48 8.74
C TRP A 11 1.80 -13.43 9.92
N ASP A 12 0.66 -13.97 10.34
CA ASP A 12 0.65 -14.89 11.46
C ASP A 12 0.57 -16.34 11.02
N SER A 13 -0.14 -16.60 9.92
CA SER A 13 -0.38 -17.97 9.47
C SER A 13 0.80 -18.57 8.71
N ALA A 14 1.74 -17.76 8.22
CA ALA A 14 2.80 -18.29 7.36
C ALA A 14 3.74 -19.19 8.15
N PRO A 15 4.22 -20.28 7.55
CA PRO A 15 5.22 -21.11 8.23
C PRO A 15 6.52 -20.34 8.42
N GLY A 16 7.43 -20.92 9.21
CA GLY A 16 8.79 -20.44 9.27
C GLY A 16 9.53 -20.73 7.99
N LEU A 17 10.76 -20.22 7.90
CA LEU A 17 11.53 -20.27 6.67
C LEU A 17 11.86 -21.71 6.30
N LEU A 18 12.67 -22.39 7.12
CA LEU A 18 12.98 -23.79 6.85
C LEU A 18 11.71 -24.61 6.78
N GLU A 19 10.78 -24.38 7.72
CA GLU A 19 9.55 -25.15 7.76
C GLU A 19 8.80 -25.05 6.43
N GLY A 20 8.58 -23.81 5.95
CA GLY A 20 7.87 -23.65 4.69
C GLY A 20 8.65 -24.20 3.52
N ALA A 21 9.95 -23.91 3.45
CA ALA A 21 10.74 -24.33 2.29
C ALA A 21 10.85 -25.84 2.19
N MET A 22 10.77 -26.55 3.32
CA MET A 22 10.91 -28.00 3.31
C MET A 22 9.59 -28.74 3.18
N THR A 23 8.46 -28.04 3.31
CA THR A 23 7.16 -28.69 3.32
C THR A 23 6.22 -28.22 2.22
N LEU A 24 6.30 -26.96 1.79
CA LEU A 24 5.32 -26.47 0.83
C LEU A 24 5.74 -26.75 -0.59
N ASP A 25 4.74 -26.90 -1.46
CA ASP A 25 4.93 -27.02 -2.90
C ASP A 25 4.24 -25.83 -3.54
N LEU A 26 5.02 -24.82 -3.95
CA LEU A 26 4.50 -23.66 -4.65
C LEU A 26 5.12 -23.63 -6.03
N THR A 27 4.32 -23.30 -7.03
CA THR A 27 4.78 -23.21 -8.39
C THR A 27 4.78 -21.75 -8.85
N PRO A 28 5.56 -21.41 -9.88
CA PRO A 28 5.44 -20.05 -10.44
C PRO A 28 4.04 -19.76 -10.98
N GLU A 29 3.37 -20.77 -11.54
CA GLU A 29 1.98 -20.61 -12.00
C GLU A 29 1.09 -20.14 -10.85
N GLN A 30 1.24 -20.75 -9.68
CA GLN A 30 0.44 -20.37 -8.51
C GLN A 30 0.82 -18.99 -8.00
N CYS A 31 2.10 -18.64 -8.03
CA CYS A 31 2.57 -17.41 -7.39
C CYS A 31 2.77 -16.32 -8.42
N ASP A 32 1.70 -16.06 -9.18
CA ASP A 32 1.69 -15.06 -10.22
C ASP A 32 1.61 -13.66 -9.60
N LEU A 33 1.62 -12.65 -10.47
CA LEU A 33 1.68 -11.27 -10.00
C LEU A 33 0.42 -10.89 -9.22
N GLY A 34 -0.74 -11.40 -9.65
CA GLY A 34 -1.97 -11.11 -8.91
C GLY A 34 -1.96 -11.73 -7.52
N TYR A 35 -1.52 -12.99 -7.42
CA TYR A 35 -1.22 -13.60 -6.12
C TYR A 35 -0.32 -12.71 -5.27
N TRP A 36 0.79 -12.24 -5.85
CA TRP A 36 1.72 -11.44 -5.08
C TRP A 36 1.12 -10.11 -4.65
N LEU A 37 0.42 -9.44 -5.56
CA LEU A 37 -0.18 -8.14 -5.20
C LEU A 37 -1.21 -8.30 -4.08
N ARG A 38 -2.12 -9.25 -4.24
CA ARG A 38 -3.14 -9.45 -3.20
C ARG A 38 -2.53 -10.05 -1.94
N GLY A 39 -1.69 -11.08 -2.09
CA GLY A 39 -1.28 -11.87 -0.94
C GLY A 39 -0.06 -11.35 -0.22
N VAL A 40 0.84 -10.68 -0.93
CA VAL A 40 2.07 -10.18 -0.33
C VAL A 40 2.02 -8.67 -0.13
N ALA A 41 1.85 -7.90 -1.21
CA ALA A 41 1.86 -6.45 -1.09
C ALA A 41 0.71 -5.97 -0.19
N GLN A 42 -0.47 -6.55 -0.37
CA GLN A 42 -1.64 -6.24 0.44
C GLN A 42 -1.85 -7.25 1.57
N GLY A 43 -1.03 -8.29 1.66
CA GLY A 43 -1.20 -9.30 2.70
C GLY A 43 -0.10 -9.28 3.72
N THR A 44 1.00 -9.98 3.42
CA THR A 44 2.15 -10.02 4.33
C THR A 44 2.57 -8.63 4.78
N LEU A 45 2.54 -7.65 3.86
CA LEU A 45 3.11 -6.34 4.10
C LEU A 45 2.08 -5.31 4.57
N ALA A 46 0.83 -5.70 4.79
CA ALA A 46 -0.16 -4.76 5.31
C ALA A 46 0.36 -4.12 6.59
N GLY A 47 0.36 -2.78 6.61
CA GLY A 47 0.91 -2.01 7.71
C GLY A 47 2.42 -2.04 7.84
N ARG A 48 3.15 -2.61 6.87
CA ARG A 48 4.59 -2.78 6.98
C ARG A 48 5.32 -2.34 5.73
N ALA A 49 4.69 -1.51 4.89
CA ALA A 49 5.25 -1.23 3.57
C ALA A 49 6.57 -0.48 3.66
N GLU A 50 6.67 0.51 4.56
CA GLU A 50 7.81 1.41 4.48
C GLU A 50 9.04 0.90 5.21
N THR A 51 8.86 0.16 6.29
CA THR A 51 10.01 -0.22 7.09
C THR A 51 10.10 -1.71 7.38
N GLY A 52 9.07 -2.48 7.07
CA GLY A 52 9.05 -3.88 7.40
C GLY A 52 8.42 -4.20 8.74
N HIS A 53 8.13 -3.19 9.57
CA HIS A 53 7.62 -3.41 10.91
C HIS A 53 6.68 -2.29 11.31
N THR A 54 5.88 -2.53 12.36
CA THR A 54 4.94 -1.56 12.88
C THR A 54 5.54 -0.83 14.09
N ASP A 55 4.77 0.14 14.62
CA ASP A 55 5.22 0.83 15.82
C ASP A 55 5.16 -0.07 17.05
N ALA A 56 4.34 -1.11 17.03
CA ALA A 56 4.33 -2.10 18.08
C ALA A 56 5.58 -2.97 18.12
N GLU A 57 6.55 -2.74 17.24
CA GLU A 57 7.78 -3.53 17.18
C GLU A 57 8.94 -2.56 17.15
N PRO A 58 9.43 -2.13 18.31
CA PRO A 58 10.39 -1.03 18.36
C PRO A 58 11.80 -1.44 17.99
N THR A 59 12.57 -0.44 17.58
CA THR A 59 14.02 -0.47 17.60
C THR A 59 14.45 0.05 18.97
N PRO A 60 14.75 -0.84 19.93
CA PRO A 60 15.01 -0.38 21.30
C PRO A 60 16.20 0.56 21.34
N GLU A 61 16.22 1.39 22.39
CA GLU A 61 17.34 2.32 22.57
C GLU A 61 18.67 1.59 22.73
N HIS A 62 18.67 0.33 23.21
CA HIS A 62 19.95 -0.36 23.28
C HIS A 62 20.47 -0.74 21.89
N MET A 63 19.65 -0.66 20.85
CA MET A 63 20.13 -0.86 19.48
C MET A 63 20.61 0.44 18.84
N ARG A 64 20.30 1.58 19.43
CA ARG A 64 20.83 2.85 18.95
C ARG A 64 22.09 3.26 19.67
N ALA A 65 22.31 2.74 20.88
CA ALA A 65 23.49 3.09 21.67
C ALA A 65 24.72 2.36 21.15
N ASP A 66 25.85 3.07 21.13
CA ASP A 66 27.10 2.48 20.67
C ASP A 66 27.50 1.31 21.57
N GLY A 67 27.84 0.18 20.94
CA GLY A 67 28.17 -1.03 21.65
C GLY A 67 28.20 -2.22 20.71
N PRO A 68 28.73 -3.36 21.21
CA PRO A 68 28.89 -4.54 20.33
C PRO A 68 27.60 -5.09 19.75
N LEU A 69 26.48 -5.02 20.47
CA LEU A 69 25.22 -5.52 19.91
C LEU A 69 24.79 -4.69 18.70
N ARG A 70 24.87 -3.37 18.82
CA ARG A 70 24.63 -2.50 17.67
C ARG A 70 25.65 -2.75 16.58
N ASP A 71 26.92 -2.96 16.94
CA ASP A 71 27.94 -3.24 15.94
C ASP A 71 27.61 -4.53 15.19
N ALA A 72 27.08 -5.52 15.91
CA ALA A 72 26.69 -6.79 15.28
C ALA A 72 25.58 -6.58 14.25
N GLN A 73 24.57 -5.78 14.61
CA GLN A 73 23.45 -5.55 13.70
C GLN A 73 23.86 -4.66 12.52
N VAL A 74 24.72 -3.67 12.77
CA VAL A 74 25.17 -2.80 11.69
C VAL A 74 25.97 -3.60 10.66
N LEU A 75 26.90 -4.44 11.14
CA LEU A 75 27.65 -5.29 10.23
C LEU A 75 26.73 -6.22 9.46
N GLU A 76 25.82 -6.91 10.14
CA GLU A 76 24.97 -7.87 9.45
C GLU A 76 24.05 -7.19 8.44
N LEU A 77 23.39 -6.10 8.85
CA LEU A 77 22.42 -5.47 7.96
C LEU A 77 23.08 -4.64 6.86
N SER A 78 24.29 -4.11 7.09
CA SER A 78 25.01 -3.50 5.98
C SER A 78 25.33 -4.54 4.91
N CYS A 79 25.79 -5.72 5.34
CA CYS A 79 26.08 -6.80 4.38
C CYS A 79 24.80 -7.27 3.70
N ARG A 80 23.74 -7.52 4.47
CA ARG A 80 22.50 -7.98 3.85
C ARG A 80 21.94 -6.96 2.87
N SER A 81 21.97 -5.68 3.23
CA SER A 81 21.38 -4.69 2.35
C SER A 81 22.11 -4.65 1.00
N VAL A 82 23.44 -4.70 1.03
CA VAL A 82 24.21 -4.73 -0.21
C VAL A 82 23.94 -6.03 -0.97
N ALA A 83 23.91 -7.16 -0.26
CA ALA A 83 23.67 -8.44 -0.94
C ALA A 83 22.34 -8.43 -1.67
N GLU A 84 21.29 -7.92 -1.03
CA GLU A 84 19.97 -7.91 -1.61
C GLU A 84 19.89 -6.93 -2.78
N ALA A 85 20.62 -5.81 -2.70
CA ALA A 85 20.63 -4.88 -3.83
C ALA A 85 21.34 -5.50 -5.02
N GLN A 86 22.48 -6.15 -4.80
CA GLN A 86 23.17 -6.78 -5.92
C GLN A 86 22.35 -7.94 -6.49
N ALA A 87 21.63 -8.66 -5.63
CA ALA A 87 20.77 -9.74 -6.09
C ALA A 87 19.66 -9.22 -6.99
N THR A 88 19.08 -8.07 -6.62
CA THR A 88 18.10 -7.41 -7.49
C THR A 88 18.66 -7.21 -8.89
N ARG A 89 19.88 -6.68 -9.00
CA ARG A 89 20.47 -6.42 -10.30
C ARG A 89 20.70 -7.72 -11.06
N VAL A 90 21.08 -8.79 -10.36
CA VAL A 90 21.28 -10.06 -11.02
C VAL A 90 19.95 -10.65 -11.46
N LEU A 91 18.94 -10.60 -10.59
CA LEU A 91 17.62 -11.12 -10.93
C LEU A 91 17.00 -10.39 -12.13
N ALA A 92 17.38 -9.14 -12.37
CA ALA A 92 16.86 -8.46 -13.54
C ALA A 92 17.10 -9.27 -14.81
N HIS A 93 18.21 -10.00 -14.87
CA HIS A 93 18.47 -10.80 -16.06
C HIS A 93 17.58 -12.01 -16.13
N TYR A 94 17.11 -12.50 -14.98
CA TYR A 94 16.14 -13.60 -14.98
C TYR A 94 14.80 -13.13 -15.49
N VAL A 95 14.41 -11.91 -15.15
CA VAL A 95 13.20 -11.33 -15.74
C VAL A 95 13.39 -11.16 -17.24
N ALA A 96 14.51 -10.55 -17.64
CA ALA A 96 14.75 -10.28 -19.06
C ALA A 96 14.67 -11.55 -19.89
N GLN A 97 15.24 -12.65 -19.39
CA GLN A 97 15.32 -13.88 -20.17
C GLN A 97 14.31 -14.92 -19.75
N ALA A 98 13.31 -14.55 -18.97
CA ALA A 98 12.27 -15.49 -18.57
C ALA A 98 11.69 -16.15 -19.82
N PRO A 99 11.56 -17.48 -19.86
CA PRO A 99 11.13 -18.13 -21.12
C PRO A 99 9.70 -17.80 -21.52
N ASP A 100 8.81 -17.48 -20.58
CA ASP A 100 7.43 -17.13 -20.94
C ASP A 100 6.82 -16.34 -19.79
N ILE A 101 5.53 -16.02 -19.94
CA ILE A 101 4.88 -15.07 -19.03
C ILE A 101 4.90 -15.56 -17.59
N VAL A 102 4.69 -16.86 -17.38
CA VAL A 102 4.64 -17.40 -16.02
C VAL A 102 5.94 -17.11 -15.27
N GLU A 103 7.09 -17.36 -15.90
CA GLU A 103 8.36 -17.03 -15.24
C GLU A 103 8.60 -15.52 -15.21
N LEU A 104 8.18 -14.80 -16.25
CA LEU A 104 8.32 -13.35 -16.26
C LEU A 104 7.68 -12.76 -15.02
N GLU A 105 6.44 -13.15 -14.75
CA GLU A 105 5.73 -12.61 -13.60
C GLU A 105 6.38 -13.03 -12.29
N PHE A 106 6.74 -14.32 -12.15
CA PHE A 106 7.23 -14.72 -10.83
C PHE A 106 8.57 -14.06 -10.54
N PHE A 107 9.48 -14.06 -11.50
CA PHE A 107 10.77 -13.48 -11.16
C PHE A 107 10.70 -11.98 -11.06
N THR A 108 9.70 -11.34 -11.67
CA THR A 108 9.42 -9.94 -11.35
C THR A 108 9.09 -9.77 -9.87
N THR A 109 8.19 -10.61 -9.34
CA THR A 109 7.84 -10.49 -7.93
C THR A 109 9.04 -10.75 -7.03
N GLN A 110 9.92 -11.68 -7.43
CA GLN A 110 11.08 -11.94 -6.58
C GLN A 110 12.07 -10.80 -6.65
N LEU A 111 12.22 -10.21 -7.84
CA LEU A 111 13.07 -9.02 -7.98
C LEU A 111 12.61 -7.91 -7.04
N VAL A 112 11.30 -7.62 -7.01
CA VAL A 112 10.85 -6.56 -6.12
C VAL A 112 10.99 -6.98 -4.66
N ASP A 113 10.79 -8.28 -4.36
CA ASP A 113 11.01 -8.77 -2.99
C ASP A 113 12.42 -8.47 -2.55
N GLU A 114 13.41 -8.78 -3.38
CA GLU A 114 14.79 -8.57 -2.94
C GLU A 114 15.12 -7.09 -2.82
N ALA A 115 14.58 -6.27 -3.72
CA ALA A 115 14.77 -4.84 -3.57
C ALA A 115 14.15 -4.35 -2.28
N ARG A 116 12.98 -4.90 -1.91
CA ARG A 116 12.36 -4.55 -0.62
C ARG A 116 13.24 -4.98 0.55
N HIS A 117 13.79 -6.19 0.50
CA HIS A 117 14.69 -6.64 1.56
C HIS A 117 15.85 -5.68 1.72
N SER A 118 16.47 -5.30 0.59
CA SER A 118 17.56 -4.33 0.67
C SER A 118 17.08 -3.06 1.36
N MET A 119 15.86 -2.61 1.04
CA MET A 119 15.35 -1.34 1.54
C MET A 119 15.09 -1.42 3.04
N VAL A 120 14.40 -2.47 3.50
CA VAL A 120 14.09 -2.50 4.93
C VAL A 120 15.36 -2.73 5.75
N PHE A 121 16.34 -3.46 5.22
CA PHE A 121 17.59 -3.60 5.94
C PHE A 121 18.31 -2.26 6.07
N ARG A 122 18.37 -1.47 4.99
CA ARG A 122 19.05 -0.19 5.10
C ARG A 122 18.26 0.78 5.97
N ARG A 123 16.93 0.70 5.95
CA ARG A 123 16.16 1.59 6.80
C ARG A 123 16.26 1.22 8.27
N HIS A 124 16.60 -0.03 8.60
CA HIS A 124 16.83 -0.33 10.01
C HIS A 124 18.13 0.27 10.48
N LEU A 125 19.12 0.38 9.59
CA LEU A 125 20.35 1.08 9.95
C LEU A 125 20.05 2.53 10.34
N LEU A 126 19.17 3.20 9.58
CA LEU A 126 18.75 4.54 9.97
C LEU A 126 18.08 4.55 11.34
N ALA A 127 17.18 3.58 11.58
CA ALA A 127 16.51 3.49 12.87
C ALA A 127 17.47 3.25 14.02
N MET A 128 18.66 2.73 13.71
CA MET A 128 19.73 2.54 14.68
C MET A 128 20.69 3.73 14.74
N GLY A 129 20.32 4.85 14.13
CA GLY A 129 21.12 6.06 14.24
C GLY A 129 22.29 6.21 13.29
N VAL A 130 22.39 5.40 12.25
CA VAL A 130 23.34 5.75 11.17
C VAL A 130 22.86 7.04 10.50
N PRO A 131 23.70 8.06 10.38
CA PRO A 131 23.23 9.32 9.79
C PRO A 131 22.76 9.12 8.35
N ALA A 132 21.68 9.80 7.99
CA ALA A 132 21.14 9.66 6.65
C ALA A 132 22.18 10.02 5.60
N ASP A 133 22.98 11.05 5.85
CA ASP A 133 23.97 11.46 4.87
C ASP A 133 25.22 10.60 4.89
N ARG A 134 25.31 9.64 5.81
CA ARG A 134 26.42 8.69 5.84
C ARG A 134 25.97 7.28 5.50
N LEU A 135 24.67 7.08 5.27
CA LEU A 135 24.10 5.73 5.16
C LEU A 135 24.81 4.91 4.10
N HIS A 136 24.83 5.39 2.86
CA HIS A 136 25.31 4.54 1.78
C HIS A 136 26.82 4.38 1.81
N ALA A 137 27.54 5.40 2.29
CA ALA A 137 28.99 5.30 2.40
C ALA A 137 29.40 4.42 3.58
N SER A 138 28.69 4.49 4.69
CA SER A 138 29.02 3.58 5.80
C SER A 138 28.67 2.15 5.44
N ILE A 139 27.52 1.93 4.79
CA ILE A 139 27.17 0.60 4.29
C ILE A 139 28.29 0.03 3.44
N ALA A 140 28.82 0.85 2.52
CA ALA A 140 29.86 0.38 1.61
C ALA A 140 31.17 0.12 2.34
N GLU A 141 31.54 0.99 3.30
CA GLU A 141 32.74 0.78 4.09
C GLU A 141 32.66 -0.51 4.90
N VAL A 142 31.54 -0.73 5.58
CA VAL A 142 31.42 -1.85 6.51
C VAL A 142 31.34 -3.17 5.74
N SER A 143 30.66 -3.18 4.59
CA SER A 143 30.43 -4.42 3.85
C SER A 143 31.46 -4.68 2.78
N ALA A 144 32.46 -3.80 2.61
CA ALA A 144 33.37 -3.89 1.47
C ALA A 144 34.08 -5.24 1.40
N GLU A 145 34.67 -5.69 2.52
CA GLU A 145 35.40 -6.95 2.47
C GLU A 145 34.48 -8.13 2.20
N TYR A 146 33.28 -8.10 2.81
CA TYR A 146 32.30 -9.16 2.57
C TYR A 146 31.85 -9.17 1.12
N ARG A 147 31.61 -8.00 0.55
CA ARG A 147 31.16 -7.92 -0.83
C ARG A 147 32.21 -8.48 -1.78
N ARG A 148 33.46 -8.06 -1.59
CA ARG A 148 34.54 -8.55 -2.43
C ARG A 148 34.75 -10.06 -2.27
N GLU A 149 34.71 -10.55 -1.04
CA GLU A 149 35.20 -11.91 -0.80
C GLU A 149 34.12 -12.97 -0.90
N VAL A 150 32.87 -12.62 -0.60
CA VAL A 150 31.78 -13.57 -0.56
C VAL A 150 30.71 -13.27 -1.60
N LEU A 151 30.22 -12.03 -1.62
CA LEU A 151 29.06 -11.70 -2.42
C LEU A 151 29.38 -11.73 -3.91
N GLU A 152 30.42 -11.01 -4.32
CA GLU A 152 30.73 -10.92 -5.74
C GLU A 152 31.07 -12.28 -6.36
N PRO A 153 31.83 -13.19 -5.73
CA PRO A 153 32.03 -14.52 -6.34
C PRO A 153 30.76 -15.29 -6.63
N ILE A 154 29.78 -15.32 -5.71
CA ILE A 154 28.61 -16.15 -6.00
C ILE A 154 27.65 -15.46 -6.93
N LEU A 155 27.53 -14.12 -6.87
CA LEU A 155 26.67 -13.45 -7.83
C LEU A 155 27.28 -13.42 -9.23
N ASP A 156 28.61 -13.35 -9.35
CA ASP A 156 29.26 -13.51 -10.65
C ASP A 156 28.87 -14.84 -11.28
N PHE A 157 28.85 -15.90 -10.47
CA PHE A 157 28.47 -17.22 -10.96
C PHE A 157 27.05 -17.21 -11.52
N ALA A 158 26.10 -16.61 -10.80
CA ALA A 158 24.74 -16.51 -11.33
C ALA A 158 24.71 -15.67 -12.60
N LEU A 159 25.46 -14.57 -12.64
CA LEU A 159 25.42 -13.67 -13.79
C LEU A 159 26.05 -14.33 -15.03
N THR A 160 27.23 -14.93 -14.86
CA THR A 160 27.84 -15.70 -15.95
C THR A 160 26.83 -16.70 -16.52
N THR A 161 26.15 -17.45 -15.64
CA THR A 161 25.30 -18.55 -16.07
C THR A 161 24.07 -18.04 -16.82
N VAL A 162 23.39 -17.03 -16.28
CA VAL A 162 22.17 -16.55 -16.92
C VAL A 162 22.47 -15.57 -18.06
N ARG A 163 23.26 -14.54 -17.78
CA ARG A 163 23.41 -13.52 -18.81
C ARG A 163 24.39 -13.98 -19.89
N ASP A 164 25.60 -14.31 -19.49
CA ASP A 164 26.62 -14.55 -20.49
C ASP A 164 26.41 -15.87 -21.22
N GLU A 165 25.86 -16.88 -20.55
CA GLU A 165 25.65 -18.17 -21.20
C GLU A 165 24.19 -18.41 -21.58
N GLY A 166 23.27 -17.53 -21.18
CA GLY A 166 21.88 -17.66 -21.61
C GLY A 166 21.15 -18.87 -21.08
N ASP A 167 21.63 -19.47 -19.98
CA ASP A 167 21.06 -20.69 -19.43
C ASP A 167 20.10 -20.29 -18.31
N PHE A 168 18.81 -20.21 -18.65
CA PHE A 168 17.81 -19.73 -17.68
C PHE A 168 17.65 -20.68 -16.51
N VAL A 169 17.34 -21.95 -16.79
CA VAL A 169 17.10 -22.85 -15.67
C VAL A 169 18.42 -23.12 -14.94
N GLY A 170 19.55 -23.12 -15.66
CA GLY A 170 20.83 -23.23 -14.99
C GLY A 170 21.04 -22.11 -14.00
N GLY A 171 20.67 -20.89 -14.38
CA GLY A 171 20.80 -19.77 -13.47
C GLY A 171 19.85 -19.87 -12.29
N VAL A 172 18.63 -20.36 -12.53
CA VAL A 172 17.72 -20.58 -11.40
C VAL A 172 18.29 -21.63 -10.45
N ALA A 173 18.89 -22.69 -11.01
CA ALA A 173 19.59 -23.67 -10.18
C ALA A 173 20.68 -22.99 -9.34
N VAL A 174 21.47 -22.10 -9.96
CA VAL A 174 22.47 -21.36 -9.19
C VAL A 174 21.81 -20.54 -8.09
N PHE A 175 20.81 -19.73 -8.45
CA PHE A 175 20.24 -18.82 -7.47
C PHE A 175 19.56 -19.58 -6.33
N THR A 176 18.85 -20.66 -6.65
CA THR A 176 18.02 -21.31 -5.65
C THR A 176 18.77 -22.39 -4.86
N ILE A 177 19.76 -23.04 -5.47
CA ILE A 177 20.57 -24.06 -4.75
C ILE A 177 21.82 -23.46 -4.14
N ILE A 178 22.59 -22.73 -4.94
CA ILE A 178 23.91 -22.27 -4.52
C ILE A 178 23.86 -20.95 -3.75
N ILE A 179 22.80 -20.15 -3.93
CA ILE A 179 22.79 -18.85 -3.26
C ILE A 179 21.78 -18.88 -2.13
N GLU A 180 20.49 -18.83 -2.46
CA GLU A 180 19.46 -18.72 -1.42
C GLU A 180 19.39 -20.00 -0.60
N GLY A 181 19.50 -21.16 -1.25
CA GLY A 181 19.52 -22.41 -0.52
C GLY A 181 20.61 -22.44 0.53
N VAL A 182 21.75 -21.83 0.23
CA VAL A 182 22.87 -21.82 1.15
C VAL A 182 22.70 -20.74 2.23
N LEU A 183 22.09 -19.60 1.89
CA LEU A 183 22.09 -18.46 2.80
C LEU A 183 20.80 -18.31 3.61
N ALA A 184 19.70 -18.92 3.17
CA ALA A 184 18.44 -18.75 3.91
C ALA A 184 18.49 -19.28 5.35
N PRO A 185 19.22 -20.37 5.67
CA PRO A 185 19.25 -20.82 7.08
C PRO A 185 19.84 -19.80 8.03
N ALA A 186 20.88 -19.06 7.61
CA ALA A 186 21.37 -17.96 8.42
C ALA A 186 20.32 -16.87 8.58
N ALA A 187 19.42 -16.70 7.60
CA ALA A 187 18.35 -15.72 7.76
C ALA A 187 17.34 -16.19 8.80
N GLU A 188 16.96 -17.47 8.76
CA GLU A 188 16.11 -18.00 9.81
C GLU A 188 16.77 -17.82 11.18
N LEU A 189 18.06 -18.14 11.27
CA LEU A 189 18.77 -17.94 12.52
C LEU A 189 18.80 -16.47 12.92
N SER A 190 18.90 -15.57 11.94
CA SER A 190 18.93 -14.15 12.25
C SER A 190 17.65 -13.72 12.97
N GLU A 191 16.50 -14.08 12.42
CA GLU A 191 15.21 -13.77 13.03
C GLU A 191 15.13 -14.33 14.46
N ARG A 192 15.54 -15.59 14.65
CA ARG A 192 15.52 -16.19 15.98
C ARG A 192 16.47 -15.48 16.94
N LYS A 193 17.63 -15.04 16.46
CA LYS A 193 18.58 -14.33 17.31
C LYS A 193 18.06 -12.95 17.75
N TRP A 194 17.33 -12.26 16.88
CA TRP A 194 17.03 -10.85 17.13
C TRP A 194 15.62 -10.60 17.64
N ASN A 195 14.72 -11.58 17.56
CA ASN A 195 13.30 -11.34 17.87
C ASN A 195 13.09 -10.53 19.14
N LEU A 196 13.83 -10.84 20.21
CA LEU A 196 13.65 -10.18 21.50
C LEU A 196 14.59 -8.99 21.69
N LEU A 197 15.85 -9.09 21.25
CA LEU A 197 16.79 -7.98 21.40
C LEU A 197 16.46 -6.78 20.51
N ASP A 198 15.89 -7.03 19.34
CA ASP A 198 15.61 -5.97 18.36
C ASP A 198 14.31 -6.35 17.67
N PRO A 199 13.17 -6.13 18.32
CA PRO A 199 11.88 -6.55 17.75
C PRO A 199 11.64 -6.05 16.34
N ALA A 200 12.04 -4.83 16.02
CA ALA A 200 11.88 -4.32 14.66
C ALA A 200 12.64 -5.20 13.67
N ALA A 201 13.88 -5.57 14.01
CA ALA A 201 14.68 -6.40 13.12
C ALA A 201 14.11 -7.81 13.03
N GLY A 202 13.63 -8.36 14.15
CA GLY A 202 12.94 -9.63 14.10
C GLY A 202 11.77 -9.62 13.15
N ALA A 203 10.97 -8.53 13.18
CA ALA A 203 9.80 -8.45 12.31
C ALA A 203 10.21 -8.23 10.85
N ILE A 204 11.25 -7.45 10.62
CA ILE A 204 11.80 -7.34 9.28
C ILE A 204 12.23 -8.70 8.77
N ALA A 205 12.99 -9.44 9.59
CA ALA A 205 13.45 -10.75 9.17
C ALA A 205 12.28 -11.70 8.93
N ARG A 206 11.23 -11.59 9.75
CA ARG A 206 10.06 -12.45 9.59
C ARG A 206 9.38 -12.24 8.24
N GLY A 207 9.17 -10.97 7.84
CA GLY A 207 8.52 -10.72 6.56
C GLY A 207 9.37 -11.21 5.39
N ALA A 208 10.68 -10.97 5.45
CA ALA A 208 11.57 -11.48 4.41
C ALA A 208 11.58 -13.01 4.37
N ALA A 209 11.49 -13.65 5.54
CA ALA A 209 11.49 -15.12 5.58
C ALA A 209 10.24 -15.67 4.92
N ILE A 210 9.09 -15.01 5.12
CA ILE A 210 7.88 -15.44 4.44
C ILE A 210 8.04 -15.31 2.93
N ASP A 211 8.63 -14.20 2.46
CA ASP A 211 8.99 -14.08 1.05
C ASP A 211 9.89 -15.24 0.63
N GLU A 212 10.89 -15.55 1.44
CA GLU A 212 11.90 -16.53 1.05
C GLU A 212 11.33 -17.93 0.94
N VAL A 213 10.31 -18.26 1.75
CA VAL A 213 9.62 -19.53 1.58
C VAL A 213 9.16 -19.66 0.13
N ARG A 214 8.57 -18.58 -0.39
CA ARG A 214 8.09 -18.56 -1.76
C ARG A 214 9.26 -18.62 -2.75
N HIS A 215 10.31 -17.82 -2.55
CA HIS A 215 11.45 -17.87 -3.47
C HIS A 215 12.01 -19.28 -3.56
N LEU A 216 12.21 -19.92 -2.41
CA LEU A 216 12.87 -21.23 -2.37
C LEU A 216 11.98 -22.31 -2.99
N THR A 217 10.69 -22.32 -2.65
CA THR A 217 9.82 -23.38 -3.14
C THR A 217 9.57 -23.23 -4.63
N VAL A 218 9.38 -22.00 -5.12
CA VAL A 218 9.14 -21.79 -6.54
C VAL A 218 10.40 -22.09 -7.34
N GLY A 219 11.56 -21.64 -6.87
CA GLY A 219 12.79 -21.97 -7.57
C GLY A 219 12.99 -23.47 -7.67
N SER A 220 12.69 -24.19 -6.58
CA SER A 220 12.71 -25.65 -6.61
C SER A 220 11.76 -26.19 -7.69
N SER A 221 10.52 -25.67 -7.75
CA SER A 221 9.58 -26.11 -8.78
C SER A 221 10.12 -25.89 -10.18
N VAL A 222 10.72 -24.74 -10.43
CA VAL A 222 11.26 -24.44 -11.76
C VAL A 222 12.30 -25.49 -12.15
N VAL A 223 13.21 -25.80 -11.23
CA VAL A 223 14.25 -26.79 -11.51
C VAL A 223 13.63 -28.18 -11.67
N ARG A 224 12.69 -28.51 -10.79
CA ARG A 224 12.01 -29.81 -10.85
C ARG A 224 11.33 -30.02 -12.20
N ARG A 225 10.55 -29.03 -12.64
CA ARG A 225 9.80 -29.17 -13.87
C ARG A 225 10.71 -29.26 -15.09
N HIS A 226 11.78 -28.46 -15.11
CA HIS A 226 12.76 -28.56 -16.19
C HIS A 226 13.35 -29.96 -16.28
N LEU A 227 13.76 -30.52 -15.14
CA LEU A 227 14.39 -31.83 -15.12
C LEU A 227 13.42 -32.92 -15.59
N LEU A 228 12.16 -32.82 -15.20
CA LEU A 228 11.15 -33.77 -15.70
C LEU A 228 10.99 -33.68 -17.21
N ARG A 229 10.96 -32.46 -17.76
CA ARG A 229 10.76 -32.32 -19.20
C ARG A 229 12.02 -32.63 -20.00
N ARG A 230 13.20 -32.39 -19.44
CA ARG A 230 14.47 -32.60 -20.12
C ARG A 230 15.40 -33.40 -19.22
N PRO A 231 15.10 -34.69 -19.01
CA PRO A 231 15.97 -35.51 -18.14
C PRO A 231 17.42 -35.55 -18.61
N GLU A 232 17.68 -35.33 -19.90
CA GLU A 232 19.06 -35.30 -20.34
C GLU A 232 19.86 -34.14 -19.73
N ARG A 233 19.19 -33.15 -19.13
CA ARG A 233 19.91 -32.01 -18.57
C ARG A 233 20.41 -32.24 -17.16
N LYS A 234 20.14 -33.41 -16.55
CA LYS A 234 20.56 -33.64 -15.17
C LYS A 234 22.06 -33.48 -15.00
N ALA A 235 22.84 -34.03 -15.94
CA ALA A 235 24.30 -33.93 -15.85
C ALA A 235 24.74 -32.48 -15.84
N ALA A 236 24.13 -31.65 -16.69
CA ALA A 236 24.50 -30.24 -16.76
C ALA A 236 24.17 -29.54 -15.45
N LEU A 237 23.03 -29.89 -14.85
CA LEU A 237 22.67 -29.28 -13.58
C LEU A 237 23.66 -29.70 -12.49
N LEU A 238 24.05 -30.98 -12.47
CA LEU A 238 24.97 -31.43 -11.43
C LEU A 238 26.32 -30.76 -11.55
N ASP A 239 26.79 -30.51 -12.78
CA ASP A 239 28.08 -29.82 -12.93
C ASP A 239 27.99 -28.38 -12.44
N ILE A 240 26.86 -27.71 -12.69
CA ILE A 240 26.64 -26.38 -12.13
C ILE A 240 26.71 -26.45 -10.60
N VAL A 241 26.03 -27.43 -10.01
CA VAL A 241 26.08 -27.56 -8.55
C VAL A 241 27.51 -27.83 -8.09
N ARG A 242 28.23 -28.70 -8.81
CA ARG A 242 29.61 -28.99 -8.45
C ARG A 242 30.47 -27.72 -8.51
N ARG A 243 30.27 -26.89 -9.52
CA ARG A 243 31.03 -25.65 -9.59
C ARG A 243 30.63 -24.68 -8.49
N GLY A 244 29.33 -24.63 -8.13
CA GLY A 244 28.93 -23.80 -7.00
C GLY A 244 29.64 -24.20 -5.71
N ARG A 245 29.76 -25.50 -5.45
CA ARG A 245 30.50 -25.97 -4.28
C ARG A 245 31.95 -25.52 -4.33
N GLU A 246 32.59 -25.63 -5.49
CA GLU A 246 33.98 -25.22 -5.60
C GLU A 246 34.13 -23.73 -5.37
N ILE A 247 33.20 -22.94 -5.88
CA ILE A 247 33.27 -21.50 -5.63
C ILE A 247 33.12 -21.22 -4.14
N TRP A 248 32.12 -21.83 -3.50
CA TRP A 248 31.96 -21.66 -2.05
C TRP A 248 33.20 -22.09 -1.28
N ASP A 249 33.89 -23.15 -1.75
CA ASP A 249 35.08 -23.61 -1.04
C ASP A 249 36.21 -22.59 -1.08
N GLY A 250 36.22 -21.68 -2.05
CA GLY A 250 37.25 -20.66 -2.06
C GLY A 250 36.87 -19.39 -1.34
N ILE A 251 35.69 -19.35 -0.76
CA ILE A 251 35.12 -18.14 -0.17
C ILE A 251 35.32 -18.18 1.35
N PRO A 252 35.88 -17.14 1.96
CA PRO A 252 36.10 -17.17 3.42
C PRO A 252 34.84 -16.81 4.21
N ASP A 253 33.80 -17.62 4.05
CA ASP A 253 32.50 -17.31 4.64
C ASP A 253 32.55 -17.37 6.16
N ARG A 254 33.24 -18.37 6.70
CA ARG A 254 33.32 -18.55 8.14
C ARG A 254 33.92 -17.32 8.81
N LYS A 255 34.97 -16.76 8.21
CA LYS A 255 35.60 -15.59 8.79
C LYS A 255 34.59 -14.46 8.99
N HIS A 256 33.74 -14.22 7.99
CA HIS A 256 32.79 -13.12 8.11
C HIS A 256 31.67 -13.43 9.08
N VAL A 257 31.12 -14.65 9.03
CA VAL A 257 30.05 -15.03 9.94
C VAL A 257 30.53 -14.91 11.40
N LEU A 258 31.72 -15.42 11.69
CA LEU A 258 32.20 -15.41 13.08
C LEU A 258 32.51 -13.99 13.54
N ARG A 259 32.86 -13.11 12.62
CA ARG A 259 33.09 -11.72 12.98
C ARG A 259 31.86 -11.10 13.60
N ARG A 260 30.70 -11.29 12.98
CA ARG A 260 29.49 -10.70 13.53
C ARG A 260 28.90 -11.54 14.66
N GLU A 261 29.19 -12.84 14.70
CA GLU A 261 28.74 -13.66 15.83
C GLU A 261 29.53 -13.33 17.09
N GLU A 262 30.81 -13.01 16.98
CA GLU A 262 31.58 -12.59 18.15
C GLU A 262 31.09 -11.25 18.67
N LEU A 263 30.77 -10.32 17.76
CA LEU A 263 30.12 -9.08 18.17
C LEU A 263 28.78 -9.37 18.86
N PHE A 264 27.96 -10.24 18.26
CA PHE A 264 26.68 -10.59 18.87
C PHE A 264 26.89 -11.21 20.24
N GLN A 265 27.92 -12.06 20.40
CA GLN A 265 28.18 -12.70 21.69
C GLN A 265 28.50 -11.67 22.77
N ALA A 266 29.37 -10.71 22.45
CA ALA A 266 29.65 -9.64 23.40
C ALA A 266 28.40 -8.79 23.66
N GLY A 267 27.53 -8.66 22.67
CA GLY A 267 26.30 -7.90 22.87
C GLY A 267 25.32 -8.61 23.81
N MET A 268 25.20 -9.94 23.67
CA MET A 268 24.35 -10.73 24.56
C MET A 268 24.79 -10.58 26.02
N ARG A 269 26.09 -10.54 26.24
CA ARG A 269 26.66 -10.38 27.57
C ARG A 269 26.07 -9.16 28.28
N GLU A 270 25.81 -8.09 27.54
CA GLU A 270 25.28 -6.85 28.11
C GLU A 270 23.77 -6.84 28.23
N HIS A 271 23.08 -7.84 27.69
CA HIS A 271 21.63 -7.85 27.80
C HIS A 271 21.12 -9.22 28.21
N ALA A 272 21.93 -9.95 28.99
CA ALA A 272 21.58 -11.32 29.36
C ALA A 272 20.35 -11.37 30.25
N ASP A 273 20.10 -10.33 31.07
CA ASP A 273 18.89 -10.32 31.87
C ASP A 273 17.64 -10.36 30.99
N LEU A 274 17.67 -9.64 29.87
CA LEU A 274 16.55 -9.63 28.95
C LEU A 274 16.37 -10.99 28.26
N LEU A 275 17.48 -11.63 27.86
CA LEU A 275 17.36 -12.91 27.18
C LEU A 275 16.81 -14.00 28.11
N ALA A 276 17.44 -14.17 29.28
CA ALA A 276 17.05 -15.20 30.25
C ALA A 276 16.87 -16.57 29.58
N GLY A 277 15.65 -17.09 29.59
CA GLY A 277 15.38 -18.41 29.04
C GLY A 277 15.01 -18.41 27.57
N TYR A 278 15.13 -17.29 26.87
CA TYR A 278 14.75 -17.23 25.46
C TYR A 278 15.52 -18.28 24.65
N GLU A 279 14.80 -19.07 23.86
CA GLU A 279 15.42 -20.15 23.13
C GLU A 279 15.64 -19.76 21.68
N VAL A 280 16.85 -19.98 21.18
CA VAL A 280 17.15 -19.65 19.80
C VAL A 280 16.65 -20.77 18.88
N TRP A 281 16.64 -22.01 19.35
CA TRP A 281 15.89 -23.11 18.75
C TRP A 281 15.36 -23.98 19.89
N PRO A 282 14.46 -24.93 19.63
CA PRO A 282 13.82 -25.66 20.73
C PRO A 282 14.81 -26.29 21.72
N GLY A 283 14.54 -26.08 23.00
CA GLY A 283 15.37 -26.64 24.05
C GLY A 283 16.75 -26.04 24.19
N GLN A 284 17.04 -24.92 23.52
CA GLN A 284 18.37 -24.33 23.56
C GLN A 284 18.25 -22.83 23.83
N PRO A 285 18.47 -22.40 25.07
CA PRO A 285 18.52 -20.96 25.34
C PRO A 285 19.62 -20.27 24.54
N LEU A 286 19.28 -19.11 23.98
CA LEU A 286 20.23 -18.36 23.16
C LEU A 286 21.47 -17.99 23.97
N LEU A 287 21.29 -17.58 25.23
CA LEU A 287 22.42 -17.22 26.10
C LEU A 287 23.45 -18.33 26.21
N SER A 288 23.03 -19.58 26.08
CA SER A 288 23.93 -20.71 26.26
C SER A 288 24.54 -21.21 24.96
N THR A 289 24.58 -20.38 23.92
CA THR A 289 25.24 -20.73 22.67
C THR A 289 26.44 -19.82 22.45
N THR A 290 27.42 -20.35 21.74
CA THR A 290 28.62 -19.65 21.33
C THR A 290 28.56 -19.32 19.83
N PRO A 291 29.44 -18.45 19.35
CA PRO A 291 29.48 -18.19 17.89
C PRO A 291 29.67 -19.46 17.08
N GLU A 292 30.59 -20.34 17.51
CA GLU A 292 30.89 -21.55 16.75
C GLU A 292 29.68 -22.46 16.72
N GLN A 293 28.90 -22.46 17.80
CA GLN A 293 27.75 -23.34 17.88
C GLN A 293 26.61 -22.84 17.00
N ARG A 294 26.42 -21.52 16.92
CA ARG A 294 25.36 -21.01 16.05
C ARG A 294 25.73 -21.19 14.58
N TYR A 295 27.00 -21.00 14.24
CA TYR A 295 27.46 -21.28 12.88
C TYR A 295 27.21 -22.73 12.49
N ALA A 296 27.60 -23.67 13.36
CA ALA A 296 27.43 -25.07 13.03
C ALA A 296 25.96 -25.46 12.94
N MET A 297 25.09 -24.82 13.73
CA MET A 297 23.67 -25.15 13.61
C MET A 297 23.08 -24.63 12.30
N ALA A 298 23.51 -23.43 11.86
CA ALA A 298 23.05 -22.93 10.57
C ALA A 298 23.48 -23.87 9.43
N GLU A 299 24.70 -24.40 9.50
CA GLU A 299 25.17 -25.39 8.52
C GLU A 299 24.34 -26.67 8.59
N GLN A 300 23.99 -27.11 9.80
CA GLN A 300 23.14 -28.29 9.91
C GLN A 300 21.78 -28.04 9.28
N TRP A 301 21.19 -26.87 9.55
CA TRP A 301 19.93 -26.50 8.91
C TRP A 301 20.08 -26.46 7.38
N THR A 302 21.21 -25.93 6.90
CA THR A 302 21.47 -25.92 5.46
C THR A 302 21.43 -27.34 4.89
N ASP A 303 22.12 -28.28 5.54
CA ASP A 303 22.12 -29.67 5.09
C ASP A 303 20.72 -30.26 5.12
N ARG A 304 19.98 -30.02 6.20
CA ARG A 304 18.64 -30.60 6.32
C ARG A 304 17.73 -30.05 5.23
N MET A 305 17.74 -28.73 5.02
CA MET A 305 16.87 -28.20 3.98
C MET A 305 17.31 -28.67 2.59
N ALA A 306 18.62 -28.73 2.37
CA ALA A 306 19.11 -29.10 1.03
C ALA A 306 18.71 -30.52 0.68
N ALA A 307 18.73 -31.44 1.66
CA ALA A 307 18.33 -32.82 1.39
C ALA A 307 16.88 -32.89 0.95
N ALA A 308 15.99 -32.16 1.63
CA ALA A 308 14.59 -32.13 1.22
C ALA A 308 14.42 -31.47 -0.15
N ARG A 309 15.05 -30.31 -0.36
CA ARG A 309 14.83 -29.57 -1.62
C ARG A 309 15.42 -30.31 -2.81
N LEU A 310 16.63 -30.83 -2.69
CA LEU A 310 17.26 -31.50 -3.84
C LEU A 310 16.53 -32.78 -4.20
N VAL A 311 15.94 -33.47 -3.20
CA VAL A 311 15.05 -34.58 -3.49
C VAL A 311 13.85 -34.11 -4.29
N HIS A 312 13.20 -33.04 -3.84
CA HIS A 312 12.03 -32.54 -4.56
C HIS A 312 12.38 -32.14 -6.00
N MET A 313 13.57 -31.57 -6.20
CA MET A 313 14.02 -31.18 -7.53
C MET A 313 14.46 -32.35 -8.40
N GLY A 314 14.58 -33.56 -7.85
CA GLY A 314 15.13 -34.66 -8.60
C GLY A 314 16.63 -34.59 -8.75
N LEU A 315 17.31 -33.96 -7.82
CA LEU A 315 18.77 -33.95 -7.88
C LEU A 315 19.36 -34.50 -6.60
N PRO A 316 18.98 -35.71 -6.15
CA PRO A 316 19.56 -36.22 -4.90
C PRO A 316 21.06 -36.39 -4.99
N GLU A 317 21.59 -36.62 -6.21
CA GLU A 317 23.03 -36.70 -6.38
C GLU A 317 23.74 -35.42 -5.98
N ALA A 318 23.04 -34.28 -5.96
CA ALA A 318 23.68 -33.03 -5.55
C ALA A 318 23.86 -32.92 -4.04
N ILE A 319 23.18 -33.77 -3.26
CA ILE A 319 23.21 -33.65 -1.79
C ILE A 319 24.63 -33.83 -1.26
N ASP A 320 25.31 -34.91 -1.68
CA ASP A 320 26.68 -35.14 -1.24
C ASP A 320 27.62 -34.03 -1.70
N LEU A 321 27.40 -33.50 -2.91
CA LEU A 321 28.27 -32.42 -3.38
C LEU A 321 28.26 -31.23 -2.43
N LEU A 322 27.12 -30.94 -1.82
CA LEU A 322 26.91 -29.69 -1.08
C LEU A 322 26.97 -29.87 0.43
N ARG A 323 27.03 -31.11 0.93
CA ARG A 323 27.05 -31.37 2.37
C ARG A 323 28.10 -30.52 3.08
N LEU A 324 27.68 -29.83 4.14
CA LEU A 324 28.56 -28.95 4.90
C LEU A 324 29.05 -29.55 6.21
N THR A 325 28.18 -30.27 6.93
CA THR A 325 28.52 -30.82 8.25
C THR A 325 29.39 -32.06 8.05
N ASP A 326 30.69 -31.91 8.28
CA ASP A 326 31.64 -33.01 8.11
C ASP A 326 32.19 -33.47 9.46
N PRO B 4 -4.11 8.72 4.41
CA PRO B 4 -2.66 8.61 4.26
C PRO B 4 -2.20 8.31 2.82
N ILE B 5 -3.09 7.82 1.96
CA ILE B 5 -2.74 7.57 0.56
C ILE B 5 -2.45 8.90 -0.13
N PRO B 6 -1.31 9.04 -0.80
CA PRO B 6 -0.98 10.33 -1.42
C PRO B 6 -2.05 10.78 -2.41
N ALA B 7 -2.19 12.10 -2.52
CA ALA B 7 -3.12 12.68 -3.50
C ALA B 7 -2.84 12.13 -4.89
N GLU B 8 -1.58 12.11 -5.29
CA GLU B 8 -1.27 11.77 -6.68
C GLU B 8 -1.48 10.29 -7.01
N THR B 9 -1.72 9.40 -6.03
CA THR B 9 -1.99 7.99 -6.32
C THR B 9 -3.36 7.49 -5.91
N GLY B 10 -4.11 8.23 -5.11
CA GLY B 10 -5.41 7.73 -4.68
C GLY B 10 -6.34 7.56 -5.87
N TRP B 11 -7.12 6.47 -5.84
CA TRP B 11 -8.02 6.15 -6.94
C TRP B 11 -8.91 7.32 -7.31
N ASP B 12 -9.31 8.13 -6.34
CA ASP B 12 -10.24 9.24 -6.59
C ASP B 12 -9.55 10.59 -6.67
N SER B 13 -8.46 10.78 -5.93
CA SER B 13 -7.75 12.05 -5.93
C SER B 13 -6.74 12.17 -7.06
N ALA B 14 -6.31 11.05 -7.65
CA ALA B 14 -5.26 11.09 -8.65
C ALA B 14 -5.71 11.88 -9.87
N PRO B 15 -4.82 12.67 -10.48
CA PRO B 15 -5.16 13.34 -11.73
C PRO B 15 -5.36 12.31 -12.84
N GLY B 16 -5.92 12.79 -13.96
CA GLY B 16 -5.93 11.99 -15.17
C GLY B 16 -4.52 11.88 -15.73
N LEU B 17 -4.38 11.00 -16.73
CA LEU B 17 -3.04 10.69 -17.25
C LEU B 17 -2.36 11.94 -17.84
N LEU B 18 -2.97 12.55 -18.87
CA LEU B 18 -2.36 13.73 -19.47
C LEU B 18 -2.25 14.87 -18.46
N GLU B 19 -3.30 15.06 -17.64
CA GLU B 19 -3.29 16.09 -16.60
C GLU B 19 -2.06 15.96 -15.68
N GLY B 20 -1.85 14.75 -15.15
CA GLY B 20 -0.73 14.56 -14.23
C GLY B 20 0.61 14.67 -14.92
N ALA B 21 0.75 14.07 -16.10
CA ALA B 21 2.03 14.06 -16.80
C ALA B 21 2.48 15.45 -17.17
N MET B 22 1.54 16.39 -17.31
CA MET B 22 1.93 17.72 -17.70
C MET B 22 2.08 18.67 -16.53
N THR B 23 1.73 18.25 -15.32
CA THR B 23 1.77 19.14 -14.18
C THR B 23 2.70 18.69 -13.05
N LEU B 24 2.85 17.38 -12.80
CA LEU B 24 3.57 16.93 -11.62
C LEU B 24 5.08 16.89 -11.89
N ASP B 25 5.85 16.86 -10.80
CA ASP B 25 7.32 16.82 -10.85
C ASP B 25 7.89 15.72 -9.97
N LEU B 26 7.29 14.53 -10.00
CA LEU B 26 7.78 13.43 -9.17
C LEU B 26 9.21 13.07 -9.55
N THR B 27 10.02 12.76 -8.55
CA THR B 27 11.41 12.35 -8.73
C THR B 27 11.58 10.88 -8.33
N PRO B 28 12.62 10.19 -8.83
CA PRO B 28 12.83 8.81 -8.39
C PRO B 28 13.05 8.71 -6.88
N GLU B 29 13.70 9.70 -6.25
CA GLU B 29 13.90 9.68 -4.80
C GLU B 29 12.57 9.66 -4.05
N GLN B 30 11.60 10.50 -4.48
CA GLN B 30 10.27 10.50 -3.87
C GLN B 30 9.54 9.20 -4.10
N CYS B 31 9.64 8.65 -5.31
CA CYS B 31 8.83 7.50 -5.69
C CYS B 31 9.63 6.22 -5.49
N ASP B 32 10.04 6.00 -4.23
CA ASP B 32 10.88 4.86 -3.97
C ASP B 32 10.00 3.65 -3.68
N LEU B 33 10.63 2.52 -3.35
CA LEU B 33 9.85 1.29 -3.23
C LEU B 33 8.86 1.37 -2.07
N GLY B 34 9.24 2.00 -0.96
CA GLY B 34 8.31 2.14 0.15
C GLY B 34 7.10 2.98 -0.24
N TYR B 35 7.35 4.07 -0.96
CA TYR B 35 6.26 4.87 -1.51
C TYR B 35 5.33 4.02 -2.37
N TRP B 36 5.91 3.20 -3.26
CA TRP B 36 5.12 2.38 -4.17
C TRP B 36 4.32 1.33 -3.40
N LEU B 37 4.96 0.64 -2.46
CA LEU B 37 4.23 -0.37 -1.69
C LEU B 37 3.09 0.25 -0.91
N ARG B 38 3.34 1.40 -0.29
CA ARG B 38 2.28 2.05 0.49
C ARG B 38 1.28 2.75 -0.42
N GLY B 39 1.76 3.65 -1.30
CA GLY B 39 0.85 4.48 -2.06
C GLY B 39 0.23 3.83 -3.29
N VAL B 40 0.91 2.84 -3.88
CA VAL B 40 0.37 2.22 -5.09
C VAL B 40 -0.18 0.84 -4.75
N ALA B 41 0.69 -0.10 -4.36
CA ALA B 41 0.21 -1.45 -4.05
C ALA B 41 -0.89 -1.45 -2.99
N GLN B 42 -0.75 -0.63 -1.94
CA GLN B 42 -1.75 -0.55 -0.88
C GLN B 42 -2.64 0.68 -1.00
N GLY B 43 -2.55 1.42 -2.10
CA GLY B 43 -3.33 2.63 -2.27
C GLY B 43 -4.10 2.60 -3.59
N THR B 44 -3.43 2.98 -4.68
CA THR B 44 -4.05 2.92 -6.00
C THR B 44 -4.78 1.60 -6.22
N LEU B 45 -4.13 0.49 -5.87
CA LEU B 45 -4.61 -0.85 -6.19
C LEU B 45 -5.45 -1.48 -5.08
N ALA B 46 -5.69 -0.78 -3.97
CA ALA B 46 -6.59 -1.31 -2.96
C ALA B 46 -7.85 -1.88 -3.62
N GLY B 47 -8.19 -3.11 -3.26
CA GLY B 47 -9.35 -3.76 -3.83
C GLY B 47 -9.27 -4.09 -5.30
N ARG B 48 -8.13 -3.87 -5.96
CA ARG B 48 -8.02 -4.13 -7.40
C ARG B 48 -6.75 -4.89 -7.77
N ALA B 49 -6.23 -5.73 -6.86
CA ALA B 49 -4.94 -6.37 -7.12
C ALA B 49 -5.01 -7.36 -8.28
N GLU B 50 -6.05 -8.21 -8.33
CA GLU B 50 -6.01 -9.35 -9.25
C GLU B 50 -6.43 -8.99 -10.68
N THR B 51 -7.38 -8.08 -10.84
CA THR B 51 -7.89 -7.80 -12.18
C THR B 51 -7.85 -6.32 -12.55
N GLY B 52 -7.50 -5.43 -11.61
CA GLY B 52 -7.54 -4.01 -11.87
C GLY B 52 -8.88 -3.36 -11.68
N HIS B 53 -9.95 -4.11 -11.43
CA HIS B 53 -11.26 -3.53 -11.21
C HIS B 53 -11.99 -4.31 -10.12
N THR B 54 -13.11 -3.77 -9.66
CA THR B 54 -13.94 -4.43 -8.65
C THR B 54 -15.15 -5.08 -9.30
N ASP B 55 -15.96 -5.74 -8.48
CA ASP B 55 -17.20 -6.33 -8.99
C ASP B 55 -18.25 -5.27 -9.31
N ALA B 56 -18.12 -4.07 -8.73
CA ALA B 56 -18.95 -2.93 -9.07
C ALA B 56 -18.58 -2.30 -10.40
N GLU B 57 -17.58 -2.85 -11.10
CA GLU B 57 -17.14 -2.35 -12.40
C GLU B 57 -17.19 -3.53 -13.36
N PRO B 58 -18.31 -3.72 -14.03
CA PRO B 58 -18.54 -4.96 -14.77
C PRO B 58 -17.92 -4.97 -16.16
N THR B 59 -17.66 -6.19 -16.64
CA THR B 59 -17.47 -6.47 -18.05
C THR B 59 -18.86 -6.77 -18.61
N PRO B 60 -19.48 -5.84 -19.33
CA PRO B 60 -20.87 -6.07 -19.77
C PRO B 60 -20.95 -7.22 -20.75
N GLU B 61 -22.15 -7.81 -20.82
CA GLU B 61 -22.38 -8.96 -21.69
C GLU B 61 -22.16 -8.63 -23.17
N HIS B 62 -22.31 -7.36 -23.57
CA HIS B 62 -22.00 -7.05 -24.97
C HIS B 62 -20.50 -7.08 -25.26
N MET B 63 -19.64 -7.17 -24.24
CA MET B 63 -18.21 -7.37 -24.48
C MET B 63 -17.83 -8.84 -24.55
N ARG B 64 -18.70 -9.74 -24.09
CA ARG B 64 -18.49 -11.17 -24.29
C ARG B 64 -19.09 -11.65 -25.60
N ALA B 65 -20.22 -11.06 -26.01
CA ALA B 65 -20.86 -11.43 -27.27
C ALA B 65 -19.96 -11.13 -28.45
N ASP B 66 -19.96 -12.02 -29.43
CA ASP B 66 -19.22 -11.81 -30.67
C ASP B 66 -19.68 -10.53 -31.36
N GLY B 67 -18.74 -9.81 -31.97
CA GLY B 67 -19.06 -8.58 -32.65
C GLY B 67 -17.88 -7.63 -32.76
N PRO B 68 -18.07 -6.52 -33.48
CA PRO B 68 -16.95 -5.58 -33.66
C PRO B 68 -16.52 -4.91 -32.37
N LEU B 69 -17.43 -4.62 -31.44
CA LEU B 69 -16.99 -3.95 -30.21
C LEU B 69 -16.02 -4.83 -29.44
N ARG B 70 -16.34 -6.11 -29.31
CA ARG B 70 -15.45 -7.04 -28.65
C ARG B 70 -14.16 -7.21 -29.43
N ASP B 71 -14.26 -7.27 -30.77
CA ASP B 71 -13.05 -7.42 -31.59
C ASP B 71 -12.12 -6.23 -31.40
N ALA B 72 -12.68 -5.02 -31.32
CA ALA B 72 -11.86 -3.84 -31.09
C ALA B 72 -11.12 -3.95 -29.76
N GLN B 73 -11.81 -4.42 -28.72
CA GLN B 73 -11.19 -4.55 -27.40
C GLN B 73 -10.20 -5.70 -27.36
N VAL B 74 -10.51 -6.84 -27.99
CA VAL B 74 -9.57 -7.95 -28.04
C VAL B 74 -8.29 -7.53 -28.75
N LEU B 75 -8.44 -6.83 -29.88
CA LEU B 75 -7.27 -6.41 -30.66
C LEU B 75 -6.45 -5.39 -29.87
N GLU B 76 -7.10 -4.37 -29.31
CA GLU B 76 -6.38 -3.38 -28.52
C GLU B 76 -5.66 -4.02 -27.34
N LEU B 77 -6.36 -4.84 -26.56
CA LEU B 77 -5.76 -5.38 -25.35
C LEU B 77 -4.81 -6.53 -25.64
N SER B 78 -4.96 -7.25 -26.75
CA SER B 78 -3.91 -8.20 -27.12
C SER B 78 -2.61 -7.46 -27.43
N CYS B 79 -2.69 -6.40 -28.23
CA CYS B 79 -1.51 -5.62 -28.56
C CYS B 79 -0.90 -4.98 -27.31
N ARG B 80 -1.74 -4.44 -26.43
CA ARG B 80 -1.24 -3.77 -25.23
C ARG B 80 -0.60 -4.77 -24.27
N SER B 81 -1.24 -5.93 -24.09
CA SER B 81 -0.67 -6.91 -23.18
C SER B 81 0.72 -7.33 -23.63
N VAL B 82 0.89 -7.53 -24.94
CA VAL B 82 2.19 -7.94 -25.45
C VAL B 82 3.19 -6.79 -25.36
N ALA B 83 2.73 -5.57 -25.61
CA ALA B 83 3.60 -4.40 -25.47
C ALA B 83 4.12 -4.29 -24.05
N GLU B 84 3.24 -4.44 -23.07
CA GLU B 84 3.65 -4.24 -21.68
C GLU B 84 4.56 -5.36 -21.21
N ALA B 85 4.31 -6.59 -21.67
CA ALA B 85 5.18 -7.70 -21.29
C ALA B 85 6.57 -7.51 -21.87
N GLN B 86 6.66 -7.11 -23.14
CA GLN B 86 7.98 -6.87 -23.72
C GLN B 86 8.63 -5.63 -23.13
N ALA B 87 7.83 -4.63 -22.74
CA ALA B 87 8.42 -3.49 -22.04
C ALA B 87 9.02 -3.93 -20.72
N THR B 88 8.34 -4.85 -20.02
CA THR B 88 8.88 -5.40 -18.78
C THR B 88 10.28 -5.99 -19.02
N ARG B 89 10.42 -6.81 -20.06
CA ARG B 89 11.71 -7.41 -20.37
C ARG B 89 12.78 -6.37 -20.68
N VAL B 90 12.39 -5.29 -21.34
CA VAL B 90 13.34 -4.24 -21.67
C VAL B 90 13.72 -3.45 -20.41
N LEU B 91 12.73 -3.11 -19.60
CA LEU B 91 13.01 -2.39 -18.36
C LEU B 91 13.88 -3.18 -17.41
N ALA B 92 13.87 -4.53 -17.49
CA ALA B 92 14.79 -5.30 -16.66
C ALA B 92 16.22 -4.83 -16.84
N HIS B 93 16.59 -4.39 -18.05
CA HIS B 93 17.94 -3.91 -18.28
C HIS B 93 18.17 -2.55 -17.64
N TYR B 94 17.12 -1.74 -17.53
CA TYR B 94 17.23 -0.49 -16.79
C TYR B 94 17.50 -0.77 -15.32
N VAL B 95 16.86 -1.79 -14.76
CA VAL B 95 17.14 -2.16 -13.38
C VAL B 95 18.57 -2.64 -13.25
N ALA B 96 18.98 -3.59 -14.10
CA ALA B 96 20.34 -4.13 -14.02
C ALA B 96 21.40 -3.03 -14.09
N GLN B 97 21.17 -1.99 -14.90
CA GLN B 97 22.17 -0.96 -15.09
C GLN B 97 21.84 0.35 -14.37
N ALA B 98 20.89 0.33 -13.45
CA ALA B 98 20.59 1.51 -12.66
C ALA B 98 21.88 2.08 -12.07
N PRO B 99 22.14 3.39 -12.21
CA PRO B 99 23.40 3.93 -11.70
C PRO B 99 23.50 3.90 -10.20
N ASP B 100 22.38 3.92 -9.48
CA ASP B 100 22.46 3.94 -8.02
C ASP B 100 21.17 3.39 -7.46
N ILE B 101 21.10 3.32 -6.12
CA ILE B 101 19.96 2.69 -5.45
C ILE B 101 18.67 3.43 -5.78
N VAL B 102 18.74 4.75 -5.90
CA VAL B 102 17.53 5.52 -6.21
C VAL B 102 16.90 5.03 -7.52
N GLU B 103 17.70 4.92 -8.56
CA GLU B 103 17.16 4.46 -9.84
C GLU B 103 16.83 2.97 -9.78
N LEU B 104 17.68 2.18 -9.10
CA LEU B 104 17.37 0.77 -8.91
C LEU B 104 15.97 0.58 -8.38
N GLU B 105 15.65 1.26 -7.27
CA GLU B 105 14.33 1.09 -6.67
C GLU B 105 13.24 1.63 -7.59
N PHE B 106 13.45 2.80 -8.22
CA PHE B 106 12.35 3.33 -9.01
C PHE B 106 12.03 2.43 -10.19
N PHE B 107 13.05 2.06 -10.96
CA PHE B 107 12.74 1.30 -12.16
C PHE B 107 12.30 -0.11 -11.83
N THR B 108 12.62 -0.60 -10.62
CA THR B 108 11.99 -1.81 -10.13
C THR B 108 10.48 -1.64 -10.05
N THR B 109 10.02 -0.52 -9.46
CA THR B 109 8.58 -0.26 -9.39
C THR B 109 7.96 -0.13 -10.77
N GLN B 110 8.66 0.53 -11.71
CA GLN B 110 8.08 0.63 -13.05
C GLN B 110 8.01 -0.74 -13.71
N LEU B 111 9.05 -1.55 -13.55
CA LEU B 111 9.03 -2.89 -14.13
C LEU B 111 7.82 -3.68 -13.65
N VAL B 112 7.55 -3.69 -12.34
CA VAL B 112 6.39 -4.45 -11.87
C VAL B 112 5.09 -3.79 -12.32
N ASP B 113 5.04 -2.45 -12.35
CA ASP B 113 3.91 -1.75 -12.96
C ASP B 113 3.60 -2.26 -14.36
N GLU B 114 4.61 -2.25 -15.26
CA GLU B 114 4.35 -2.69 -16.63
C GLU B 114 3.93 -4.15 -16.67
N ALA B 115 4.57 -5.00 -15.84
CA ALA B 115 4.13 -6.38 -15.71
C ALA B 115 2.67 -6.43 -15.28
N ARG B 116 2.28 -5.58 -14.33
CA ARG B 116 0.89 -5.54 -13.88
C ARG B 116 -0.04 -5.14 -15.01
N HIS B 117 0.38 -4.14 -15.82
CA HIS B 117 -0.48 -3.72 -16.94
C HIS B 117 -0.67 -4.84 -17.94
N SER B 118 0.40 -5.56 -18.29
CA SER B 118 0.26 -6.72 -19.18
C SER B 118 -0.75 -7.72 -18.61
N MET B 119 -0.69 -7.97 -17.30
CA MET B 119 -1.56 -8.94 -16.65
C MET B 119 -3.01 -8.51 -16.67
N VAL B 120 -3.31 -7.28 -16.22
CA VAL B 120 -4.71 -6.86 -16.18
C VAL B 120 -5.28 -6.78 -17.58
N PHE B 121 -4.45 -6.45 -18.57
CA PHE B 121 -4.92 -6.43 -19.96
C PHE B 121 -5.26 -7.84 -20.43
N ARG B 122 -4.35 -8.78 -20.18
CA ARG B 122 -4.56 -10.19 -20.50
C ARG B 122 -5.79 -10.76 -19.79
N ARG B 123 -5.93 -10.50 -18.50
CA ARG B 123 -7.07 -11.02 -17.75
C ARG B 123 -8.39 -10.41 -18.21
N HIS B 124 -8.36 -9.22 -18.82
CA HIS B 124 -9.62 -8.72 -19.37
C HIS B 124 -10.04 -9.49 -20.61
N LEU B 125 -9.09 -10.00 -21.39
CA LEU B 125 -9.47 -10.93 -22.46
C LEU B 125 -10.19 -12.14 -21.89
N LEU B 126 -9.70 -12.66 -20.76
CA LEU B 126 -10.39 -13.76 -20.09
C LEU B 126 -11.81 -13.36 -19.73
N ALA B 127 -11.97 -12.17 -19.14
CA ALA B 127 -13.30 -11.72 -18.75
C ALA B 127 -14.22 -11.56 -19.95
N MET B 128 -13.66 -11.43 -21.16
CA MET B 128 -14.42 -11.29 -22.38
C MET B 128 -14.63 -12.63 -23.09
N GLY B 129 -14.33 -13.74 -22.43
CA GLY B 129 -14.64 -15.04 -22.97
C GLY B 129 -13.50 -15.74 -23.70
N VAL B 130 -12.32 -15.14 -23.76
CA VAL B 130 -11.20 -15.84 -24.38
C VAL B 130 -10.82 -17.00 -23.46
N PRO B 131 -10.84 -18.23 -23.95
CA PRO B 131 -10.57 -19.38 -23.07
C PRO B 131 -9.17 -19.33 -22.49
N ALA B 132 -9.06 -19.68 -21.20
CA ALA B 132 -7.77 -19.62 -20.51
C ALA B 132 -6.67 -20.37 -21.25
N ASP B 133 -6.97 -21.55 -21.81
CA ASP B 133 -5.93 -22.37 -22.40
C ASP B 133 -5.59 -21.98 -23.83
N ARG B 134 -6.31 -21.04 -24.42
CA ARG B 134 -5.87 -20.41 -25.67
C ARG B 134 -5.42 -18.96 -25.48
N LEU B 135 -5.43 -18.45 -24.25
CA LEU B 135 -5.18 -17.04 -24.00
C LEU B 135 -3.91 -16.55 -24.68
N HIS B 136 -2.79 -17.21 -24.39
CA HIS B 136 -1.51 -16.70 -24.87
C HIS B 136 -1.33 -16.90 -26.37
N ALA B 137 -1.86 -18.00 -26.92
CA ALA B 137 -1.73 -18.20 -28.35
C ALA B 137 -2.56 -17.18 -29.13
N SER B 138 -3.80 -16.94 -28.70
CA SER B 138 -4.63 -15.96 -29.42
C SER B 138 -4.03 -14.55 -29.33
N ILE B 139 -3.52 -14.18 -28.16
CA ILE B 139 -2.85 -12.87 -28.01
C ILE B 139 -1.72 -12.74 -29.02
N ALA B 140 -0.89 -13.79 -29.12
CA ALA B 140 0.24 -13.75 -30.04
C ALA B 140 -0.20 -13.71 -31.49
N GLU B 141 -1.26 -14.46 -31.84
CA GLU B 141 -1.79 -14.39 -33.20
C GLU B 141 -2.34 -13.00 -33.50
N VAL B 142 -3.19 -12.49 -32.61
CA VAL B 142 -3.87 -11.21 -32.84
C VAL B 142 -2.85 -10.07 -32.98
N SER B 143 -1.77 -10.12 -32.21
CA SER B 143 -0.83 -9.03 -32.09
C SER B 143 0.42 -9.20 -32.93
N ALA B 144 0.57 -10.33 -33.65
CA ALA B 144 1.85 -10.62 -34.30
C ALA B 144 2.27 -9.52 -35.25
N GLU B 145 1.33 -9.01 -36.06
CA GLU B 145 1.70 -7.99 -37.03
C GLU B 145 2.08 -6.68 -36.34
N TYR B 146 1.29 -6.26 -35.36
CA TYR B 146 1.62 -5.09 -34.56
C TYR B 146 3.00 -5.26 -33.90
N ARG B 147 3.24 -6.43 -33.32
CA ARG B 147 4.49 -6.67 -32.60
C ARG B 147 5.68 -6.58 -33.55
N ARG B 148 5.57 -7.21 -34.72
CA ARG B 148 6.66 -7.20 -35.68
C ARG B 148 6.89 -5.81 -36.27
N GLU B 149 5.80 -5.12 -36.63
CA GLU B 149 5.94 -3.88 -37.39
C GLU B 149 6.13 -2.65 -36.52
N VAL B 150 5.66 -2.68 -35.26
CA VAL B 150 5.62 -1.46 -34.47
C VAL B 150 6.42 -1.65 -33.20
N LEU B 151 6.03 -2.67 -32.42
CA LEU B 151 6.56 -2.87 -31.08
C LEU B 151 8.05 -3.15 -31.10
N GLU B 152 8.47 -4.16 -31.85
CA GLU B 152 9.89 -4.55 -31.85
C GLU B 152 10.82 -3.43 -32.30
N PRO B 153 10.53 -2.62 -33.32
CA PRO B 153 11.49 -1.56 -33.70
C PRO B 153 11.72 -0.51 -32.61
N ILE B 154 10.68 -0.02 -31.92
CA ILE B 154 10.92 0.99 -30.90
C ILE B 154 11.49 0.36 -29.62
N LEU B 155 10.99 -0.80 -29.23
CA LEU B 155 11.52 -1.45 -28.03
C LEU B 155 12.96 -1.90 -28.23
N ASP B 156 13.29 -2.37 -29.45
CA ASP B 156 14.68 -2.72 -29.71
C ASP B 156 15.59 -1.50 -29.62
N PHE B 157 15.07 -0.32 -29.97
CA PHE B 157 15.84 0.91 -29.85
C PHE B 157 16.16 1.22 -28.37
N ALA B 158 15.15 1.14 -27.51
CA ALA B 158 15.41 1.30 -26.08
C ALA B 158 16.43 0.26 -25.60
N LEU B 159 16.27 -0.98 -26.05
CA LEU B 159 17.09 -2.09 -25.55
C LEU B 159 18.56 -1.90 -25.91
N THR B 160 18.86 -1.64 -27.19
CA THR B 160 20.26 -1.50 -27.58
C THR B 160 20.88 -0.25 -26.98
N THR B 161 20.09 0.80 -26.76
CA THR B 161 20.63 2.00 -26.13
C THR B 161 21.14 1.68 -24.72
N VAL B 162 20.34 0.97 -23.91
CA VAL B 162 20.75 0.63 -22.56
C VAL B 162 21.74 -0.54 -22.56
N ARG B 163 21.36 -1.65 -23.17
CA ARG B 163 22.12 -2.88 -23.01
C ARG B 163 23.42 -2.84 -23.79
N ASP B 164 23.36 -2.43 -25.05
CA ASP B 164 24.52 -2.49 -25.92
C ASP B 164 25.36 -1.23 -25.85
N GLU B 165 24.73 -0.05 -25.80
CA GLU B 165 25.47 1.21 -25.71
C GLU B 165 25.80 1.61 -24.28
N GLY B 166 25.21 0.96 -23.29
CA GLY B 166 25.45 1.30 -21.91
C GLY B 166 25.03 2.70 -21.52
N ASP B 167 24.08 3.30 -22.25
CA ASP B 167 23.67 4.68 -21.99
C ASP B 167 22.37 4.67 -21.19
N PHE B 168 22.48 4.81 -19.87
CA PHE B 168 21.32 4.65 -19.00
C PHE B 168 20.31 5.80 -19.20
N VAL B 169 20.74 7.05 -19.04
CA VAL B 169 19.78 8.14 -19.18
C VAL B 169 19.33 8.28 -20.64
N GLY B 170 20.21 7.98 -21.60
CA GLY B 170 19.76 7.92 -22.98
C GLY B 170 18.63 6.93 -23.15
N GLY B 171 18.73 5.79 -22.47
CA GLY B 171 17.65 4.81 -22.52
C GLY B 171 16.40 5.29 -21.85
N VAL B 172 16.53 6.01 -20.72
CA VAL B 172 15.35 6.62 -20.11
C VAL B 172 14.73 7.63 -21.06
N ALA B 173 15.56 8.37 -21.81
CA ALA B 173 15.01 9.30 -22.77
C ALA B 173 14.24 8.55 -23.86
N VAL B 174 14.77 7.42 -24.34
CA VAL B 174 14.01 6.65 -25.31
C VAL B 174 12.69 6.21 -24.70
N PHE B 175 12.75 5.62 -23.52
CA PHE B 175 11.54 5.04 -22.95
C PHE B 175 10.51 6.12 -22.64
N THR B 176 10.93 7.27 -22.14
CA THR B 176 9.97 8.23 -21.64
C THR B 176 9.52 9.22 -22.70
N ILE B 177 10.37 9.53 -23.68
CA ILE B 177 10.02 10.44 -24.76
C ILE B 177 9.50 9.69 -25.98
N ILE B 178 10.26 8.70 -26.43
CA ILE B 178 9.97 8.04 -27.69
C ILE B 178 8.93 6.94 -27.52
N ILE B 179 8.79 6.35 -26.33
CA ILE B 179 7.87 5.22 -26.21
C ILE B 179 6.64 5.67 -25.44
N GLU B 180 6.75 5.79 -24.11
CA GLU B 180 5.56 6.13 -23.33
C GLU B 180 5.04 7.53 -23.66
N GLY B 181 5.91 8.47 -23.98
CA GLY B 181 5.45 9.80 -24.35
C GLY B 181 4.59 9.78 -25.60
N VAL B 182 4.92 8.90 -26.54
CA VAL B 182 4.14 8.77 -27.76
C VAL B 182 2.87 7.96 -27.55
N LEU B 183 2.89 6.98 -26.65
CA LEU B 183 1.76 6.08 -26.50
C LEU B 183 0.78 6.49 -25.41
N ALA B 184 1.20 7.32 -24.44
CA ALA B 184 0.28 7.68 -23.35
C ALA B 184 -0.96 8.42 -23.80
N PRO B 185 -0.93 9.33 -24.78
CA PRO B 185 -2.20 9.94 -25.21
C PRO B 185 -3.20 8.93 -25.73
N ALA B 186 -2.75 7.88 -26.42
CA ALA B 186 -3.67 6.83 -26.84
C ALA B 186 -4.31 6.13 -25.63
N ALA B 187 -3.55 5.97 -24.54
CA ALA B 187 -4.12 5.36 -23.33
C ALA B 187 -5.13 6.28 -22.66
N GLU B 188 -4.85 7.58 -22.61
CA GLU B 188 -5.84 8.54 -22.11
C GLU B 188 -7.12 8.43 -22.93
N LEU B 189 -6.98 8.40 -24.25
CA LEU B 189 -8.12 8.23 -25.14
C LEU B 189 -8.83 6.90 -24.90
N SER B 190 -8.05 5.82 -24.69
CA SER B 190 -8.65 4.51 -24.50
C SER B 190 -9.60 4.51 -23.30
N GLU B 191 -9.18 5.12 -22.19
CA GLU B 191 -10.03 5.18 -21.01
C GLU B 191 -11.31 5.97 -21.29
N ARG B 192 -11.20 7.05 -22.07
CA ARG B 192 -12.38 7.85 -22.39
C ARG B 192 -13.33 7.09 -23.31
N LYS B 193 -12.78 6.35 -24.29
CA LYS B 193 -13.63 5.60 -25.20
C LYS B 193 -14.38 4.48 -24.50
N TRP B 194 -13.77 3.87 -23.48
CA TRP B 194 -14.27 2.61 -22.94
C TRP B 194 -15.01 2.75 -21.62
N ASN B 195 -14.97 3.92 -20.98
CA ASN B 195 -15.48 4.06 -19.62
C ASN B 195 -16.90 3.56 -19.47
N LEU B 196 -17.77 3.86 -20.45
CA LEU B 196 -19.17 3.43 -20.39
C LEU B 196 -19.40 2.08 -21.08
N LEU B 197 -18.82 1.88 -22.25
CA LEU B 197 -19.06 0.65 -22.99
C LEU B 197 -18.51 -0.59 -22.28
N ASP B 198 -17.43 -0.43 -21.50
CA ASP B 198 -16.77 -1.55 -20.83
C ASP B 198 -16.15 -1.02 -19.56
N PRO B 199 -16.96 -0.83 -18.51
CA PRO B 199 -16.47 -0.16 -17.30
C PRO B 199 -15.30 -0.86 -16.65
N ALA B 200 -15.21 -2.19 -16.77
CA ALA B 200 -14.06 -2.91 -16.24
C ALA B 200 -12.79 -2.46 -16.94
N ALA B 201 -12.81 -2.43 -18.27
CA ALA B 201 -11.66 -1.93 -19.02
C ALA B 201 -11.38 -0.46 -18.68
N GLY B 202 -12.43 0.33 -18.50
CA GLY B 202 -12.24 1.73 -18.12
C GLY B 202 -11.54 1.87 -16.78
N ALA B 203 -11.90 1.02 -15.81
CA ALA B 203 -11.22 1.04 -14.52
C ALA B 203 -9.82 0.48 -14.62
N ILE B 204 -9.61 -0.51 -15.49
CA ILE B 204 -8.26 -1.01 -15.73
C ILE B 204 -7.37 0.12 -16.28
N ALA B 205 -7.90 0.89 -17.25
CA ALA B 205 -7.14 1.98 -17.85
C ALA B 205 -6.85 3.07 -16.82
N ARG B 206 -7.80 3.31 -15.92
CA ARG B 206 -7.65 4.35 -14.91
C ARG B 206 -6.47 4.05 -13.98
N GLY B 207 -6.40 2.82 -13.47
CA GLY B 207 -5.29 2.48 -12.59
C GLY B 207 -3.94 2.55 -13.29
N ALA B 208 -3.86 2.08 -14.54
CA ALA B 208 -2.63 2.17 -15.30
C ALA B 208 -2.29 3.62 -15.62
N ALA B 209 -3.30 4.47 -15.79
CA ALA B 209 -3.05 5.89 -16.02
C ALA B 209 -2.39 6.53 -14.81
N ILE B 210 -2.89 6.21 -13.62
CA ILE B 210 -2.28 6.76 -12.41
C ILE B 210 -0.82 6.31 -12.31
N ASP B 211 -0.54 5.03 -12.63
CA ASP B 211 0.84 4.58 -12.70
C ASP B 211 1.63 5.39 -13.71
N GLU B 212 1.04 5.59 -14.90
CA GLU B 212 1.76 6.25 -15.99
C GLU B 212 2.07 7.70 -15.68
N VAL B 213 1.24 8.38 -14.88
CA VAL B 213 1.61 9.73 -14.44
C VAL B 213 2.97 9.70 -13.77
N ARG B 214 3.19 8.72 -12.90
CA ARG B 214 4.47 8.57 -12.21
C ARG B 214 5.59 8.21 -13.19
N HIS B 215 5.37 7.19 -14.04
CA HIS B 215 6.39 6.81 -15.01
C HIS B 215 6.85 8.00 -15.83
N LEU B 216 5.88 8.76 -16.37
CA LEU B 216 6.25 9.88 -17.22
C LEU B 216 6.97 10.97 -16.43
N THR B 217 6.44 11.36 -15.28
CA THR B 217 7.07 12.50 -14.59
C THR B 217 8.39 12.10 -13.95
N VAL B 218 8.51 10.85 -13.48
CA VAL B 218 9.82 10.45 -12.94
C VAL B 218 10.83 10.33 -14.06
N GLY B 219 10.41 9.78 -15.20
CA GLY B 219 11.33 9.70 -16.33
C GLY B 219 11.80 11.07 -16.78
N SER B 220 10.88 12.04 -16.78
CA SER B 220 11.25 13.42 -17.10
C SER B 220 12.24 13.99 -16.07
N SER B 221 11.98 13.77 -14.77
CA SER B 221 12.92 14.22 -13.74
C SER B 221 14.30 13.63 -13.98
N VAL B 222 14.36 12.34 -14.35
CA VAL B 222 15.65 11.68 -14.53
C VAL B 222 16.44 12.37 -15.64
N VAL B 223 15.79 12.57 -16.80
CA VAL B 223 16.46 13.26 -17.88
C VAL B 223 16.81 14.69 -17.47
N ARG B 224 15.88 15.36 -16.79
CA ARG B 224 16.10 16.76 -16.42
C ARG B 224 17.33 16.92 -15.55
N ARG B 225 17.39 16.19 -14.42
CA ARG B 225 18.54 16.27 -13.53
C ARG B 225 19.84 15.90 -14.24
N HIS B 226 19.80 14.86 -15.06
CA HIS B 226 21.00 14.47 -15.80
C HIS B 226 21.53 15.61 -16.65
N LEU B 227 20.65 16.25 -17.43
CA LEU B 227 21.09 17.34 -18.30
C LEU B 227 21.56 18.53 -17.49
N LEU B 228 20.93 18.79 -16.34
CA LEU B 228 21.42 19.87 -15.48
C LEU B 228 22.84 19.57 -15.01
N ARG B 229 23.13 18.33 -14.65
CA ARG B 229 24.46 17.99 -14.17
C ARG B 229 25.47 17.86 -15.29
N ARG B 230 25.03 17.52 -16.50
CA ARG B 230 25.94 17.29 -17.63
C ARG B 230 25.39 17.98 -18.86
N PRO B 231 25.45 19.31 -18.91
CA PRO B 231 24.93 20.04 -20.08
C PRO B 231 25.50 19.55 -21.38
N GLU B 232 26.74 19.05 -21.39
CA GLU B 232 27.31 18.56 -22.64
C GLU B 232 26.59 17.31 -23.16
N ARG B 233 25.69 16.73 -22.37
CA ARG B 233 24.92 15.58 -22.87
C ARG B 233 23.70 15.98 -23.68
N LYS B 234 23.48 17.28 -23.93
CA LYS B 234 22.30 17.70 -24.68
C LYS B 234 22.31 17.13 -26.09
N ALA B 235 23.45 17.22 -26.77
CA ALA B 235 23.52 16.71 -28.13
C ALA B 235 23.19 15.22 -28.19
N ALA B 236 23.66 14.45 -27.20
CA ALA B 236 23.39 13.02 -27.20
C ALA B 236 21.89 12.75 -27.12
N LEU B 237 21.20 13.46 -26.23
CA LEU B 237 19.78 13.20 -26.04
C LEU B 237 18.95 13.71 -27.22
N LEU B 238 19.33 14.87 -27.78
CA LEU B 238 18.68 15.35 -29.00
C LEU B 238 18.83 14.34 -30.12
N ASP B 239 20.02 13.75 -30.27
CA ASP B 239 20.23 12.77 -31.33
C ASP B 239 19.43 11.49 -31.09
N ILE B 240 19.21 11.13 -29.83
CA ILE B 240 18.36 9.97 -29.53
C ILE B 240 16.90 10.28 -29.89
N VAL B 241 16.41 11.47 -29.49
CA VAL B 241 15.07 11.89 -29.89
C VAL B 241 14.94 11.89 -31.40
N ARG B 242 15.96 12.39 -32.09
CA ARG B 242 15.98 12.37 -33.55
C ARG B 242 15.89 10.96 -34.10
N ARG B 243 16.76 10.07 -33.61
CA ARG B 243 16.73 8.70 -34.10
C ARG B 243 15.39 8.04 -33.82
N GLY B 244 14.80 8.31 -32.67
CA GLY B 244 13.51 7.71 -32.35
C GLY B 244 12.39 8.19 -33.26
N ARG B 245 12.36 9.49 -33.55
CA ARG B 245 11.39 10.04 -34.50
C ARG B 245 11.57 9.41 -35.87
N GLU B 246 12.82 9.20 -36.28
CA GLU B 246 13.10 8.53 -37.54
C GLU B 246 12.52 7.11 -37.57
N ILE B 247 12.65 6.40 -36.44
CA ILE B 247 12.10 5.05 -36.36
C ILE B 247 10.57 5.09 -36.46
N TRP B 248 9.92 5.99 -35.71
CA TRP B 248 8.47 6.14 -35.85
C TRP B 248 8.10 6.50 -37.28
N ASP B 249 8.84 7.42 -37.90
CA ASP B 249 8.55 7.81 -39.29
C ASP B 249 8.50 6.59 -40.20
N GLY B 250 9.29 5.56 -39.92
CA GLY B 250 9.29 4.36 -40.71
C GLY B 250 8.33 3.28 -40.28
N ILE B 251 7.53 3.53 -39.25
CA ILE B 251 6.65 2.54 -38.62
C ILE B 251 5.23 2.75 -39.09
N PRO B 252 4.49 1.69 -39.46
CA PRO B 252 3.11 1.86 -39.94
C PRO B 252 2.09 1.91 -38.79
N ASP B 253 2.32 2.79 -37.83
CA ASP B 253 1.46 2.80 -36.64
C ASP B 253 0.06 3.29 -36.98
N ARG B 254 -0.05 4.26 -37.89
CA ARG B 254 -1.35 4.77 -38.28
C ARG B 254 -2.26 3.67 -38.79
N LYS B 255 -1.72 2.74 -39.57
CA LYS B 255 -2.50 1.61 -40.06
C LYS B 255 -3.09 0.82 -38.90
N HIS B 256 -2.24 0.48 -37.90
CA HIS B 256 -2.71 -0.35 -36.81
C HIS B 256 -3.70 0.39 -35.91
N VAL B 257 -3.49 1.69 -35.71
CA VAL B 257 -4.46 2.47 -34.92
C VAL B 257 -5.81 2.51 -35.63
N LEU B 258 -5.83 2.91 -36.91
CA LEU B 258 -7.10 3.06 -37.61
C LEU B 258 -7.83 1.74 -37.75
N ARG B 259 -7.09 0.64 -37.74
CA ARG B 259 -7.69 -0.69 -37.86
C ARG B 259 -8.57 -1.02 -36.67
N ARG B 260 -8.05 -0.84 -35.44
CA ARG B 260 -8.88 -1.06 -34.27
C ARG B 260 -9.88 0.09 -34.06
N GLU B 261 -9.58 1.28 -34.57
CA GLU B 261 -10.54 2.37 -34.45
C GLU B 261 -11.76 2.14 -35.35
N GLU B 262 -11.56 1.52 -36.51
CA GLU B 262 -12.68 1.16 -37.38
C GLU B 262 -13.55 0.11 -36.72
N LEU B 263 -12.93 -0.92 -36.15
CA LEU B 263 -13.69 -1.92 -35.39
C LEU B 263 -14.48 -1.25 -34.29
N PHE B 264 -13.85 -0.35 -33.54
CA PHE B 264 -14.56 0.36 -32.47
C PHE B 264 -15.71 1.18 -33.04
N GLN B 265 -15.48 1.86 -34.15
CA GLN B 265 -16.55 2.62 -34.79
C GLN B 265 -17.76 1.74 -35.07
N ALA B 266 -17.52 0.60 -35.72
CA ALA B 266 -18.58 -0.38 -35.96
C ALA B 266 -19.21 -0.86 -34.67
N GLY B 267 -18.40 -1.01 -33.61
CA GLY B 267 -18.93 -1.47 -32.34
C GLY B 267 -19.91 -0.49 -31.71
N MET B 268 -19.54 0.80 -31.65
CA MET B 268 -20.45 1.74 -31.02
C MET B 268 -21.66 2.06 -31.90
N ARG B 269 -21.57 1.81 -33.21
CA ARG B 269 -22.77 1.89 -34.05
C ARG B 269 -23.84 0.90 -33.61
N GLU B 270 -23.44 -0.22 -32.99
CA GLU B 270 -24.41 -1.16 -32.42
C GLU B 270 -24.92 -0.75 -31.03
N HIS B 271 -24.47 0.38 -30.48
CA HIS B 271 -24.78 0.72 -29.10
C HIS B 271 -25.10 2.19 -28.91
N ALA B 272 -25.71 2.82 -29.92
CA ALA B 272 -25.96 4.26 -29.87
C ALA B 272 -26.84 4.63 -28.69
N ASP B 273 -27.81 3.76 -28.35
CA ASP B 273 -28.69 4.04 -27.22
C ASP B 273 -27.89 4.21 -25.94
N LEU B 274 -26.91 3.33 -25.73
CA LEU B 274 -26.13 3.33 -24.49
C LEU B 274 -25.23 4.55 -24.39
N LEU B 275 -24.84 5.11 -25.54
CA LEU B 275 -23.89 6.22 -25.57
C LEU B 275 -24.52 7.59 -25.64
N ALA B 276 -25.85 7.69 -25.69
CA ALA B 276 -26.50 9.00 -25.78
C ALA B 276 -26.00 9.92 -24.68
N GLY B 277 -25.57 11.12 -25.07
CA GLY B 277 -25.04 12.08 -24.12
C GLY B 277 -23.60 11.88 -23.72
N TYR B 278 -22.97 10.77 -24.07
CA TYR B 278 -21.63 10.48 -23.58
C TYR B 278 -20.58 11.21 -24.42
N GLU B 279 -19.80 12.06 -23.76
CA GLU B 279 -18.75 12.84 -24.40
C GLU B 279 -17.39 12.22 -24.19
N VAL B 280 -16.59 12.15 -25.26
CA VAL B 280 -15.25 11.59 -25.16
C VAL B 280 -14.24 12.66 -24.71
N TRP B 281 -14.43 13.91 -25.10
CA TRP B 281 -13.74 15.05 -24.49
C TRP B 281 -14.75 16.20 -24.50
N PRO B 282 -14.49 17.31 -23.81
CA PRO B 282 -15.55 18.32 -23.63
C PRO B 282 -16.19 18.85 -24.91
N GLY B 283 -17.52 18.75 -24.97
CA GLY B 283 -18.25 19.24 -26.12
C GLY B 283 -18.24 18.32 -27.31
N GLN B 284 -17.74 17.10 -27.17
CA GLN B 284 -17.66 16.17 -28.29
C GLN B 284 -18.30 14.86 -27.89
N PRO B 285 -19.50 14.55 -28.38
CA PRO B 285 -20.07 13.22 -28.13
C PRO B 285 -19.19 12.15 -28.77
N LEU B 286 -18.99 11.06 -28.04
CA LEU B 286 -18.17 9.97 -28.57
C LEU B 286 -18.76 9.41 -29.85
N LEU B 287 -20.09 9.27 -29.89
CA LEU B 287 -20.74 8.63 -31.02
C LEU B 287 -20.47 9.33 -32.34
N SER B 288 -20.31 10.66 -32.32
CA SER B 288 -20.11 11.40 -33.55
C SER B 288 -18.64 11.62 -33.89
N THR B 289 -17.72 11.00 -33.16
CA THR B 289 -16.34 11.04 -33.62
C THR B 289 -16.13 10.01 -34.72
N THR B 290 -15.15 10.24 -35.56
CA THR B 290 -14.71 9.24 -36.52
C THR B 290 -13.39 8.63 -36.08
N PRO B 291 -12.97 7.52 -36.70
CA PRO B 291 -11.63 6.98 -36.45
C PRO B 291 -10.53 8.02 -36.63
N GLU B 292 -10.48 8.65 -37.81
CA GLU B 292 -9.44 9.62 -38.10
C GLU B 292 -9.49 10.78 -37.13
N GLN B 293 -10.68 11.18 -36.69
CA GLN B 293 -10.78 12.28 -35.75
C GLN B 293 -10.22 11.90 -34.38
N ARG B 294 -10.45 10.66 -33.95
CA ARG B 294 -9.88 10.20 -32.68
C ARG B 294 -8.37 10.01 -32.77
N TYR B 295 -7.89 9.47 -33.89
CA TYR B 295 -6.45 9.40 -34.14
C TYR B 295 -5.83 10.79 -34.12
N ALA B 296 -6.42 11.74 -34.84
CA ALA B 296 -5.84 13.08 -34.89
C ALA B 296 -5.84 13.74 -33.52
N MET B 297 -6.86 13.48 -32.71
CA MET B 297 -6.91 14.11 -31.39
C MET B 297 -5.82 13.57 -30.48
N ALA B 298 -5.56 12.26 -30.55
CA ALA B 298 -4.44 11.68 -29.81
C ALA B 298 -3.11 12.28 -30.28
N GLU B 299 -2.97 12.45 -31.59
CA GLU B 299 -1.77 13.10 -32.12
C GLU B 299 -1.60 14.51 -31.57
N GLN B 300 -2.68 15.30 -31.54
CA GLN B 300 -2.61 16.65 -30.97
C GLN B 300 -2.22 16.59 -29.50
N TRP B 301 -2.81 15.65 -28.75
CA TRP B 301 -2.45 15.51 -27.34
C TRP B 301 -0.98 15.17 -27.18
N THR B 302 -0.48 14.27 -28.03
CA THR B 302 0.95 13.95 -28.00
C THR B 302 1.80 15.20 -28.12
N ASP B 303 1.51 16.05 -29.11
CA ASP B 303 2.30 17.26 -29.34
C ASP B 303 2.24 18.19 -28.14
N ARG B 304 1.04 18.41 -27.58
CA ARG B 304 0.95 19.33 -26.46
C ARG B 304 1.70 18.79 -25.25
N MET B 305 1.58 17.49 -24.97
CA MET B 305 2.29 16.93 -23.82
C MET B 305 3.79 16.99 -24.05
N ALA B 306 4.25 16.55 -25.22
CA ALA B 306 5.67 16.53 -25.51
C ALA B 306 6.28 17.91 -25.34
N ALA B 307 5.61 18.95 -25.85
CA ALA B 307 6.09 20.32 -25.69
C ALA B 307 6.29 20.65 -24.22
N ALA B 308 5.29 20.36 -23.39
CA ALA B 308 5.41 20.65 -21.97
C ALA B 308 6.50 19.81 -21.32
N ARG B 309 6.66 18.56 -21.76
CA ARG B 309 7.64 17.70 -21.12
C ARG B 309 9.06 18.00 -21.60
N LEU B 310 9.25 18.23 -22.90
CA LEU B 310 10.58 18.52 -23.38
C LEU B 310 11.11 19.84 -22.82
N VAL B 311 10.23 20.79 -22.52
CA VAL B 311 10.70 22.02 -21.88
C VAL B 311 11.09 21.74 -20.43
N HIS B 312 10.26 21.01 -19.69
CA HIS B 312 10.62 20.69 -18.31
C HIS B 312 11.95 19.91 -18.23
N MET B 313 12.23 19.06 -19.23
CA MET B 313 13.46 18.27 -19.29
C MET B 313 14.67 19.05 -19.77
N GLY B 314 14.47 20.22 -20.37
CA GLY B 314 15.61 20.95 -20.92
C GLY B 314 15.96 20.58 -22.32
N LEU B 315 15.03 20.01 -23.09
CA LEU B 315 15.26 19.67 -24.48
C LEU B 315 14.28 20.42 -25.40
N PRO B 316 14.15 21.75 -25.27
CA PRO B 316 13.17 22.46 -26.12
C PRO B 316 13.45 22.30 -27.60
N GLU B 317 14.72 22.07 -27.98
CA GLU B 317 15.05 21.83 -29.38
C GLU B 317 14.35 20.61 -29.94
N ALA B 318 14.02 19.63 -29.09
CA ALA B 318 13.37 18.42 -29.57
C ALA B 318 11.91 18.64 -29.94
N ILE B 319 11.34 19.81 -29.64
CA ILE B 319 9.90 19.99 -29.83
C ILE B 319 9.54 19.91 -31.32
N ASP B 320 10.34 20.53 -32.19
CA ASP B 320 10.09 20.43 -33.62
C ASP B 320 10.59 19.12 -34.22
N LEU B 321 11.44 18.37 -33.52
CA LEU B 321 11.88 17.06 -34.02
C LEU B 321 10.72 16.07 -34.06
N LEU B 322 9.89 16.04 -33.01
CA LEU B 322 8.77 15.11 -32.89
C LEU B 322 7.43 15.71 -33.30
N ARG B 323 7.44 16.83 -34.04
CA ARG B 323 6.20 17.49 -34.47
C ARG B 323 5.32 16.53 -35.27
N LEU B 324 4.10 16.30 -34.77
CA LEU B 324 3.15 15.37 -35.37
C LEU B 324 2.04 16.05 -36.17
N THR B 325 1.47 17.16 -35.68
CA THR B 325 0.29 17.76 -36.32
C THR B 325 0.63 18.43 -37.64
N ASP B 326 1.70 19.23 -37.67
CA ASP B 326 2.07 20.00 -38.87
C ASP B 326 0.98 20.98 -39.28
N PRO C 4 -26.11 16.41 -16.72
CA PRO C 4 -26.37 17.70 -17.38
C PRO C 4 -25.36 18.82 -17.04
N ILE C 5 -24.59 18.69 -15.96
CA ILE C 5 -23.55 19.64 -15.62
C ILE C 5 -22.24 19.18 -16.30
N PRO C 6 -21.62 19.98 -17.15
CA PRO C 6 -20.43 19.52 -17.87
C PRO C 6 -19.32 19.11 -16.92
N ALA C 7 -18.55 18.12 -17.35
CA ALA C 7 -17.46 17.62 -16.53
C ALA C 7 -16.45 18.73 -16.21
N GLU C 8 -16.18 19.62 -17.18
CA GLU C 8 -15.13 20.61 -16.95
C GLU C 8 -15.57 21.76 -16.06
N THR C 9 -16.86 21.88 -15.75
CA THR C 9 -17.29 22.90 -14.79
C THR C 9 -17.84 22.32 -13.50
N GLY C 10 -17.97 21.01 -13.39
CA GLY C 10 -18.56 20.42 -12.19
C GLY C 10 -17.65 20.60 -10.99
N TRP C 11 -18.24 21.02 -9.85
CA TRP C 11 -17.44 21.28 -8.66
C TRP C 11 -16.49 20.13 -8.36
N ASP C 12 -16.95 18.90 -8.53
CA ASP C 12 -16.13 17.74 -8.24
C ASP C 12 -15.37 17.22 -9.45
N SER C 13 -15.96 17.29 -10.65
CA SER C 13 -15.36 16.69 -11.82
C SER C 13 -14.33 17.58 -12.50
N ALA C 14 -14.42 18.90 -12.33
CA ALA C 14 -13.54 19.78 -13.08
C ALA C 14 -12.08 19.51 -12.72
N PRO C 15 -11.18 19.64 -13.69
CA PRO C 15 -9.74 19.59 -13.39
C PRO C 15 -9.34 20.74 -12.47
N GLY C 16 -8.13 20.62 -11.94
CA GLY C 16 -7.48 21.76 -11.30
C GLY C 16 -7.07 22.82 -12.31
N LEU C 17 -6.59 23.95 -11.77
CA LEU C 17 -6.29 25.11 -12.59
C LEU C 17 -5.23 24.79 -13.64
N LEU C 18 -4.03 24.43 -13.18
CA LEU C 18 -2.95 24.11 -14.12
C LEU C 18 -3.26 22.87 -14.93
N GLU C 19 -3.88 21.86 -14.32
CA GLU C 19 -4.26 20.65 -15.05
C GLU C 19 -5.14 21.00 -16.23
N GLY C 20 -6.22 21.74 -15.99
CA GLY C 20 -7.16 22.04 -17.06
C GLY C 20 -6.55 22.96 -18.11
N ALA C 21 -5.78 23.95 -17.66
CA ALA C 21 -5.20 24.95 -18.55
C ALA C 21 -4.22 24.33 -19.54
N MET C 22 -3.63 23.20 -19.16
CA MET C 22 -2.65 22.54 -20.02
C MET C 22 -3.24 21.46 -20.89
N THR C 23 -4.48 21.06 -20.62
CA THR C 23 -5.03 19.91 -21.32
C THR C 23 -6.29 20.22 -22.12
N LEU C 24 -7.08 21.20 -21.72
CA LEU C 24 -8.36 21.42 -22.39
C LEU C 24 -8.22 22.38 -23.56
N ASP C 25 -9.22 22.38 -24.43
CA ASP C 25 -9.21 23.13 -25.67
C ASP C 25 -10.53 23.87 -25.90
N LEU C 26 -11.11 24.41 -24.83
CA LEU C 26 -12.39 25.12 -24.94
C LEU C 26 -12.30 26.29 -25.90
N THR C 27 -13.37 26.49 -26.67
CA THR C 27 -13.51 27.59 -27.62
C THR C 27 -14.54 28.57 -27.12
N PRO C 28 -14.50 29.84 -27.55
CA PRO C 28 -15.57 30.76 -27.15
C PRO C 28 -16.95 30.35 -27.65
N GLU C 29 -17.08 29.73 -28.84
CA GLU C 29 -18.39 29.29 -29.31
C GLU C 29 -18.96 28.21 -28.41
N GLN C 30 -18.10 27.32 -27.92
CA GLN C 30 -18.55 26.31 -26.98
C GLN C 30 -18.95 26.93 -25.65
N CYS C 31 -18.17 27.89 -25.16
CA CYS C 31 -18.44 28.49 -23.84
C CYS C 31 -19.27 29.76 -23.98
N ASP C 32 -20.46 29.63 -24.55
CA ASP C 32 -21.28 30.80 -24.78
C ASP C 32 -22.09 31.10 -23.52
N LEU C 33 -22.94 32.13 -23.62
CA LEU C 33 -23.64 32.63 -22.44
C LEU C 33 -24.63 31.61 -21.89
N GLY C 34 -25.25 30.82 -22.77
CA GLY C 34 -26.12 29.75 -22.29
C GLY C 34 -25.36 28.65 -21.59
N TYR C 35 -24.17 28.28 -22.12
CA TYR C 35 -23.28 27.35 -21.44
C TYR C 35 -22.84 27.87 -20.08
N TRP C 36 -22.60 29.18 -19.98
CA TRP C 36 -22.15 29.73 -18.71
C TRP C 36 -23.31 29.78 -17.70
N LEU C 37 -24.49 30.23 -18.13
CA LEU C 37 -25.63 30.27 -17.23
C LEU C 37 -25.97 28.88 -16.70
N ARG C 38 -25.97 27.88 -17.57
CA ARG C 38 -26.36 26.53 -17.17
C ARG C 38 -25.25 25.81 -16.40
N GLY C 39 -24.01 25.88 -16.87
CA GLY C 39 -22.96 25.05 -16.31
C GLY C 39 -22.10 25.71 -15.26
N VAL C 40 -22.10 27.04 -15.20
CA VAL C 40 -21.32 27.77 -14.21
C VAL C 40 -22.22 28.39 -13.16
N ALA C 41 -23.07 29.34 -13.56
CA ALA C 41 -23.94 29.99 -12.59
C ALA C 41 -24.87 29.01 -11.91
N GLN C 42 -25.27 27.95 -12.62
CA GLN C 42 -26.13 26.93 -12.06
C GLN C 42 -25.42 25.60 -11.92
N GLY C 43 -24.13 25.55 -12.22
CA GLY C 43 -23.35 24.35 -12.05
C GLY C 43 -22.30 24.58 -11.00
N THR C 44 -21.14 25.10 -11.43
CA THR C 44 -20.03 25.34 -10.51
C THR C 44 -20.47 26.11 -9.27
N LEU C 45 -21.31 27.12 -9.44
CA LEU C 45 -21.65 28.03 -8.38
C LEU C 45 -22.90 27.60 -7.60
N ALA C 46 -23.40 26.40 -7.84
CA ALA C 46 -24.57 25.91 -7.11
C ALA C 46 -24.25 25.85 -5.62
N GLY C 47 -25.07 26.53 -4.81
CA GLY C 47 -24.83 26.59 -3.39
C GLY C 47 -23.70 27.50 -2.95
N ARG C 48 -23.14 28.30 -3.87
CA ARG C 48 -21.95 29.10 -3.59
C ARG C 48 -22.03 30.49 -4.17
N ALA C 49 -23.25 31.00 -4.39
CA ALA C 49 -23.39 32.26 -5.11
C ALA C 49 -22.83 33.44 -4.31
N GLU C 50 -23.09 33.46 -3.00
CA GLU C 50 -22.84 34.67 -2.23
C GLU C 50 -21.40 34.81 -1.74
N THR C 51 -20.75 33.70 -1.39
CA THR C 51 -19.45 33.73 -0.76
C THR C 51 -18.42 32.85 -1.44
N GLY C 52 -18.81 31.98 -2.37
CA GLY C 52 -17.91 31.05 -2.97
C GLY C 52 -17.78 29.73 -2.24
N HIS C 53 -18.30 29.63 -1.02
CA HIS C 53 -18.17 28.40 -0.26
C HIS C 53 -19.49 28.10 0.45
N THR C 54 -19.56 26.94 1.09
CA THR C 54 -20.74 26.51 1.82
C THR C 54 -20.46 26.51 3.32
N ASP C 55 -21.53 26.31 4.10
CA ASP C 55 -21.41 26.17 5.56
C ASP C 55 -20.39 25.09 5.93
N ALA C 56 -20.22 24.08 5.08
CA ALA C 56 -19.27 23.00 5.35
C ALA C 56 -17.81 23.40 5.12
N GLU C 57 -17.55 24.61 4.60
CA GLU C 57 -16.21 25.07 4.26
C GLU C 57 -15.98 26.34 5.08
N PRO C 58 -15.58 26.18 6.33
CA PRO C 58 -15.58 27.31 7.27
C PRO C 58 -14.38 28.22 7.08
N THR C 59 -14.55 29.45 7.56
CA THR C 59 -13.41 30.30 7.88
C THR C 59 -13.09 30.08 9.34
N PRO C 60 -11.94 29.48 9.67
CA PRO C 60 -11.68 29.13 11.07
C PRO C 60 -11.41 30.36 11.93
N GLU C 61 -11.64 30.19 13.24
CA GLU C 61 -11.45 31.29 14.17
C GLU C 61 -10.01 31.78 14.15
N HIS C 62 -9.04 30.90 13.87
CA HIS C 62 -7.67 31.37 13.82
C HIS C 62 -7.40 32.30 12.63
N MET C 63 -8.32 32.38 11.66
CA MET C 63 -8.20 33.37 10.62
C MET C 63 -8.82 34.72 10.99
N ARG C 64 -9.57 34.79 12.10
CA ARG C 64 -10.00 36.06 12.66
C ARG C 64 -9.07 36.57 13.75
N ALA C 65 -8.10 35.77 14.18
CA ALA C 65 -7.20 36.17 15.24
C ALA C 65 -6.04 36.97 14.67
N ASP C 66 -5.68 38.05 15.37
CA ASP C 66 -4.57 38.88 14.93
C ASP C 66 -3.29 38.06 14.95
N GLY C 67 -2.54 38.11 13.85
CA GLY C 67 -1.34 37.31 13.75
C GLY C 67 -0.87 37.22 12.32
N PRO C 68 0.30 36.60 12.12
CA PRO C 68 0.88 36.63 10.76
C PRO C 68 0.11 35.79 9.76
N LEU C 69 -0.59 34.73 10.18
CA LEU C 69 -1.33 33.93 9.21
C LEU C 69 -2.51 34.72 8.67
N ARG C 70 -3.28 35.35 9.55
CA ARG C 70 -4.33 36.25 9.11
C ARG C 70 -3.76 37.38 8.26
N ASP C 71 -2.61 37.95 8.67
CA ASP C 71 -1.99 39.02 7.89
C ASP C 71 -1.63 38.55 6.49
N ALA C 72 -1.09 37.34 6.37
CA ALA C 72 -0.78 36.79 5.05
C ALA C 72 -2.01 36.75 4.15
N GLN C 73 -3.14 36.28 4.70
CA GLN C 73 -4.36 36.18 3.92
C GLN C 73 -4.96 37.56 3.63
N VAL C 74 -4.92 38.46 4.61
CA VAL C 74 -5.44 39.80 4.37
C VAL C 74 -4.68 40.48 3.24
N LEU C 75 -3.34 40.37 3.26
CA LEU C 75 -2.54 40.99 2.21
C LEU C 75 -2.82 40.34 0.85
N GLU C 76 -2.81 39.00 0.80
CA GLU C 76 -3.02 38.32 -0.48
C GLU C 76 -4.39 38.65 -1.06
N LEU C 77 -5.46 38.59 -0.26
CA LEU C 77 -6.80 38.75 -0.80
C LEU C 77 -7.18 40.20 -1.03
N SER C 78 -6.64 41.15 -0.26
CA SER C 78 -6.75 42.55 -0.62
C SER C 78 -6.19 42.78 -2.02
N CYS C 79 -4.98 42.27 -2.27
CA CYS C 79 -4.36 42.43 -3.58
C CYS C 79 -5.17 41.74 -4.68
N ARG C 80 -5.60 40.49 -4.43
CA ARG C 80 -6.38 39.78 -5.44
C ARG C 80 -7.70 40.47 -5.70
N SER C 81 -8.40 40.91 -4.63
CA SER C 81 -9.69 41.55 -4.85
C SER C 81 -9.55 42.79 -5.73
N VAL C 82 -8.52 43.59 -5.52
CA VAL C 82 -8.33 44.79 -6.32
C VAL C 82 -7.91 44.43 -7.74
N ALA C 83 -7.03 43.45 -7.86
CA ALA C 83 -6.64 42.95 -9.18
C ALA C 83 -7.87 42.52 -9.99
N GLU C 84 -8.76 41.75 -9.38
CA GLU C 84 -9.91 41.24 -10.12
C GLU C 84 -10.88 42.37 -10.47
N ALA C 85 -11.06 43.32 -9.55
CA ALA C 85 -11.91 44.48 -9.85
C ALA C 85 -11.36 45.26 -11.03
N GLN C 86 -10.06 45.54 -11.02
CA GLN C 86 -9.47 46.25 -12.15
C GLN C 86 -9.49 45.40 -13.42
N ALA C 87 -9.36 44.09 -13.31
CA ALA C 87 -9.46 43.24 -14.50
C ALA C 87 -10.86 43.32 -15.11
N THR C 88 -11.89 43.38 -14.26
CA THR C 88 -13.26 43.58 -14.76
C THR C 88 -13.37 44.85 -15.60
N ARG C 89 -12.81 45.96 -15.10
CA ARG C 89 -12.89 47.21 -15.84
C ARG C 89 -12.16 47.12 -17.17
N VAL C 90 -11.01 46.44 -17.19
CA VAL C 90 -10.30 46.31 -18.45
C VAL C 90 -11.06 45.41 -19.40
N LEU C 91 -11.60 44.29 -18.91
CA LEU C 91 -12.32 43.36 -19.77
C LEU C 91 -13.58 43.98 -20.37
N ALA C 92 -14.14 45.01 -19.75
CA ALA C 92 -15.27 45.72 -20.35
C ALA C 92 -14.94 46.20 -21.76
N HIS C 93 -13.71 46.64 -22.00
CA HIS C 93 -13.31 47.06 -23.34
C HIS C 93 -13.25 45.89 -24.31
N TYR C 94 -12.88 44.70 -23.81
CA TYR C 94 -12.90 43.52 -24.68
C TYR C 94 -14.32 43.19 -25.10
N VAL C 95 -15.28 43.34 -24.19
CA VAL C 95 -16.68 43.20 -24.58
C VAL C 95 -17.07 44.31 -25.56
N ALA C 96 -16.76 45.55 -25.22
CA ALA C 96 -17.13 46.67 -26.11
C ALA C 96 -16.63 46.44 -27.53
N GLN C 97 -15.42 45.92 -27.68
CA GLN C 97 -14.78 45.79 -28.98
C GLN C 97 -14.76 44.37 -29.50
N ALA C 98 -15.55 43.46 -28.92
CA ALA C 98 -15.57 42.10 -29.41
C ALA C 98 -15.93 42.09 -30.90
N PRO C 99 -15.19 41.34 -31.74
CA PRO C 99 -15.44 41.40 -33.18
C PRO C 99 -16.79 40.86 -33.60
N ASP C 100 -17.38 39.91 -32.87
CA ASP C 100 -18.75 39.53 -33.17
C ASP C 100 -19.37 38.86 -31.95
N ILE C 101 -20.51 38.19 -32.16
CA ILE C 101 -21.33 37.78 -31.03
C ILE C 101 -20.66 36.69 -30.22
N VAL C 102 -19.93 35.78 -30.87
CA VAL C 102 -19.25 34.70 -30.16
C VAL C 102 -18.33 35.28 -29.08
N GLU C 103 -17.49 36.25 -29.46
CA GLU C 103 -16.58 36.88 -28.50
C GLU C 103 -17.32 37.79 -27.54
N LEU C 104 -18.35 38.50 -28.02
CA LEU C 104 -19.17 39.32 -27.14
C LEU C 104 -19.71 38.50 -25.97
N GLU C 105 -20.35 37.37 -26.28
CA GLU C 105 -20.91 36.54 -25.21
C GLU C 105 -19.82 35.98 -24.31
N PHE C 106 -18.73 35.44 -24.88
CA PHE C 106 -17.73 34.82 -24.02
C PHE C 106 -17.08 35.84 -23.10
N PHE C 107 -16.64 36.98 -23.63
CA PHE C 107 -15.94 37.89 -22.72
C PHE C 107 -16.89 38.58 -21.77
N THR C 108 -18.18 38.61 -22.09
CA THR C 108 -19.17 38.99 -21.08
C THR C 108 -19.17 38.00 -19.91
N THR C 109 -19.10 36.70 -20.18
CA THR C 109 -19.05 35.74 -19.07
C THR C 109 -17.73 35.85 -18.30
N GLN C 110 -16.62 36.07 -19.00
CA GLN C 110 -15.39 36.27 -18.25
C GLN C 110 -15.45 37.54 -17.42
N LEU C 111 -16.06 38.61 -17.97
CA LEU C 111 -16.18 39.84 -17.21
C LEU C 111 -16.93 39.61 -15.89
N VAL C 112 -18.04 38.87 -15.94
CA VAL C 112 -18.78 38.65 -14.70
C VAL C 112 -18.03 37.68 -13.80
N ASP C 113 -17.29 36.70 -14.36
CA ASP C 113 -16.44 35.84 -13.52
C ASP C 113 -15.45 36.66 -12.70
N GLU C 114 -14.75 37.60 -13.34
CA GLU C 114 -13.73 38.33 -12.59
C GLU C 114 -14.35 39.25 -11.54
N ALA C 115 -15.53 39.80 -11.84
CA ALA C 115 -16.22 40.59 -10.83
C ALA C 115 -16.63 39.71 -9.66
N ARG C 116 -17.07 38.48 -9.96
CA ARG C 116 -17.37 37.53 -8.91
C ARG C 116 -16.12 37.18 -8.10
N HIS C 117 -14.99 36.96 -8.76
CA HIS C 117 -13.76 36.67 -8.02
C HIS C 117 -13.42 37.80 -7.08
N SER C 118 -13.41 39.03 -7.59
CA SER C 118 -13.26 40.21 -6.75
C SER C 118 -14.21 40.15 -5.56
N MET C 119 -15.47 39.78 -5.80
CA MET C 119 -16.46 39.83 -4.73
C MET C 119 -16.16 38.81 -3.65
N VAL C 120 -15.86 37.56 -4.04
CA VAL C 120 -15.69 36.54 -3.01
C VAL C 120 -14.37 36.75 -2.26
N PHE C 121 -13.34 37.27 -2.92
CA PHE C 121 -12.11 37.61 -2.18
C PHE C 121 -12.37 38.70 -1.15
N ARG C 122 -13.09 39.75 -1.57
CA ARG C 122 -13.45 40.84 -0.68
C ARG C 122 -14.29 40.34 0.50
N ARG C 123 -15.27 39.47 0.23
CA ARG C 123 -16.14 39.00 1.29
C ARG C 123 -15.41 38.10 2.27
N HIS C 124 -14.36 37.40 1.82
CA HIS C 124 -13.58 36.61 2.76
C HIS C 124 -12.83 37.48 3.76
N LEU C 125 -12.44 38.69 3.37
CA LEU C 125 -11.86 39.62 4.33
C LEU C 125 -12.86 39.93 5.44
N LEU C 126 -14.13 40.14 5.08
CA LEU C 126 -15.17 40.31 6.09
C LEU C 126 -15.21 39.10 7.03
N ALA C 127 -15.11 37.88 6.47
CA ALA C 127 -15.10 36.68 7.31
C ALA C 127 -13.93 36.65 8.26
N MET C 128 -12.83 37.33 7.91
CA MET C 128 -11.66 37.41 8.78
C MET C 128 -11.73 38.60 9.74
N GLY C 129 -12.85 39.30 9.81
CA GLY C 129 -12.99 40.37 10.76
C GLY C 129 -12.52 41.73 10.31
N VAL C 130 -12.19 41.89 9.02
CA VAL C 130 -11.99 43.27 8.57
C VAL C 130 -13.34 43.99 8.70
N PRO C 131 -13.40 45.14 9.37
CA PRO C 131 -14.70 45.80 9.60
C PRO C 131 -15.38 46.19 8.30
N ALA C 132 -16.69 45.97 8.25
CA ALA C 132 -17.43 46.23 7.02
C ALA C 132 -17.36 47.70 6.61
N ASP C 133 -17.33 48.62 7.59
CA ASP C 133 -17.27 50.03 7.24
C ASP C 133 -15.86 50.49 6.90
N ARG C 134 -14.87 49.64 7.12
CA ARG C 134 -13.49 49.89 6.73
C ARG C 134 -13.04 49.01 5.56
N LEU C 135 -13.95 48.22 4.96
CA LEU C 135 -13.53 47.16 4.04
C LEU C 135 -12.83 47.72 2.80
N HIS C 136 -13.52 48.59 2.04
CA HIS C 136 -12.94 49.03 0.77
C HIS C 136 -11.70 49.89 0.97
N ALA C 137 -11.71 50.76 1.99
CA ALA C 137 -10.52 51.57 2.25
C ALA C 137 -9.34 50.71 2.70
N SER C 138 -9.58 49.74 3.59
CA SER C 138 -8.46 48.89 4.00
C SER C 138 -7.91 48.11 2.81
N ILE C 139 -8.79 47.63 1.92
CA ILE C 139 -8.32 46.93 0.73
C ILE C 139 -7.45 47.86 -0.10
N ALA C 140 -7.93 49.09 -0.32
CA ALA C 140 -7.16 50.09 -1.04
C ALA C 140 -5.79 50.32 -0.38
N GLU C 141 -5.76 50.55 0.93
CA GLU C 141 -4.50 50.86 1.60
C GLU C 141 -3.54 49.68 1.59
N VAL C 142 -4.06 48.48 1.88
CA VAL C 142 -3.17 47.32 1.98
C VAL C 142 -2.54 47.00 0.63
N SER C 143 -3.32 47.12 -0.45
CA SER C 143 -2.90 46.75 -1.79
C SER C 143 -2.27 47.89 -2.59
N ALA C 144 -2.22 49.11 -2.05
CA ALA C 144 -1.88 50.28 -2.86
C ALA C 144 -0.54 50.10 -3.57
N GLU C 145 0.49 49.67 -2.83
CA GLU C 145 1.82 49.52 -3.42
C GLU C 145 1.83 48.45 -4.50
N TYR C 146 1.27 47.28 -4.18
CA TYR C 146 1.15 46.20 -5.16
C TYR C 146 0.42 46.67 -6.42
N ARG C 147 -0.65 47.44 -6.25
CA ARG C 147 -1.41 47.90 -7.41
C ARG C 147 -0.58 48.82 -8.29
N ARG C 148 0.16 49.74 -7.67
CA ARG C 148 0.96 50.69 -8.45
C ARG C 148 2.15 50.01 -9.08
N GLU C 149 2.81 49.11 -8.35
CA GLU C 149 4.06 48.53 -8.81
C GLU C 149 3.87 47.32 -9.71
N VAL C 150 2.76 46.59 -9.57
CA VAL C 150 2.60 45.34 -10.31
C VAL C 150 1.39 45.38 -11.23
N LEU C 151 0.21 45.66 -10.67
CA LEU C 151 -1.03 45.52 -11.43
C LEU C 151 -1.13 46.57 -12.53
N GLU C 152 -0.96 47.85 -12.17
CA GLU C 152 -1.19 48.92 -13.14
C GLU C 152 -0.31 48.79 -14.38
N PRO C 153 1.00 48.52 -14.28
CA PRO C 153 1.79 48.37 -15.53
C PRO C 153 1.25 47.31 -16.49
N ILE C 154 0.83 46.13 -16.00
CA ILE C 154 0.40 45.10 -16.96
C ILE C 154 -1.04 45.35 -17.42
N LEU C 155 -1.94 45.72 -16.52
CA LEU C 155 -3.29 46.04 -16.94
C LEU C 155 -3.32 47.24 -17.88
N ASP C 156 -2.46 48.25 -17.63
CA ASP C 156 -2.34 49.37 -18.57
C ASP C 156 -2.00 48.89 -19.97
N PHE C 157 -1.02 47.98 -20.07
CA PHE C 157 -0.60 47.42 -21.34
C PHE C 157 -1.76 46.71 -22.04
N ALA C 158 -2.55 45.94 -21.30
CA ALA C 158 -3.74 45.32 -21.87
C ALA C 158 -4.72 46.36 -22.39
N LEU C 159 -4.99 47.38 -21.57
CA LEU C 159 -5.98 48.39 -21.92
C LEU C 159 -5.56 49.15 -23.17
N THR C 160 -4.29 49.57 -23.22
CA THR C 160 -3.74 50.27 -24.38
C THR C 160 -3.90 49.47 -25.65
N THR C 161 -3.55 48.19 -25.59
CA THR C 161 -3.59 47.35 -26.78
C THR C 161 -5.02 47.23 -27.33
N VAL C 162 -5.99 47.00 -26.44
CA VAL C 162 -7.36 46.78 -26.91
C VAL C 162 -8.04 48.11 -27.24
N ARG C 163 -7.98 49.06 -26.32
CA ARG C 163 -8.75 50.29 -26.47
C ARG C 163 -8.04 51.33 -27.33
N ASP C 164 -6.76 51.59 -27.04
CA ASP C 164 -6.06 52.64 -27.77
C ASP C 164 -5.64 52.18 -29.16
N GLU C 165 -5.22 50.93 -29.30
CA GLU C 165 -4.77 50.43 -30.58
C GLU C 165 -5.85 49.67 -31.33
N GLY C 166 -7.03 49.48 -30.73
CA GLY C 166 -8.10 48.76 -31.38
C GLY C 166 -7.79 47.32 -31.74
N ASP C 167 -6.88 46.67 -31.02
CA ASP C 167 -6.38 45.36 -31.39
C ASP C 167 -7.03 44.33 -30.46
N PHE C 168 -8.12 43.72 -30.92
CA PHE C 168 -8.84 42.78 -30.05
C PHE C 168 -8.00 41.54 -29.73
N VAL C 169 -7.48 40.84 -30.75
CA VAL C 169 -6.76 39.61 -30.48
C VAL C 169 -5.43 39.91 -29.78
N GLY C 170 -4.77 41.01 -30.14
CA GLY C 170 -3.56 41.36 -29.41
C GLY C 170 -3.86 41.62 -27.94
N GLY C 171 -5.01 42.24 -27.65
CA GLY C 171 -5.41 42.42 -26.27
C GLY C 171 -5.66 41.10 -25.56
N VAL C 172 -6.34 40.17 -26.22
CA VAL C 172 -6.58 38.86 -25.61
C VAL C 172 -5.25 38.16 -25.37
N ALA C 173 -4.29 38.35 -26.29
CA ALA C 173 -2.96 37.79 -26.11
C ALA C 173 -2.29 38.37 -24.87
N VAL C 174 -2.42 39.69 -24.65
CA VAL C 174 -1.89 40.28 -23.43
C VAL C 174 -2.56 39.66 -22.21
N PHE C 175 -3.89 39.57 -22.25
CA PHE C 175 -4.62 39.11 -21.08
C PHE C 175 -4.33 37.64 -20.77
N THR C 176 -4.35 36.77 -21.79
CA THR C 176 -4.15 35.35 -21.51
C THR C 176 -2.70 35.01 -21.23
N ILE C 177 -1.76 35.67 -21.90
CA ILE C 177 -0.35 35.30 -21.84
C ILE C 177 0.38 36.10 -20.77
N ILE C 178 0.22 37.42 -20.82
CA ILE C 178 1.01 38.30 -19.96
C ILE C 178 0.36 38.49 -18.60
N ILE C 179 -0.97 38.36 -18.49
CA ILE C 179 -1.60 38.58 -17.20
C ILE C 179 -2.00 37.25 -16.58
N GLU C 180 -3.09 36.64 -17.06
CA GLU C 180 -3.61 35.44 -16.41
C GLU C 180 -2.63 34.28 -16.54
N GLY C 181 -1.93 34.18 -17.66
CA GLY C 181 -0.96 33.12 -17.83
C GLY C 181 0.19 33.20 -16.85
N VAL C 182 0.54 34.41 -16.44
CA VAL C 182 1.61 34.61 -15.47
C VAL C 182 1.09 34.43 -14.05
N LEU C 183 -0.12 34.92 -13.76
CA LEU C 183 -0.65 34.88 -12.40
C LEU C 183 -1.30 33.56 -12.01
N ALA C 184 -1.76 32.75 -12.96
CA ALA C 184 -2.53 31.56 -12.59
C ALA C 184 -1.75 30.57 -11.74
N PRO C 185 -0.44 30.35 -11.95
CA PRO C 185 0.27 29.39 -11.09
C PRO C 185 0.27 29.79 -9.62
N ALA C 186 0.34 31.09 -9.31
CA ALA C 186 0.25 31.51 -7.93
C ALA C 186 -1.14 31.28 -7.35
N ALA C 187 -2.19 31.34 -8.18
CA ALA C 187 -3.53 30.97 -7.71
C ALA C 187 -3.62 29.47 -7.45
N GLU C 188 -2.99 28.65 -8.29
CA GLU C 188 -2.90 27.22 -7.99
C GLU C 188 -2.20 26.99 -6.66
N LEU C 189 -1.10 27.69 -6.43
CA LEU C 189 -0.36 27.51 -5.19
C LEU C 189 -1.17 28.00 -3.98
N SER C 190 -1.92 29.10 -4.16
CA SER C 190 -2.74 29.63 -3.07
C SER C 190 -3.76 28.59 -2.59
N GLU C 191 -4.48 27.96 -3.51
CA GLU C 191 -5.41 26.91 -3.11
C GLU C 191 -4.71 25.81 -2.32
N ARG C 192 -3.55 25.34 -2.82
CA ARG C 192 -2.81 24.29 -2.12
C ARG C 192 -2.35 24.74 -0.74
N LYS C 193 -1.86 25.99 -0.62
CA LYS C 193 -1.39 26.46 0.68
C LYS C 193 -2.51 26.56 1.70
N TRP C 194 -3.69 27.01 1.28
CA TRP C 194 -4.74 27.43 2.20
C TRP C 194 -5.77 26.35 2.50
N ASN C 195 -5.82 25.27 1.71
CA ASN C 195 -6.99 24.39 1.73
C ASN C 195 -7.30 23.88 3.13
N LEU C 196 -6.27 23.53 3.91
CA LEU C 196 -6.48 23.10 5.29
C LEU C 196 -6.54 24.26 6.30
N LEU C 197 -5.72 25.29 6.11
CA LEU C 197 -5.66 26.37 7.08
C LEU C 197 -6.87 27.27 7.02
N ASP C 198 -7.51 27.38 5.86
CA ASP C 198 -8.64 28.27 5.65
C ASP C 198 -9.55 27.61 4.63
N PRO C 199 -10.37 26.64 5.07
CA PRO C 199 -11.16 25.86 4.10
C PRO C 199 -12.06 26.72 3.23
N ALA C 200 -12.60 27.83 3.77
CA ALA C 200 -13.40 28.72 2.95
C ALA C 200 -12.57 29.31 1.82
N ALA C 201 -11.38 29.81 2.14
CA ALA C 201 -10.49 30.37 1.12
C ALA C 201 -10.08 29.30 0.12
N GLY C 202 -9.81 28.09 0.60
CA GLY C 202 -9.53 26.97 -0.31
C GLY C 202 -10.66 26.69 -1.29
N ALA C 203 -11.91 26.71 -0.82
CA ALA C 203 -13.04 26.50 -1.72
C ALA C 203 -13.24 27.69 -2.66
N ILE C 204 -13.07 28.91 -2.15
CA ILE C 204 -13.18 30.09 -3.01
C ILE C 204 -12.17 29.99 -4.15
N ALA C 205 -10.94 29.63 -3.81
CA ALA C 205 -9.90 29.43 -4.82
C ALA C 205 -10.30 28.33 -5.78
N ARG C 206 -10.90 27.23 -5.27
CA ARG C 206 -11.29 26.14 -6.15
C ARG C 206 -12.26 26.61 -7.24
N GLY C 207 -13.33 27.32 -6.86
CA GLY C 207 -14.29 27.76 -7.85
C GLY C 207 -13.68 28.73 -8.86
N ALA C 208 -12.79 29.61 -8.38
CA ALA C 208 -12.15 30.55 -9.31
C ALA C 208 -11.21 29.81 -10.25
N ALA C 209 -10.63 28.71 -9.77
CA ALA C 209 -9.71 27.92 -10.58
C ALA C 209 -10.44 27.26 -11.73
N ILE C 210 -11.65 26.75 -11.46
CA ILE C 210 -12.48 26.16 -12.49
C ILE C 210 -12.86 27.21 -13.53
N ASP C 211 -13.23 28.42 -13.07
CA ASP C 211 -13.40 29.53 -14.01
C ASP C 211 -12.14 29.77 -14.83
N GLU C 212 -10.98 29.81 -14.17
CA GLU C 212 -9.75 30.20 -14.84
C GLU C 212 -9.31 29.17 -15.88
N VAL C 213 -9.63 27.89 -15.68
CA VAL C 213 -9.36 26.90 -16.72
C VAL C 213 -10.06 27.30 -18.01
N ARG C 214 -11.31 27.76 -17.89
CA ARG C 214 -12.06 28.21 -19.06
C ARG C 214 -11.45 29.48 -19.64
N HIS C 215 -11.09 30.45 -18.79
CA HIS C 215 -10.52 31.69 -19.29
C HIS C 215 -9.25 31.42 -20.08
N LEU C 216 -8.34 30.64 -19.50
CA LEU C 216 -7.04 30.42 -20.12
C LEU C 216 -7.15 29.64 -21.42
N THR C 217 -7.99 28.60 -21.46
CA THR C 217 -8.09 27.80 -22.68
C THR C 217 -8.88 28.52 -23.77
N VAL C 218 -9.97 29.21 -23.40
CA VAL C 218 -10.69 29.96 -24.43
C VAL C 218 -9.83 31.10 -24.96
N GLY C 219 -9.11 31.79 -24.07
CA GLY C 219 -8.18 32.81 -24.53
C GLY C 219 -7.14 32.25 -25.48
N SER C 220 -6.58 31.10 -25.12
CA SER C 220 -5.67 30.37 -25.99
C SER C 220 -6.32 30.08 -27.35
N SER C 221 -7.56 29.61 -27.32
CA SER C 221 -8.27 29.28 -28.57
C SER C 221 -8.50 30.51 -29.44
N VAL C 222 -8.77 31.67 -28.82
CA VAL C 222 -8.95 32.90 -29.59
C VAL C 222 -7.66 33.26 -30.31
N VAL C 223 -6.54 33.22 -29.60
CA VAL C 223 -5.26 33.59 -30.20
C VAL C 223 -4.87 32.60 -31.29
N ARG C 224 -5.04 31.32 -31.02
CA ARG C 224 -4.62 30.27 -31.95
C ARG C 224 -5.45 30.27 -33.22
N ARG C 225 -6.78 30.39 -33.09
CA ARG C 225 -7.64 30.50 -34.26
C ARG C 225 -7.27 31.73 -35.11
N HIS C 226 -6.87 32.83 -34.47
CA HIS C 226 -6.56 34.06 -35.20
C HIS C 226 -5.27 33.88 -36.01
N LEU C 227 -4.22 33.37 -35.37
CA LEU C 227 -2.95 33.12 -36.05
C LEU C 227 -3.10 32.16 -37.21
N LEU C 228 -3.98 31.17 -37.08
CA LEU C 228 -4.20 30.25 -38.19
C LEU C 228 -4.84 30.95 -39.38
N ARG C 229 -5.82 31.82 -39.12
CA ARG C 229 -6.49 32.53 -40.21
C ARG C 229 -5.68 33.70 -40.70
N ARG C 230 -4.83 34.27 -39.86
CA ARG C 230 -4.02 35.44 -40.19
C ARG C 230 -2.58 35.19 -39.78
N PRO C 231 -1.90 34.25 -40.44
CA PRO C 231 -0.49 33.99 -40.08
C PRO C 231 0.39 35.22 -40.18
N GLU C 232 -0.01 36.20 -41.00
CA GLU C 232 0.80 37.41 -41.15
C GLU C 232 0.76 38.28 -39.90
N ARG C 233 -0.06 37.93 -38.91
CA ARG C 233 -0.11 38.65 -37.64
C ARG C 233 0.88 38.12 -36.61
N LYS C 234 1.64 37.07 -36.94
CA LYS C 234 2.48 36.43 -35.92
C LYS C 234 3.53 37.39 -35.36
N ALA C 235 4.12 38.23 -36.22
CA ALA C 235 5.16 39.14 -35.75
C ALA C 235 4.58 40.20 -34.82
N ALA C 236 3.36 40.67 -35.10
CA ALA C 236 2.73 41.62 -34.19
C ALA C 236 2.46 41.00 -32.84
N LEU C 237 2.00 39.75 -32.84
CA LEU C 237 1.71 39.06 -31.59
C LEU C 237 3.00 38.74 -30.83
N LEU C 238 4.05 38.33 -31.55
CA LEU C 238 5.35 38.11 -30.91
C LEU C 238 5.85 39.38 -30.26
N ASP C 239 5.65 40.52 -30.92
CA ASP C 239 6.12 41.79 -30.39
C ASP C 239 5.32 42.19 -29.16
N ILE C 240 4.01 41.92 -29.18
CA ILE C 240 3.17 42.17 -28.01
C ILE C 240 3.67 41.36 -26.82
N VAL C 241 3.97 40.08 -27.05
CA VAL C 241 4.41 39.25 -25.94
C VAL C 241 5.78 39.71 -25.45
N ARG C 242 6.64 40.20 -26.35
CA ARG C 242 7.95 40.67 -25.92
C ARG C 242 7.85 41.95 -25.11
N ARG C 243 7.00 42.90 -25.53
CA ARG C 243 6.78 44.06 -24.68
C ARG C 243 6.23 43.63 -23.33
N GLY C 244 5.40 42.58 -23.32
CA GLY C 244 4.85 42.07 -22.09
C GLY C 244 5.92 41.61 -21.12
N ARG C 245 6.80 40.71 -21.58
CA ARG C 245 7.90 40.24 -20.73
C ARG C 245 8.81 41.40 -20.32
N GLU C 246 8.99 42.38 -21.20
CA GLU C 246 9.77 43.56 -20.82
C GLU C 246 9.11 44.31 -19.67
N ILE C 247 7.78 44.40 -19.68
CA ILE C 247 7.11 45.08 -18.58
C ILE C 247 7.31 44.29 -17.29
N TRP C 248 7.15 42.96 -17.35
CA TRP C 248 7.34 42.13 -16.17
C TRP C 248 8.76 42.23 -15.64
N ASP C 249 9.75 42.33 -16.54
CA ASP C 249 11.15 42.40 -16.15
C ASP C 249 11.46 43.61 -15.28
N GLY C 250 10.68 44.67 -15.36
CA GLY C 250 10.88 45.83 -14.51
C GLY C 250 9.88 45.98 -13.38
N ILE C 251 9.11 44.93 -13.10
CA ILE C 251 8.10 44.92 -12.04
C ILE C 251 8.69 44.17 -10.84
N PRO C 252 8.64 44.73 -9.63
CA PRO C 252 9.20 44.02 -8.46
C PRO C 252 8.24 42.98 -7.89
N ASP C 253 7.82 42.03 -8.73
CA ASP C 253 6.83 41.07 -8.27
C ASP C 253 7.38 40.21 -7.13
N ARG C 254 8.65 39.82 -7.24
CA ARG C 254 9.29 38.99 -6.22
C ARG C 254 9.18 39.62 -4.83
N LYS C 255 9.43 40.93 -4.72
CA LYS C 255 9.34 41.58 -3.42
C LYS C 255 7.95 41.41 -2.81
N HIS C 256 6.91 41.55 -3.62
CA HIS C 256 5.55 41.50 -3.09
C HIS C 256 5.13 40.08 -2.73
N VAL C 257 5.59 39.09 -3.49
CA VAL C 257 5.29 37.69 -3.17
C VAL C 257 5.98 37.28 -1.88
N LEU C 258 7.29 37.56 -1.79
CA LEU C 258 8.04 37.19 -0.58
C LEU C 258 7.46 37.87 0.64
N ARG C 259 6.97 39.10 0.51
CA ARG C 259 6.35 39.78 1.63
C ARG C 259 5.18 38.97 2.20
N ARG C 260 4.28 38.49 1.34
CA ARG C 260 3.17 37.71 1.89
C ARG C 260 3.59 36.28 2.24
N GLU C 261 4.59 35.73 1.55
CA GLU C 261 5.08 34.40 1.87
C GLU C 261 5.79 34.36 3.21
N GLU C 262 6.48 35.45 3.59
CA GLU C 262 7.09 35.52 4.92
C GLU C 262 6.04 35.50 6.03
N LEU C 263 4.99 36.31 5.88
CA LEU C 263 3.86 36.24 6.81
C LEU C 263 3.29 34.83 6.89
N PHE C 264 3.07 34.21 5.73
CA PHE C 264 2.55 32.85 5.71
C PHE C 264 3.49 31.90 6.43
N GLN C 265 4.80 32.05 6.19
CA GLN C 265 5.80 31.19 6.85
C GLN C 265 5.64 31.21 8.36
N ALA C 266 5.57 32.41 8.94
CA ALA C 266 5.36 32.53 10.38
C ALA C 266 3.97 32.04 10.79
N GLY C 267 2.97 32.30 9.97
CA GLY C 267 1.62 31.91 10.33
C GLY C 267 1.45 30.40 10.40
N MET C 268 2.15 29.66 9.55
CA MET C 268 1.90 28.23 9.49
C MET C 268 2.63 27.45 10.57
N ARG C 269 3.68 28.03 11.17
CA ARG C 269 4.36 27.38 12.29
C ARG C 269 3.43 27.16 13.48
N GLU C 270 2.35 27.93 13.57
CA GLU C 270 1.37 27.75 14.64
C GLU C 270 0.39 26.63 14.39
N HIS C 271 0.55 25.85 13.32
CA HIS C 271 -0.40 24.79 12.96
C HIS C 271 0.34 23.52 12.56
N ALA C 272 1.43 23.21 13.27
CA ALA C 272 2.23 22.03 12.95
C ALA C 272 1.39 20.76 12.94
N ASP C 273 0.45 20.63 13.89
CA ASP C 273 -0.33 19.40 13.99
C ASP C 273 -1.34 19.30 12.86
N LEU C 274 -2.08 20.39 12.59
CA LEU C 274 -3.04 20.39 11.50
C LEU C 274 -2.38 20.01 10.17
N LEU C 275 -1.16 20.49 9.92
CA LEU C 275 -0.48 20.31 8.64
C LEU C 275 0.43 19.09 8.61
N ALA C 276 0.30 18.20 9.60
CA ALA C 276 1.25 17.11 9.81
C ALA C 276 1.62 16.38 8.52
N GLY C 277 0.68 15.71 7.89
CA GLY C 277 1.09 15.00 6.68
C GLY C 277 0.77 15.74 5.39
N TYR C 278 0.54 17.05 5.48
CA TYR C 278 -0.04 17.80 4.36
C TYR C 278 1.04 18.19 3.36
N GLU C 279 0.90 17.73 2.13
CA GLU C 279 1.86 17.99 1.07
C GLU C 279 1.29 19.05 0.14
N VAL C 280 1.95 20.21 0.09
CA VAL C 280 1.45 21.32 -0.72
C VAL C 280 1.51 20.97 -2.21
N TRP C 281 2.51 20.21 -2.63
CA TRP C 281 2.51 19.49 -3.89
C TRP C 281 3.19 18.15 -3.64
N PRO C 282 3.03 17.17 -4.53
CA PRO C 282 3.53 15.82 -4.24
C PRO C 282 5.00 15.75 -3.85
N GLY C 283 5.28 15.08 -2.74
CA GLY C 283 6.62 14.94 -2.21
C GLY C 283 7.05 16.06 -1.27
N GLN C 284 6.28 17.13 -1.16
CA GLN C 284 6.74 18.30 -0.42
C GLN C 284 5.78 18.64 0.72
N PRO C 285 6.11 18.29 1.95
CA PRO C 285 5.32 18.79 3.08
C PRO C 285 5.31 20.31 3.06
N LEU C 286 4.12 20.87 3.28
CA LEU C 286 4.00 22.32 3.29
C LEU C 286 4.84 22.94 4.39
N LEU C 287 4.86 22.32 5.58
CA LEU C 287 5.57 22.88 6.72
C LEU C 287 7.06 23.03 6.49
N SER C 288 7.65 22.27 5.58
CA SER C 288 9.09 22.39 5.36
C SER C 288 9.43 23.19 4.11
N THR C 289 8.46 23.82 3.46
CA THR C 289 8.78 24.79 2.41
C THR C 289 9.19 26.11 3.04
N THR C 290 9.99 26.88 2.30
CA THR C 290 10.41 28.21 2.67
C THR C 290 9.72 29.24 1.78
N PRO C 291 9.72 30.52 2.17
CA PRO C 291 9.23 31.56 1.24
C PRO C 291 9.88 31.48 -0.13
N GLU C 292 11.21 31.48 -0.17
CA GLU C 292 11.92 31.43 -1.45
C GLU C 292 11.56 30.18 -2.25
N GLN C 293 11.36 29.04 -1.58
CA GLN C 293 11.03 27.81 -2.30
C GLN C 293 9.62 27.86 -2.89
N ARG C 294 8.65 28.41 -2.15
CA ARG C 294 7.32 28.54 -2.72
C ARG C 294 7.32 29.55 -3.87
N TYR C 295 8.00 30.69 -3.69
CA TYR C 295 8.15 31.65 -4.79
C TYR C 295 8.75 30.98 -6.00
N ALA C 296 9.86 30.27 -5.80
CA ALA C 296 10.55 29.57 -6.88
C ALA C 296 9.62 28.64 -7.62
N MET C 297 8.80 27.88 -6.89
CA MET C 297 8.01 26.82 -7.51
C MET C 297 6.89 27.37 -8.38
N ALA C 298 6.25 28.47 -7.93
CA ALA C 298 5.26 29.15 -8.77
C ALA C 298 5.88 29.55 -10.11
N GLU C 299 7.12 30.05 -10.08
CA GLU C 299 7.82 30.42 -11.31
C GLU C 299 8.02 29.23 -12.25
N GLN C 300 8.42 28.07 -11.71
CA GLN C 300 8.64 26.92 -12.58
C GLN C 300 7.35 26.49 -13.26
N TRP C 301 6.24 26.46 -12.51
CA TRP C 301 4.95 26.06 -13.08
C TRP C 301 4.54 26.99 -14.22
N THR C 302 4.85 28.28 -14.08
CA THR C 302 4.51 29.24 -15.14
C THR C 302 5.16 28.84 -16.46
N ASP C 303 6.48 28.60 -16.46
CA ASP C 303 7.16 28.23 -17.70
C ASP C 303 6.59 26.95 -18.29
N ARG C 304 6.49 25.91 -17.47
CA ARG C 304 5.91 24.68 -17.99
C ARG C 304 4.54 24.91 -18.59
N MET C 305 3.79 25.89 -18.07
CA MET C 305 2.55 26.24 -18.74
C MET C 305 2.74 27.31 -19.81
N ALA C 306 3.52 28.35 -19.53
CA ALA C 306 3.63 29.47 -20.48
C ALA C 306 4.38 29.03 -21.74
N ALA C 307 5.51 28.34 -21.57
CA ALA C 307 6.18 27.75 -22.72
C ALA C 307 5.24 26.78 -23.46
N ALA C 308 4.55 25.93 -22.72
CA ALA C 308 3.63 24.97 -23.35
C ALA C 308 2.54 25.68 -24.13
N ARG C 309 1.81 26.58 -23.47
CA ARG C 309 0.70 27.26 -24.11
C ARG C 309 1.19 28.11 -25.28
N LEU C 310 2.32 28.79 -25.12
CA LEU C 310 2.89 29.55 -26.22
C LEU C 310 3.14 28.67 -27.43
N VAL C 311 3.54 27.41 -27.19
CA VAL C 311 3.71 26.47 -28.30
C VAL C 311 2.36 26.14 -28.93
N HIS C 312 1.36 25.77 -28.11
CA HIS C 312 0.05 25.35 -28.63
C HIS C 312 -0.72 26.49 -29.32
N MET C 313 -0.34 27.74 -29.08
CA MET C 313 -1.00 28.89 -29.71
C MET C 313 -0.40 29.22 -31.07
N GLY C 314 0.89 28.94 -31.26
CA GLY C 314 1.60 29.28 -32.45
C GLY C 314 2.68 30.31 -32.25
N LEU C 315 3.16 30.50 -31.03
CA LEU C 315 4.17 31.53 -30.74
C LEU C 315 5.39 30.96 -30.00
N PRO C 316 5.96 29.85 -30.49
CA PRO C 316 7.09 29.24 -29.77
C PRO C 316 8.27 30.18 -29.60
N GLU C 317 8.45 31.14 -30.51
CA GLU C 317 9.57 32.06 -30.46
C GLU C 317 9.45 33.09 -29.35
N ALA C 318 8.41 33.04 -28.52
CA ALA C 318 8.27 33.98 -27.40
C ALA C 318 9.02 33.50 -26.17
N ILE C 319 9.00 32.20 -25.91
CA ILE C 319 9.81 31.58 -24.85
C ILE C 319 11.19 31.32 -25.44
N ASP C 320 12.19 32.11 -25.03
CA ASP C 320 13.55 31.83 -25.49
C ASP C 320 14.19 30.69 -24.70
N LEU C 321 14.42 30.89 -23.41
CA LEU C 321 15.12 29.91 -22.58
C LEU C 321 14.24 29.36 -21.43
N PRO D 4 7.05 -7.15 20.86
CA PRO D 4 6.90 -7.29 22.32
C PRO D 4 5.68 -8.13 22.72
N ILE D 5 4.69 -8.24 21.84
CA ILE D 5 3.45 -8.92 22.13
C ILE D 5 3.37 -10.15 21.22
N PRO D 6 3.42 -11.37 21.76
CA PRO D 6 3.46 -12.56 20.91
C PRO D 6 2.14 -12.78 20.17
N ALA D 7 2.26 -13.51 19.05
CA ALA D 7 1.11 -13.78 18.20
C ALA D 7 -0.01 -14.48 18.97
N GLU D 8 0.34 -15.44 19.82
CA GLU D 8 -0.67 -16.24 20.50
C GLU D 8 -1.42 -15.48 21.60
N THR D 9 -0.92 -14.33 22.06
CA THR D 9 -1.63 -13.55 23.08
C THR D 9 -2.17 -12.23 22.56
N GLY D 10 -1.81 -11.81 21.35
CA GLY D 10 -2.32 -10.54 20.84
C GLY D 10 -3.83 -10.57 20.69
N TRP D 11 -4.48 -9.47 21.08
CA TRP D 11 -5.94 -9.43 21.09
C TRP D 11 -6.52 -9.82 19.74
N ASP D 12 -5.90 -9.35 18.66
CA ASP D 12 -6.37 -9.67 17.32
C ASP D 12 -5.67 -10.88 16.70
N SER D 13 -4.41 -11.13 17.06
CA SER D 13 -3.63 -12.20 16.45
C SER D 13 -3.90 -13.57 17.07
N ALA D 14 -4.44 -13.63 18.29
CA ALA D 14 -4.54 -14.90 18.99
C ALA D 14 -5.58 -15.80 18.33
N PRO D 15 -5.30 -17.10 18.20
CA PRO D 15 -6.31 -18.04 17.68
C PRO D 15 -7.51 -18.15 18.61
N GLY D 16 -8.53 -18.85 18.11
CA GLY D 16 -9.66 -19.21 18.93
C GLY D 16 -9.31 -20.33 19.89
N LEU D 17 -10.19 -20.54 20.87
CA LEU D 17 -9.88 -21.45 21.97
C LEU D 17 -9.58 -22.86 21.46
N LEU D 18 -10.55 -23.51 20.82
CA LEU D 18 -10.29 -24.83 20.26
C LEU D 18 -9.18 -24.80 19.22
N GLU D 19 -9.21 -23.80 18.34
CA GLU D 19 -8.18 -23.61 17.32
C GLU D 19 -6.78 -23.62 17.93
N GLY D 20 -6.55 -22.77 18.92
CA GLY D 20 -5.22 -22.66 19.52
C GLY D 20 -4.83 -23.86 20.36
N ALA D 21 -5.78 -24.40 21.13
CA ALA D 21 -5.47 -25.54 21.99
C ALA D 21 -5.10 -26.79 21.19
N MET D 22 -5.49 -26.85 19.92
CA MET D 22 -5.24 -28.02 19.09
C MET D 22 -4.04 -27.87 18.16
N THR D 23 -3.59 -26.66 17.90
CA THR D 23 -2.50 -26.44 16.95
C THR D 23 -1.21 -25.96 17.59
N LEU D 24 -1.26 -25.16 18.65
CA LEU D 24 -0.06 -24.53 19.19
C LEU D 24 0.67 -25.47 20.15
N ASP D 25 1.95 -25.17 20.34
CA ASP D 25 2.81 -25.89 21.28
C ASP D 25 3.52 -24.83 22.12
N LEU D 26 3.00 -24.60 23.32
CA LEU D 26 3.61 -23.69 24.29
C LEU D 26 4.10 -24.49 25.48
N THR D 27 5.28 -24.15 25.96
CA THR D 27 5.82 -24.76 27.16
C THR D 27 5.81 -23.79 28.33
N PRO D 28 5.84 -24.28 29.57
CA PRO D 28 5.98 -23.36 30.70
C PRO D 28 7.25 -22.53 30.61
N GLU D 29 8.35 -23.14 30.13
CA GLU D 29 9.61 -22.40 29.97
C GLU D 29 9.43 -21.17 29.10
N GLN D 30 8.61 -21.27 28.07
CA GLN D 30 8.41 -20.17 27.16
C GLN D 30 7.40 -19.17 27.72
N CYS D 31 6.41 -19.63 28.47
CA CYS D 31 5.39 -18.77 29.05
C CYS D 31 5.74 -18.42 30.50
N ASP D 32 6.92 -17.80 30.65
CA ASP D 32 7.41 -17.42 31.97
C ASP D 32 6.67 -16.16 32.45
N LEU D 33 6.97 -15.72 33.68
CA LEU D 33 6.29 -14.55 34.24
C LEU D 33 6.58 -13.29 33.44
N GLY D 34 7.81 -13.13 32.98
CA GLY D 34 8.12 -11.99 32.11
C GLY D 34 7.30 -12.01 30.83
N TYR D 35 7.23 -13.18 30.17
CA TYR D 35 6.35 -13.35 29.02
C TYR D 35 4.93 -12.91 29.34
N TRP D 36 4.41 -13.34 30.49
CA TRP D 36 3.03 -13.06 30.83
C TRP D 36 2.82 -11.59 31.18
N LEU D 37 3.74 -11.01 31.95
CA LEU D 37 3.65 -9.58 32.23
C LEU D 37 3.66 -8.78 30.93
N ARG D 38 4.59 -9.09 30.03
CA ARG D 38 4.70 -8.31 28.80
C ARG D 38 3.54 -8.58 27.85
N GLY D 39 3.23 -9.86 27.62
CA GLY D 39 2.29 -10.24 26.58
C GLY D 39 0.84 -10.43 26.97
N VAL D 40 0.54 -10.58 28.28
CA VAL D 40 -0.84 -10.77 28.74
C VAL D 40 -1.32 -9.56 29.55
N ALA D 41 -0.67 -9.28 30.68
CA ALA D 41 -1.05 -8.11 31.48
C ALA D 41 -0.89 -6.82 30.69
N GLN D 42 0.16 -6.75 29.88
CA GLN D 42 0.42 -5.57 29.06
C GLN D 42 0.01 -5.75 27.61
N GLY D 43 -0.19 -7.00 27.16
CA GLY D 43 -0.63 -7.30 25.81
C GLY D 43 -2.11 -7.61 25.70
N THR D 44 -2.49 -8.87 25.98
CA THR D 44 -3.88 -9.30 25.83
C THR D 44 -4.84 -8.36 26.54
N LEU D 45 -4.45 -7.88 27.72
CA LEU D 45 -5.33 -7.09 28.57
C LEU D 45 -5.12 -5.58 28.44
N ALA D 46 -4.35 -5.15 27.44
CA ALA D 46 -4.17 -3.72 27.21
C ALA D 46 -5.53 -3.03 27.06
N GLY D 47 -5.74 -1.96 27.82
CA GLY D 47 -7.01 -1.27 27.83
C GLY D 47 -8.19 -2.08 28.33
N ARG D 48 -7.93 -3.22 28.99
CA ARG D 48 -9.00 -4.07 29.48
C ARG D 48 -8.75 -4.56 30.89
N ALA D 49 -8.11 -3.74 31.73
CA ALA D 49 -7.67 -4.22 33.03
C ALA D 49 -8.84 -4.51 33.97
N GLU D 50 -9.73 -3.52 34.15
CA GLU D 50 -10.70 -3.63 35.23
C GLU D 50 -11.94 -4.41 34.82
N THR D 51 -12.37 -4.35 33.56
CA THR D 51 -13.57 -5.06 33.13
C THR D 51 -13.31 -6.16 32.12
N GLY D 52 -12.16 -6.18 31.47
CA GLY D 52 -11.92 -7.13 30.40
C GLY D 52 -12.44 -6.70 29.04
N HIS D 53 -13.18 -5.60 28.97
CA HIS D 53 -13.69 -5.04 27.72
C HIS D 53 -13.46 -3.54 27.71
N THR D 54 -13.58 -2.94 26.53
CA THR D 54 -13.36 -1.52 26.32
C THR D 54 -14.69 -0.77 26.30
N ASP D 55 -14.61 0.56 26.17
CA ASP D 55 -15.81 1.37 26.08
C ASP D 55 -16.59 1.11 24.80
N ALA D 56 -15.88 0.74 23.72
CA ALA D 56 -16.52 0.47 22.45
C ALA D 56 -17.38 -0.78 22.47
N GLU D 57 -17.08 -1.74 23.36
CA GLU D 57 -17.80 -3.00 23.43
C GLU D 57 -18.83 -2.94 24.56
N PRO D 58 -20.10 -2.72 24.27
CA PRO D 58 -21.06 -2.37 25.31
C PRO D 58 -21.81 -3.55 25.91
N THR D 59 -22.42 -3.30 27.05
CA THR D 59 -23.46 -4.14 27.62
C THR D 59 -24.81 -3.56 27.20
N PRO D 60 -25.46 -4.11 26.16
CA PRO D 60 -26.69 -3.48 25.66
C PRO D 60 -27.78 -3.41 26.71
N GLU D 61 -28.70 -2.45 26.52
CA GLU D 61 -29.69 -2.16 27.54
C GLU D 61 -30.63 -3.33 27.79
N HIS D 62 -30.83 -4.18 26.78
CA HIS D 62 -31.70 -5.34 27.00
C HIS D 62 -31.07 -6.31 27.98
N MET D 63 -29.74 -6.47 27.94
CA MET D 63 -29.07 -7.27 28.96
C MET D 63 -29.23 -6.68 30.35
N ARG D 64 -29.54 -5.38 30.45
CA ARG D 64 -29.72 -4.74 31.76
C ARG D 64 -31.10 -5.00 32.35
N ALA D 65 -32.11 -5.24 31.51
CA ALA D 65 -33.49 -5.36 31.95
C ALA D 65 -33.90 -6.83 32.12
N ASP D 66 -34.84 -7.06 33.02
CA ASP D 66 -35.30 -8.42 33.32
C ASP D 66 -35.82 -9.11 32.06
N GLY D 67 -35.57 -10.41 31.97
CA GLY D 67 -35.99 -11.18 30.82
C GLY D 67 -35.14 -12.41 30.61
N PRO D 68 -35.68 -13.37 29.85
CA PRO D 68 -34.99 -14.67 29.71
C PRO D 68 -33.53 -14.57 29.27
N LEU D 69 -33.18 -13.61 28.41
CA LEU D 69 -31.79 -13.50 27.97
C LEU D 69 -30.89 -13.08 29.12
N ARG D 70 -31.29 -12.04 29.85
CA ARG D 70 -30.51 -11.60 31.01
C ARG D 70 -30.34 -12.72 32.02
N ASP D 71 -31.43 -13.44 32.32
CA ASP D 71 -31.35 -14.51 33.32
C ASP D 71 -30.38 -15.61 32.90
N ALA D 72 -30.28 -15.88 31.60
CA ALA D 72 -29.34 -16.90 31.13
C ALA D 72 -27.89 -16.44 31.24
N GLN D 73 -27.65 -15.13 31.30
CA GLN D 73 -26.30 -14.61 31.50
C GLN D 73 -25.95 -14.52 32.97
N VAL D 74 -26.89 -14.06 33.80
CA VAL D 74 -26.70 -14.09 35.25
C VAL D 74 -26.39 -15.52 35.70
N LEU D 75 -27.17 -16.49 35.23
CA LEU D 75 -26.96 -17.87 35.64
C LEU D 75 -25.61 -18.40 35.16
N GLU D 76 -25.25 -18.12 33.91
CA GLU D 76 -23.97 -18.58 33.39
C GLU D 76 -22.81 -17.96 34.15
N LEU D 77 -22.81 -16.62 34.28
CA LEU D 77 -21.66 -15.92 34.81
C LEU D 77 -21.56 -16.03 36.34
N SER D 78 -22.70 -16.14 37.04
CA SER D 78 -22.63 -16.43 38.46
C SER D 78 -21.96 -17.78 38.70
N CYS D 79 -22.30 -18.78 37.89
CA CYS D 79 -21.64 -20.07 38.01
C CYS D 79 -20.19 -19.99 37.57
N ARG D 80 -19.90 -19.25 36.50
CA ARG D 80 -18.52 -19.13 36.03
C ARG D 80 -17.65 -18.42 37.05
N SER D 81 -18.10 -17.24 37.51
CA SER D 81 -17.32 -16.49 38.49
C SER D 81 -17.00 -17.34 39.72
N VAL D 82 -17.95 -18.13 40.20
CA VAL D 82 -17.69 -18.97 41.36
C VAL D 82 -16.75 -20.11 40.97
N ALA D 83 -16.92 -20.64 39.76
CA ALA D 83 -16.03 -21.67 39.25
C ALA D 83 -14.59 -21.18 39.19
N GLU D 84 -14.39 -19.98 38.64
CA GLU D 84 -13.03 -19.45 38.50
C GLU D 84 -12.41 -19.14 39.86
N ALA D 85 -13.20 -18.62 40.80
CA ALA D 85 -12.63 -18.29 42.10
C ALA D 85 -12.23 -19.56 42.84
N GLN D 86 -13.03 -20.62 42.75
CA GLN D 86 -12.63 -21.87 43.38
C GLN D 86 -11.46 -22.51 42.66
N ALA D 87 -11.33 -22.29 41.35
CA ALA D 87 -10.16 -22.75 40.62
C ALA D 87 -8.91 -22.08 41.13
N THR D 88 -8.99 -20.76 41.37
CA THR D 88 -7.87 -20.01 41.95
C THR D 88 -7.39 -20.67 43.22
N ARG D 89 -8.32 -21.02 44.13
CA ARG D 89 -7.94 -21.59 45.41
C ARG D 89 -7.28 -22.95 45.24
N VAL D 90 -7.79 -23.76 44.31
CA VAL D 90 -7.16 -25.06 44.04
C VAL D 90 -5.81 -24.87 43.36
N LEU D 91 -5.73 -24.00 42.36
CA LEU D 91 -4.46 -23.76 41.65
C LEU D 91 -3.38 -23.24 42.59
N ALA D 92 -3.78 -22.58 43.69
CA ALA D 92 -2.80 -22.17 44.70
C ALA D 92 -1.94 -23.33 45.15
N HIS D 93 -2.53 -24.52 45.27
CA HIS D 93 -1.72 -25.67 45.69
C HIS D 93 -0.78 -26.13 44.59
N TYR D 94 -1.10 -25.81 43.33
CA TYR D 94 -0.16 -26.10 42.24
C TYR D 94 1.06 -25.20 42.34
N VAL D 95 0.84 -23.94 42.71
CA VAL D 95 1.97 -23.04 42.94
C VAL D 95 2.79 -23.53 44.12
N ALA D 96 2.14 -23.82 45.24
CA ALA D 96 2.87 -24.26 46.43
C ALA D 96 3.74 -25.48 46.13
N GLN D 97 3.24 -26.40 45.31
CA GLN D 97 3.91 -27.68 45.09
C GLN D 97 4.58 -27.78 43.72
N ALA D 98 4.69 -26.67 43.00
CA ALA D 98 5.39 -26.64 41.73
C ALA D 98 6.78 -27.26 41.88
N PRO D 99 7.22 -28.08 40.91
CA PRO D 99 8.49 -28.79 41.10
C PRO D 99 9.70 -27.89 41.02
N ASP D 100 9.70 -26.92 40.11
CA ASP D 100 10.83 -26.02 39.99
C ASP D 100 10.31 -24.62 39.67
N ILE D 101 11.25 -23.69 39.46
CA ILE D 101 10.90 -22.30 39.20
C ILE D 101 10.07 -22.16 37.94
N VAL D 102 10.38 -22.96 36.91
CA VAL D 102 9.65 -22.87 35.65
C VAL D 102 8.17 -23.11 35.88
N GLU D 103 7.83 -24.17 36.62
CA GLU D 103 6.42 -24.40 36.87
C GLU D 103 5.87 -23.42 37.90
N LEU D 104 6.66 -23.05 38.90
CA LEU D 104 6.21 -22.06 39.88
C LEU D 104 5.72 -20.81 39.17
N GLU D 105 6.56 -20.26 38.30
CA GLU D 105 6.17 -19.05 37.57
C GLU D 105 4.96 -19.30 36.70
N PHE D 106 4.92 -20.41 35.95
CA PHE D 106 3.82 -20.53 35.02
C PHE D 106 2.49 -20.64 35.76
N PHE D 107 2.44 -21.51 36.78
CA PHE D 107 1.15 -21.65 37.45
C PHE D 107 0.77 -20.44 38.28
N THR D 108 1.75 -19.61 38.68
CA THR D 108 1.41 -18.29 39.21
C THR D 108 0.63 -17.49 38.20
N THR D 109 1.05 -17.51 36.92
CA THR D 109 0.31 -16.77 35.89
C THR D 109 -1.06 -17.39 35.64
N GLN D 110 -1.17 -18.72 35.62
CA GLN D 110 -2.50 -19.28 35.46
C GLN D 110 -3.37 -18.90 36.66
N LEU D 111 -2.80 -18.94 37.85
CA LEU D 111 -3.57 -18.61 39.05
C LEU D 111 -4.16 -17.21 38.94
N VAL D 112 -3.38 -16.24 38.49
CA VAL D 112 -3.93 -14.89 38.43
C VAL D 112 -4.88 -14.75 37.24
N ASP D 113 -4.65 -15.52 36.17
CA ASP D 113 -5.64 -15.59 35.08
C ASP D 113 -6.99 -16.03 35.61
N GLU D 114 -7.04 -17.13 36.37
CA GLU D 114 -8.35 -17.60 36.83
C GLU D 114 -8.97 -16.62 37.81
N ALA D 115 -8.16 -15.96 38.63
CA ALA D 115 -8.71 -14.91 39.50
C ALA D 115 -9.22 -13.74 38.69
N ARG D 116 -8.55 -13.43 37.58
CA ARG D 116 -9.04 -12.36 36.72
C ARG D 116 -10.35 -12.75 36.06
N HIS D 117 -10.46 -14.00 35.60
CA HIS D 117 -11.71 -14.44 34.97
C HIS D 117 -12.88 -14.30 35.94
N SER D 118 -12.72 -14.84 37.15
CA SER D 118 -13.72 -14.65 38.19
C SER D 118 -14.12 -13.19 38.33
N MET D 119 -13.13 -12.29 38.31
CA MET D 119 -13.39 -10.87 38.50
C MET D 119 -14.19 -10.27 37.35
N VAL D 120 -13.80 -10.57 36.11
CA VAL D 120 -14.51 -9.99 34.97
C VAL D 120 -15.91 -10.58 34.85
N PHE D 121 -16.05 -11.89 35.11
CA PHE D 121 -17.39 -12.49 35.08
C PHE D 121 -18.29 -11.84 36.13
N ARG D 122 -17.76 -11.55 37.32
CA ARG D 122 -18.58 -10.94 38.36
C ARG D 122 -18.81 -9.46 38.12
N ARG D 123 -17.83 -8.75 37.56
CA ARG D 123 -18.03 -7.32 37.35
C ARG D 123 -18.98 -7.05 36.20
N HIS D 124 -19.29 -8.06 35.40
CA HIS D 124 -20.29 -7.90 34.35
C HIS D 124 -21.69 -8.13 34.89
N LEU D 125 -21.82 -8.94 35.95
CA LEU D 125 -23.08 -9.00 36.67
C LEU D 125 -23.44 -7.64 37.24
N LEU D 126 -22.45 -6.87 37.67
CA LEU D 126 -22.71 -5.49 38.06
C LEU D 126 -23.16 -4.67 36.87
N ALA D 127 -22.56 -4.89 35.70
CA ALA D 127 -22.94 -4.15 34.51
C ALA D 127 -24.38 -4.42 34.11
N MET D 128 -24.87 -5.64 34.35
CA MET D 128 -26.25 -6.01 34.04
C MET D 128 -27.23 -5.62 35.16
N GLY D 129 -26.78 -4.86 36.16
CA GLY D 129 -27.67 -4.26 37.13
C GLY D 129 -27.75 -4.94 38.48
N VAL D 130 -27.01 -6.03 38.70
CA VAL D 130 -27.03 -6.65 40.03
C VAL D 130 -26.47 -5.67 41.06
N PRO D 131 -27.18 -5.39 42.15
CA PRO D 131 -26.69 -4.39 43.11
C PRO D 131 -25.36 -4.80 43.73
N ALA D 132 -24.66 -3.80 44.26
CA ALA D 132 -23.35 -4.06 44.86
C ALA D 132 -23.48 -4.84 46.16
N ASP D 133 -24.36 -4.40 47.07
CA ASP D 133 -24.50 -5.06 48.36
C ASP D 133 -25.18 -6.41 48.25
N ARG D 134 -25.69 -6.77 47.08
CA ARG D 134 -26.30 -8.07 46.85
C ARG D 134 -25.50 -8.93 45.88
N LEU D 135 -24.36 -8.43 45.37
CA LEU D 135 -23.65 -9.11 44.29
C LEU D 135 -23.22 -10.51 44.70
N HIS D 136 -22.50 -10.65 45.82
CA HIS D 136 -21.98 -11.95 46.17
C HIS D 136 -23.07 -12.87 46.71
N ALA D 137 -24.04 -12.30 47.45
CA ALA D 137 -25.14 -13.11 47.93
C ALA D 137 -25.92 -13.72 46.78
N SER D 138 -26.22 -12.91 45.76
CA SER D 138 -26.98 -13.43 44.62
C SER D 138 -26.18 -14.47 43.84
N ILE D 139 -24.87 -14.24 43.68
CA ILE D 139 -24.02 -15.23 43.03
C ILE D 139 -24.04 -16.54 43.80
N ALA D 140 -23.95 -16.45 45.14
CA ALA D 140 -24.02 -17.65 45.97
C ALA D 140 -25.31 -18.43 45.71
N GLU D 141 -26.46 -17.73 45.69
CA GLU D 141 -27.75 -18.41 45.57
C GLU D 141 -27.95 -18.96 44.16
N VAL D 142 -27.60 -18.17 43.14
CA VAL D 142 -27.80 -18.59 41.76
C VAL D 142 -26.99 -19.84 41.45
N SER D 143 -25.75 -19.89 41.92
CA SER D 143 -24.82 -20.98 41.60
C SER D 143 -24.86 -22.11 42.62
N ALA D 144 -25.64 -21.96 43.69
CA ALA D 144 -25.62 -22.92 44.79
C ALA D 144 -25.72 -24.36 44.32
N GLU D 145 -26.71 -24.67 43.48
CA GLU D 145 -26.90 -26.06 43.07
C GLU D 145 -25.82 -26.51 42.10
N TYR D 146 -25.47 -25.66 41.14
CA TYR D 146 -24.38 -25.99 40.22
C TYR D 146 -23.08 -26.25 40.99
N ARG D 147 -22.75 -25.37 41.94
CA ARG D 147 -21.55 -25.56 42.75
C ARG D 147 -21.59 -26.89 43.51
N ARG D 148 -22.75 -27.23 44.06
CA ARG D 148 -22.85 -28.43 44.88
C ARG D 148 -22.79 -29.71 44.06
N GLU D 149 -23.32 -29.69 42.84
CA GLU D 149 -23.50 -30.90 42.05
C GLU D 149 -22.41 -31.11 41.00
N VAL D 150 -21.89 -30.05 40.41
CA VAL D 150 -20.89 -30.13 39.33
C VAL D 150 -19.51 -29.69 39.81
N LEU D 151 -19.42 -28.49 40.39
CA LEU D 151 -18.14 -27.84 40.63
C LEU D 151 -17.33 -28.57 41.69
N GLU D 152 -17.86 -28.66 42.90
CA GLU D 152 -17.12 -29.28 43.99
C GLU D 152 -16.64 -30.69 43.66
N PRO D 153 -17.43 -31.59 43.06
CA PRO D 153 -16.92 -32.92 42.75
C PRO D 153 -15.68 -32.93 41.89
N ILE D 154 -15.60 -32.10 40.86
CA ILE D 154 -14.40 -32.18 40.02
C ILE D 154 -13.23 -31.43 40.65
N LEU D 155 -13.48 -30.23 41.19
CA LEU D 155 -12.38 -29.47 41.79
C LEU D 155 -11.80 -30.20 43.01
N ASP D 156 -12.66 -30.87 43.79
CA ASP D 156 -12.15 -31.68 44.91
C ASP D 156 -11.24 -32.79 44.43
N PHE D 157 -11.48 -33.30 43.22
CA PHE D 157 -10.62 -34.32 42.64
C PHE D 157 -9.23 -33.75 42.35
N ALA D 158 -9.17 -32.60 41.69
CA ALA D 158 -7.89 -31.92 41.47
C ALA D 158 -7.19 -31.60 42.79
N LEU D 159 -7.95 -31.07 43.75
CA LEU D 159 -7.36 -30.63 45.01
C LEU D 159 -6.72 -31.79 45.76
N THR D 160 -7.47 -32.87 45.95
CA THR D 160 -6.92 -33.96 46.74
C THR D 160 -5.76 -34.64 46.03
N THR D 161 -5.74 -34.58 44.70
CA THR D 161 -4.61 -35.16 43.96
C THR D 161 -3.33 -34.35 44.22
N VAL D 162 -3.42 -33.03 44.17
CA VAL D 162 -2.24 -32.22 44.42
C VAL D 162 -1.96 -32.10 45.91
N ARG D 163 -2.94 -31.62 46.67
CA ARG D 163 -2.71 -31.30 48.06
C ARG D 163 -2.57 -32.56 48.92
N ASP D 164 -3.46 -33.53 48.73
CA ASP D 164 -3.46 -34.67 49.65
C ASP D 164 -2.54 -35.79 49.21
N GLU D 165 -2.39 -36.02 47.92
CA GLU D 165 -1.48 -37.06 47.47
C GLU D 165 -0.14 -36.52 46.97
N GLY D 166 0.06 -35.20 47.00
CA GLY D 166 1.33 -34.64 46.56
C GLY D 166 1.68 -34.99 45.14
N ASP D 167 0.69 -35.18 44.28
CA ASP D 167 0.90 -35.59 42.90
C ASP D 167 0.71 -34.37 42.00
N PHE D 168 1.81 -33.64 41.77
CA PHE D 168 1.72 -32.41 40.99
C PHE D 168 1.32 -32.69 39.54
N VAL D 169 2.07 -33.56 38.86
CA VAL D 169 1.76 -33.83 37.46
C VAL D 169 0.39 -34.52 37.34
N GLY D 170 0.12 -35.47 38.22
CA GLY D 170 -1.22 -36.04 38.27
C GLY D 170 -2.27 -34.96 38.47
N GLY D 171 -1.95 -33.96 39.30
CA GLY D 171 -2.87 -32.84 39.45
C GLY D 171 -3.03 -32.02 38.19
N VAL D 172 -1.92 -31.78 37.48
CA VAL D 172 -2.00 -31.05 36.21
C VAL D 172 -2.81 -31.86 35.20
N ALA D 173 -2.60 -33.19 35.19
CA ALA D 173 -3.44 -34.07 34.38
C ALA D 173 -4.92 -33.83 34.67
N VAL D 174 -5.29 -33.88 35.95
CA VAL D 174 -6.68 -33.66 36.35
C VAL D 174 -7.15 -32.29 35.87
N PHE D 175 -6.39 -31.25 36.16
CA PHE D 175 -6.88 -29.91 35.82
C PHE D 175 -6.97 -29.73 34.31
N THR D 176 -5.99 -30.22 33.56
CA THR D 176 -5.96 -29.90 32.13
C THR D 176 -6.73 -30.90 31.26
N ILE D 177 -6.97 -32.12 31.75
CA ILE D 177 -7.75 -33.07 30.96
C ILE D 177 -9.18 -33.14 31.48
N ILE D 178 -9.32 -33.43 32.78
CA ILE D 178 -10.63 -33.69 33.37
C ILE D 178 -11.42 -32.39 33.56
N ILE D 179 -10.76 -31.29 33.91
CA ILE D 179 -11.49 -30.06 34.18
C ILE D 179 -11.52 -29.17 32.93
N GLU D 180 -10.39 -28.52 32.62
CA GLU D 180 -10.40 -27.55 31.53
C GLU D 180 -10.53 -28.22 30.17
N GLY D 181 -9.95 -29.41 30.00
CA GLY D 181 -10.18 -30.16 28.77
C GLY D 181 -11.65 -30.41 28.49
N VAL D 182 -12.47 -30.48 29.55
CA VAL D 182 -13.89 -30.74 29.41
C VAL D 182 -14.69 -29.44 29.32
N LEU D 183 -14.35 -28.43 30.11
CA LEU D 183 -15.15 -27.22 30.17
C LEU D 183 -14.82 -26.21 29.07
N ALA D 184 -13.60 -26.26 28.53
CA ALA D 184 -13.20 -25.25 27.56
C ALA D 184 -14.07 -25.21 26.31
N PRO D 185 -14.50 -26.33 25.71
CA PRO D 185 -15.37 -26.22 24.52
C PRO D 185 -16.62 -25.37 24.75
N ALA D 186 -17.32 -25.56 25.87
CA ALA D 186 -18.49 -24.71 26.15
C ALA D 186 -18.11 -23.25 26.38
N ALA D 187 -16.85 -22.96 26.73
CA ALA D 187 -16.40 -21.59 26.77
C ALA D 187 -16.35 -20.98 25.38
N GLU D 188 -15.78 -21.70 24.41
CA GLU D 188 -15.76 -21.21 23.04
C GLU D 188 -17.17 -20.96 22.52
N LEU D 189 -18.10 -21.90 22.81
CA LEU D 189 -19.50 -21.71 22.43
C LEU D 189 -20.13 -20.52 23.14
N SER D 190 -19.73 -20.27 24.40
CA SER D 190 -20.23 -19.10 25.10
C SER D 190 -19.84 -17.82 24.37
N GLU D 191 -18.60 -17.77 23.86
CA GLU D 191 -18.14 -16.61 23.11
C GLU D 191 -18.99 -16.37 21.87
N ARG D 192 -19.26 -17.45 21.12
CA ARG D 192 -20.07 -17.32 19.91
C ARG D 192 -21.51 -16.92 20.23
N LYS D 193 -22.09 -17.51 21.27
CA LYS D 193 -23.49 -17.24 21.59
C LYS D 193 -23.73 -15.77 21.93
N TRP D 194 -22.76 -15.10 22.54
CA TRP D 194 -22.99 -13.77 23.09
C TRP D 194 -22.37 -12.65 22.27
N ASN D 195 -21.45 -12.95 21.35
CA ASN D 195 -20.62 -11.90 20.75
C ASN D 195 -21.46 -10.78 20.16
N LEU D 196 -22.63 -11.11 19.60
CA LEU D 196 -23.56 -10.09 19.10
C LEU D 196 -24.52 -9.61 20.18
N LEU D 197 -25.19 -10.54 20.87
CA LEU D 197 -26.19 -10.19 21.87
C LEU D 197 -25.60 -9.36 22.99
N ASP D 198 -24.38 -9.69 23.41
CA ASP D 198 -23.73 -9.05 24.55
C ASP D 198 -22.26 -8.84 24.21
N PRO D 199 -21.94 -7.75 23.48
CA PRO D 199 -20.55 -7.56 23.02
C PRO D 199 -19.54 -7.40 24.16
N ALA D 200 -19.94 -6.81 25.28
CA ALA D 200 -19.06 -6.75 26.45
C ALA D 200 -18.69 -8.15 26.91
N ALA D 201 -19.69 -9.02 27.07
CA ALA D 201 -19.43 -10.39 27.47
C ALA D 201 -18.66 -11.16 26.40
N GLY D 202 -18.92 -10.87 25.13
CA GLY D 202 -18.14 -11.49 24.07
C GLY D 202 -16.67 -11.14 24.15
N ALA D 203 -16.37 -9.90 24.54
CA ALA D 203 -14.99 -9.48 24.75
C ALA D 203 -14.37 -10.18 25.95
N ILE D 204 -15.12 -10.28 27.05
CA ILE D 204 -14.62 -10.99 28.23
C ILE D 204 -14.29 -12.43 27.88
N ALA D 205 -15.17 -13.10 27.11
CA ALA D 205 -14.90 -14.49 26.74
C ALA D 205 -13.69 -14.57 25.81
N ARG D 206 -13.54 -13.59 24.92
CA ARG D 206 -12.40 -13.58 24.02
C ARG D 206 -11.08 -13.55 24.80
N GLY D 207 -10.95 -12.61 25.74
CA GLY D 207 -9.75 -12.55 26.56
C GLY D 207 -9.51 -13.83 27.32
N ALA D 208 -10.56 -14.37 27.95
CA ALA D 208 -10.39 -15.60 28.72
C ALA D 208 -10.00 -16.78 27.81
N ALA D 209 -10.55 -16.82 26.59
CA ALA D 209 -10.19 -17.92 25.69
C ALA D 209 -8.72 -17.81 25.27
N ILE D 210 -8.24 -16.58 25.05
CA ILE D 210 -6.81 -16.40 24.72
C ILE D 210 -5.95 -16.94 25.87
N ASP D 211 -6.30 -16.60 27.11
CA ASP D 211 -5.65 -17.23 28.26
C ASP D 211 -5.80 -18.74 28.22
N GLU D 212 -7.01 -19.22 27.89
CA GLU D 212 -7.26 -20.66 28.01
C GLU D 212 -6.39 -21.44 27.03
N VAL D 213 -6.04 -20.84 25.89
CA VAL D 213 -5.14 -21.54 24.95
C VAL D 213 -3.80 -21.81 25.62
N ARG D 214 -3.29 -20.82 26.35
CA ARG D 214 -2.04 -21.01 27.09
C ARG D 214 -2.20 -22.07 28.16
N HIS D 215 -3.30 -22.01 28.92
CA HIS D 215 -3.51 -22.99 29.98
C HIS D 215 -3.54 -24.41 29.41
N LEU D 216 -4.27 -24.60 28.32
CA LEU D 216 -4.46 -25.96 27.80
C LEU D 216 -3.17 -26.51 27.19
N THR D 217 -2.49 -25.71 26.36
CA THR D 217 -1.28 -26.20 25.70
C THR D 217 -0.13 -26.37 26.69
N VAL D 218 0.04 -25.43 27.62
CA VAL D 218 1.10 -25.57 28.61
C VAL D 218 0.82 -26.79 29.49
N GLY D 219 -0.43 -26.93 29.93
CA GLY D 219 -0.79 -28.11 30.70
C GLY D 219 -0.55 -29.40 29.94
N SER D 220 -0.81 -29.38 28.63
CA SER D 220 -0.49 -30.52 27.79
C SER D 220 1.02 -30.78 27.76
N SER D 221 1.82 -29.71 27.60
CA SER D 221 3.27 -29.88 27.58
C SER D 221 3.77 -30.49 28.89
N VAL D 222 3.18 -30.08 30.01
CA VAL D 222 3.63 -30.60 31.29
C VAL D 222 3.37 -32.10 31.37
N VAL D 223 2.17 -32.52 30.96
CA VAL D 223 1.88 -33.95 30.90
C VAL D 223 2.79 -34.62 29.88
N ARG D 224 2.97 -34.00 28.71
CA ARG D 224 3.79 -34.61 27.67
C ARG D 224 5.20 -34.88 28.14
N ARG D 225 5.88 -33.86 28.68
CA ARG D 225 7.28 -34.03 29.10
C ARG D 225 7.40 -35.06 30.22
N HIS D 226 6.39 -35.14 31.09
CA HIS D 226 6.42 -36.13 32.17
C HIS D 226 6.40 -37.57 31.62
N LEU D 227 5.56 -37.83 30.63
CA LEU D 227 5.43 -39.18 30.08
C LEU D 227 6.54 -39.55 29.10
N LEU D 228 7.30 -38.55 28.62
CA LEU D 228 8.32 -38.75 27.59
C LEU D 228 9.22 -39.94 27.92
N ARG D 229 9.08 -41.02 27.13
CA ARG D 229 9.92 -42.21 27.25
C ARG D 229 9.79 -42.86 28.63
N ARG D 230 8.62 -42.72 29.25
CA ARG D 230 8.33 -43.28 30.56
C ARG D 230 6.97 -43.96 30.46
N PRO D 231 6.90 -45.12 29.80
CA PRO D 231 5.61 -45.80 29.68
C PRO D 231 5.09 -46.34 31.01
N GLU D 232 5.96 -46.51 32.01
CA GLU D 232 5.51 -46.95 33.33
C GLU D 232 4.73 -45.87 34.05
N ARG D 233 4.87 -44.60 33.63
CA ARG D 233 4.07 -43.52 34.20
C ARG D 233 2.69 -43.41 33.56
N LYS D 234 2.50 -44.01 32.37
CA LYS D 234 1.21 -43.93 31.70
C LYS D 234 0.11 -44.58 32.51
N ALA D 235 0.44 -45.63 33.27
CA ALA D 235 -0.58 -46.36 34.02
C ALA D 235 -1.25 -45.47 35.04
N ALA D 236 -0.46 -44.82 35.90
CA ALA D 236 -1.02 -43.96 36.94
C ALA D 236 -1.83 -42.80 36.37
N LEU D 237 -1.42 -42.25 35.23
CA LEU D 237 -2.17 -41.15 34.63
C LEU D 237 -3.48 -41.63 34.02
N LEU D 238 -3.49 -42.83 33.44
CA LEU D 238 -4.72 -43.40 32.90
C LEU D 238 -5.75 -43.67 34.00
N ASP D 239 -5.27 -44.09 35.18
CA ASP D 239 -6.19 -44.30 36.31
C ASP D 239 -6.78 -42.99 36.79
N ILE D 240 -5.97 -41.92 36.82
CA ILE D 240 -6.49 -40.58 37.06
C ILE D 240 -7.58 -40.24 36.06
N VAL D 241 -7.32 -40.50 34.77
CA VAL D 241 -8.30 -40.19 33.73
C VAL D 241 -9.57 -41.02 33.93
N ARG D 242 -9.39 -42.31 34.26
CA ARG D 242 -10.51 -43.20 34.52
C ARG D 242 -11.35 -42.71 35.68
N ARG D 243 -10.70 -42.28 36.78
CA ARG D 243 -11.45 -41.75 37.91
C ARG D 243 -12.18 -40.47 37.54
N GLY D 244 -11.60 -39.65 36.66
CA GLY D 244 -12.24 -38.40 36.31
C GLY D 244 -13.47 -38.59 35.44
N ARG D 245 -13.39 -39.51 34.47
CA ARG D 245 -14.57 -39.87 33.70
C ARG D 245 -15.69 -40.34 34.62
N GLU D 246 -15.36 -41.29 35.52
CA GLU D 246 -16.35 -41.80 36.45
C GLU D 246 -16.99 -40.70 37.30
N ILE D 247 -16.21 -39.67 37.67
CA ILE D 247 -16.77 -38.56 38.44
C ILE D 247 -17.72 -37.74 37.59
N TRP D 248 -17.35 -37.44 36.34
CA TRP D 248 -18.27 -36.76 35.44
C TRP D 248 -19.50 -37.62 35.14
N ASP D 249 -19.35 -38.94 35.14
CA ASP D 249 -20.49 -39.81 34.88
C ASP D 249 -21.55 -39.65 35.96
N GLY D 250 -21.13 -39.44 37.21
CA GLY D 250 -22.03 -39.22 38.32
C GLY D 250 -22.48 -37.79 38.54
N ILE D 251 -22.16 -36.88 37.61
CA ILE D 251 -22.41 -35.46 37.78
C ILE D 251 -23.59 -35.07 36.90
N PRO D 252 -24.64 -34.45 37.47
CA PRO D 252 -25.76 -33.99 36.62
C PRO D 252 -25.37 -32.78 35.79
N ASP D 253 -24.34 -32.94 34.95
CA ASP D 253 -23.87 -31.81 34.15
C ASP D 253 -24.89 -31.41 33.10
N ARG D 254 -25.56 -32.40 32.48
CA ARG D 254 -26.60 -32.12 31.49
C ARG D 254 -27.65 -31.17 32.05
N LYS D 255 -28.21 -31.51 33.22
CA LYS D 255 -29.33 -30.75 33.76
C LYS D 255 -29.01 -29.26 33.84
N HIS D 256 -27.81 -28.92 34.31
CA HIS D 256 -27.50 -27.53 34.61
C HIS D 256 -27.26 -26.71 33.34
N VAL D 257 -26.57 -27.28 32.35
CA VAL D 257 -26.28 -26.53 31.13
C VAL D 257 -27.55 -26.30 30.33
N LEU D 258 -28.46 -27.27 30.34
CA LEU D 258 -29.70 -27.11 29.59
C LEU D 258 -30.63 -26.09 30.24
N ARG D 259 -30.52 -25.91 31.56
CA ARG D 259 -31.31 -24.86 32.23
C ARG D 259 -31.00 -23.49 31.63
N ARG D 260 -29.71 -23.15 31.51
CA ARG D 260 -29.34 -21.84 30.99
C ARG D 260 -29.47 -21.79 29.47
N GLU D 261 -29.39 -22.93 28.78
CA GLU D 261 -29.67 -22.94 27.35
C GLU D 261 -31.14 -22.67 27.06
N GLU D 262 -32.05 -23.10 27.95
CA GLU D 262 -33.46 -22.81 27.75
C GLU D 262 -33.77 -21.35 28.03
N LEU D 263 -33.17 -20.78 29.07
CA LEU D 263 -33.30 -19.34 29.28
C LEU D 263 -32.69 -18.56 28.12
N PHE D 264 -31.60 -19.07 27.55
CA PHE D 264 -30.98 -18.40 26.40
C PHE D 264 -31.86 -18.53 25.17
N GLN D 265 -32.50 -19.69 24.98
CA GLN D 265 -33.36 -19.90 23.83
C GLN D 265 -34.49 -18.88 23.79
N ALA D 266 -35.21 -18.73 24.91
CA ALA D 266 -36.23 -17.70 25.02
C ALA D 266 -35.66 -16.29 24.97
N GLY D 267 -34.34 -16.14 25.01
CA GLY D 267 -33.72 -14.83 25.00
C GLY D 267 -33.35 -14.37 23.61
N MET D 268 -32.84 -15.30 22.78
CA MET D 268 -32.55 -14.95 21.39
C MET D 268 -33.82 -14.83 20.55
N ARG D 269 -34.98 -15.16 21.11
CA ARG D 269 -36.24 -14.96 20.40
C ARG D 269 -36.56 -13.47 20.26
N GLU D 270 -36.50 -12.73 21.37
CA GLU D 270 -36.82 -11.30 21.38
C GLU D 270 -35.75 -10.44 20.67
N HIS D 271 -34.77 -11.02 19.98
CA HIS D 271 -33.73 -10.27 19.30
C HIS D 271 -33.32 -10.94 18.00
N ALA D 272 -34.23 -11.70 17.38
CA ALA D 272 -33.91 -12.36 16.11
C ALA D 272 -33.70 -11.36 14.99
N ASP D 273 -34.22 -10.14 15.12
CA ASP D 273 -33.85 -9.07 14.19
C ASP D 273 -32.33 -8.86 14.20
N LEU D 274 -31.74 -8.84 15.39
CA LEU D 274 -30.30 -8.67 15.52
C LEU D 274 -29.56 -9.83 14.84
N LEU D 275 -29.94 -11.06 15.15
CA LEU D 275 -29.26 -12.24 14.65
C LEU D 275 -29.55 -12.47 13.16
N ALA D 276 -29.04 -11.57 12.32
CA ALA D 276 -29.25 -11.64 10.86
C ALA D 276 -28.47 -12.83 10.32
N GLY D 277 -29.03 -14.02 10.53
CA GLY D 277 -28.38 -15.24 10.11
C GLY D 277 -27.01 -15.48 10.73
N TYR D 278 -26.72 -14.81 11.85
CA TYR D 278 -25.41 -14.92 12.48
C TYR D 278 -25.09 -16.38 12.79
N GLU D 279 -23.94 -16.84 12.31
CA GLU D 279 -23.56 -18.24 12.41
C GLU D 279 -22.85 -18.50 13.73
N VAL D 280 -23.39 -19.44 14.51
CA VAL D 280 -22.73 -19.88 15.73
C VAL D 280 -21.50 -20.73 15.39
N TRP D 281 -21.55 -21.48 14.29
CA TRP D 281 -20.40 -22.22 13.79
C TRP D 281 -20.62 -22.49 12.31
N PRO D 282 -19.54 -22.84 11.54
CA PRO D 282 -19.66 -22.94 10.07
C PRO D 282 -20.87 -23.70 9.56
N GLY D 283 -21.73 -23.01 8.81
CA GLY D 283 -22.90 -23.61 8.24
C GLY D 283 -24.07 -23.78 9.19
N GLN D 284 -24.28 -22.80 10.08
CA GLN D 284 -25.33 -22.92 11.09
C GLN D 284 -25.65 -21.57 11.70
N PRO D 285 -26.64 -20.85 11.15
CA PRO D 285 -27.10 -19.62 11.82
C PRO D 285 -27.57 -19.92 13.24
N LEU D 286 -27.21 -19.02 14.16
CA LEU D 286 -27.44 -19.26 15.57
C LEU D 286 -28.92 -19.30 15.92
N LEU D 287 -29.75 -18.55 15.19
CA LEU D 287 -31.17 -18.50 15.50
C LEU D 287 -31.83 -19.87 15.39
N SER D 288 -31.30 -20.74 14.53
CA SER D 288 -31.90 -22.03 14.24
C SER D 288 -31.34 -23.18 15.08
N THR D 289 -30.82 -22.90 16.28
CA THR D 289 -30.24 -23.93 17.13
C THR D 289 -31.14 -24.19 18.33
N THR D 290 -31.14 -25.45 18.79
CA THR D 290 -31.85 -25.84 19.99
C THR D 290 -30.89 -25.99 21.16
N PRO D 291 -31.39 -25.86 22.39
CA PRO D 291 -30.56 -26.21 23.55
C PRO D 291 -29.93 -27.58 23.44
N GLU D 292 -30.61 -28.53 22.79
CA GLU D 292 -30.05 -29.86 22.64
C GLU D 292 -28.92 -29.90 21.61
N GLN D 293 -28.99 -29.05 20.58
CA GLN D 293 -28.02 -29.09 19.50
C GLN D 293 -26.70 -28.40 19.87
N ARG D 294 -26.78 -27.26 20.56
CA ARG D 294 -25.57 -26.59 21.02
C ARG D 294 -24.84 -27.41 22.07
N TYR D 295 -25.58 -28.10 22.93
CA TYR D 295 -24.96 -28.99 23.92
C TYR D 295 -24.17 -30.09 23.23
N ALA D 296 -24.77 -30.74 22.22
CA ALA D 296 -24.11 -31.86 21.55
C ALA D 296 -22.91 -31.41 20.72
N MET D 297 -22.97 -30.23 20.09
CA MET D 297 -21.80 -29.76 19.36
C MET D 297 -20.64 -29.49 20.30
N ALA D 298 -20.93 -29.03 21.53
CA ALA D 298 -19.87 -28.85 22.51
C ALA D 298 -19.27 -30.19 22.91
N GLU D 299 -20.08 -31.25 22.95
CA GLU D 299 -19.54 -32.59 23.26
C GLU D 299 -18.68 -33.11 22.12
N GLN D 300 -19.06 -32.86 20.87
CA GLN D 300 -18.18 -33.25 19.78
C GLN D 300 -16.91 -32.40 19.77
N TRP D 301 -17.04 -31.12 20.12
CA TRP D 301 -15.85 -30.28 20.29
C TRP D 301 -14.92 -30.87 21.35
N THR D 302 -15.49 -31.30 22.48
CA THR D 302 -14.68 -31.94 23.51
C THR D 302 -13.95 -33.16 22.97
N ASP D 303 -14.64 -34.00 22.18
CA ASP D 303 -14.01 -35.20 21.63
C ASP D 303 -12.89 -34.84 20.66
N ARG D 304 -13.11 -33.84 19.80
CA ARG D 304 -12.13 -33.52 18.79
C ARG D 304 -10.88 -32.88 19.40
N MET D 305 -11.05 -31.96 20.35
CA MET D 305 -9.89 -31.39 21.01
C MET D 305 -9.16 -32.44 21.85
N ALA D 306 -9.91 -33.25 22.60
CA ALA D 306 -9.30 -34.20 23.51
C ALA D 306 -8.40 -35.19 22.78
N ALA D 307 -8.88 -35.73 21.65
CA ALA D 307 -8.08 -36.70 20.90
C ALA D 307 -6.80 -36.06 20.37
N ALA D 308 -6.88 -34.80 19.91
CA ALA D 308 -5.68 -34.08 19.49
C ALA D 308 -4.74 -33.85 20.67
N ARG D 309 -5.25 -33.31 21.77
CA ARG D 309 -4.39 -33.01 22.91
C ARG D 309 -3.82 -34.29 23.53
N LEU D 310 -4.65 -35.32 23.65
CA LEU D 310 -4.20 -36.54 24.32
C LEU D 310 -3.12 -37.27 23.53
N VAL D 311 -3.15 -37.19 22.19
CA VAL D 311 -2.03 -37.77 21.45
C VAL D 311 -0.79 -36.90 21.57
N HIS D 312 -0.97 -35.58 21.66
CA HIS D 312 0.18 -34.72 21.90
C HIS D 312 0.82 -35.02 23.25
N MET D 313 0.02 -35.31 24.27
CA MET D 313 0.57 -35.65 25.59
C MET D 313 1.21 -37.03 25.60
N GLY D 314 1.03 -37.83 24.56
CA GLY D 314 1.46 -39.20 24.59
C GLY D 314 0.55 -40.10 25.39
N LEU D 315 -0.76 -39.83 25.37
CA LEU D 315 -1.73 -40.62 26.11
C LEU D 315 -2.93 -40.98 25.22
N PRO D 316 -2.70 -41.71 24.11
CA PRO D 316 -3.83 -42.03 23.23
C PRO D 316 -4.86 -42.94 23.86
N GLU D 317 -4.47 -43.79 24.81
CA GLU D 317 -5.41 -44.70 25.45
C GLU D 317 -6.53 -43.94 26.17
N ALA D 318 -6.24 -42.74 26.67
CA ALA D 318 -7.25 -41.95 27.37
C ALA D 318 -8.32 -41.42 26.43
N ILE D 319 -8.06 -41.42 25.12
CA ILE D 319 -9.03 -40.87 24.16
C ILE D 319 -10.34 -41.62 24.26
N ASP D 320 -10.26 -42.94 24.31
CA ASP D 320 -11.47 -43.74 24.41
C ASP D 320 -12.11 -43.63 25.78
N LEU D 321 -11.28 -43.58 26.84
CA LEU D 321 -11.82 -43.44 28.20
C LEU D 321 -12.67 -42.19 28.36
N LEU D 322 -12.41 -41.14 27.57
CA LEU D 322 -13.10 -39.87 27.76
C LEU D 322 -14.06 -39.52 26.63
N ARG D 323 -14.04 -40.26 25.53
CA ARG D 323 -14.91 -39.98 24.40
C ARG D 323 -16.37 -39.87 24.85
N LEU D 324 -17.09 -38.90 24.28
CA LEU D 324 -18.46 -38.58 24.66
C LEU D 324 -19.50 -38.95 23.61
N THR D 325 -19.12 -39.02 22.33
CA THR D 325 -20.10 -39.19 21.25
C THR D 325 -19.91 -40.49 20.46
#